data_3IG0
# 
_entry.id   3IG0 
# 
_audit_conform.dict_name       mmcif_pdbx.dic 
_audit_conform.dict_version    5.380 
_audit_conform.dict_location   http://mmcif.pdb.org/dictionaries/ascii/mmcif_pdbx.dic 
# 
loop_
_database_2.database_id 
_database_2.database_code 
_database_2.pdbx_database_accession 
_database_2.pdbx_DOI 
PDB   3IG0         pdb_00003ig0 10.2210/pdb3ig0/pdb 
RCSB  RCSB054363   ?            ?                   
WWPDB D_1000054363 ?            ?                   
# 
_pdbx_database_related.db_name        PDB 
_pdbx_database_related.db_id          2ZJT 
_pdbx_database_related.details        'crystal structure of GyrB TOPRIM domain at 2.8 A resolution' 
_pdbx_database_related.content_type   unspecified 
# 
_pdbx_database_status.status_code                     REL 
_pdbx_database_status.entry_id                        3IG0 
_pdbx_database_status.recvd_initial_deposition_date   2009-07-27 
_pdbx_database_status.deposit_site                    RCSB 
_pdbx_database_status.process_site                    PDBJ 
_pdbx_database_status.status_code_sf                  REL 
_pdbx_database_status.status_code_mr                  ? 
_pdbx_database_status.SG_entry                        ? 
_pdbx_database_status.pdb_format_compatible           Y 
_pdbx_database_status.status_code_cs                  ? 
_pdbx_database_status.methods_development_category    ? 
_pdbx_database_status.status_code_nmr_data            ? 
# 
loop_
_audit_author.name 
_audit_author.pdbx_ordinal 
'Piton, J.'   1 
'Aubry, A.'   2 
'Delarue, M.' 3 
'Mayer, C.'   4 
# 
_citation.id                        primary 
_citation.title                     
'Structural insights into the quinolone resistance mechanism of Mycobacterium tuberculosis DNA gyrase.' 
_citation.journal_abbrev            'Plos One' 
_citation.journal_volume            5 
_citation.page_first                e12245 
_citation.page_last                 e12245 
_citation.year                      2010 
_citation.journal_id_ASTM           ? 
_citation.country                   US 
_citation.journal_id_ISSN           1932-6203 
_citation.journal_id_CSD            ? 
_citation.book_publisher            ? 
_citation.pdbx_database_id_PubMed   20805881 
_citation.pdbx_database_id_DOI      10.1371/journal.pone.0012245 
# 
loop_
_citation_author.citation_id 
_citation_author.name 
_citation_author.ordinal 
_citation_author.identifier_ORCID 
primary 'Piton, J.'        1 ? 
primary 'Petrella, S.'     2 ? 
primary 'Delarue, M.'      3 ? 
primary 'Andre-Leroux, G.' 4 ? 
primary 'Jarlier, V.'      5 ? 
primary 'Aubry, A.'        6 ? 
primary 'Mayer, C.'        7 ? 
# 
_cell.entry_id           3IG0 
_cell.length_a           52.870 
_cell.length_b           52.870 
_cell.length_c           190.220 
_cell.angle_alpha        90.00 
_cell.angle_beta         90.00 
_cell.angle_gamma        90.00 
_cell.Z_PDB              8 
_cell.pdbx_unique_axis   ? 
_cell.length_a_esd       ? 
_cell.length_b_esd       ? 
_cell.length_c_esd       ? 
_cell.angle_alpha_esd    ? 
_cell.angle_beta_esd     ? 
_cell.angle_gamma_esd    ? 
# 
_symmetry.entry_id                         3IG0 
_symmetry.space_group_name_H-M             'P 43 21 2' 
_symmetry.pdbx_full_space_group_name_H-M   ? 
_symmetry.cell_setting                     ? 
_symmetry.Int_Tables_number                96 
_symmetry.space_group_name_Hall            ? 
# 
loop_
_entity.id 
_entity.type 
_entity.src_method 
_entity.pdbx_description 
_entity.formula_weight 
_entity.pdbx_number_of_molecules 
_entity.pdbx_ec 
_entity.pdbx_mutation 
_entity.pdbx_fragment 
_entity.details 
1 polymer man 'DNA gyrase subunit B' 27419.260 1   5.99.1.3 ? 'TOPRIM domain (C-terminal domain)' ? 
2 water   nat water                  18.015    107 ?        ? ?                                   ? 
# 
_entity_poly.entity_id                      1 
_entity_poly.type                           'polypeptide(L)' 
_entity_poly.nstd_linkage                   no 
_entity_poly.nstd_monomer                   no 
_entity_poly.pdbx_seq_one_letter_code       
;MAHHHHHHVDDDDKTDPRKSELYVVEGDSAGGSAKSGRDSMFQAILPLRGKIINVEKARIDRVLKNTEVQAIITALGTGI
HDEFDIGKLRYHKIVLMADADVDGQHISTLLLTLLFRFMRPLIENGHVFLAQPPLYKLKWQRSDPEFAYSDRERDGLLEA
GLKAGKKINKEDGIQRYKGLGEMDAKELWETTMDPSVRVLRQVTLDDAAAADELFSILMGEDVDARRSFITRNAKDVRFL
DV
;
_entity_poly.pdbx_seq_one_letter_code_can   
;MAHHHHHHVDDDDKTDPRKSELYVVEGDSAGGSAKSGRDSMFQAILPLRGKIINVEKARIDRVLKNTEVQAIITALGTGI
HDEFDIGKLRYHKIVLMADADVDGQHISTLLLTLLFRFMRPLIENGHVFLAQPPLYKLKWQRSDPEFAYSDRERDGLLEA
GLKAGKKINKEDGIQRYKGLGEMDAKELWETTMDPSVRVLRQVTLDDAAAADELFSILMGEDVDARRSFITRNAKDVRFL
DV
;
_entity_poly.pdbx_strand_id                 A 
_entity_poly.pdbx_target_identifier         ? 
# 
loop_
_entity_poly_seq.entity_id 
_entity_poly_seq.num 
_entity_poly_seq.mon_id 
_entity_poly_seq.hetero 
1 1   MET n 
1 2   ALA n 
1 3   HIS n 
1 4   HIS n 
1 5   HIS n 
1 6   HIS n 
1 7   HIS n 
1 8   HIS n 
1 9   VAL n 
1 10  ASP n 
1 11  ASP n 
1 12  ASP n 
1 13  ASP n 
1 14  LYS n 
1 15  THR n 
1 16  ASP n 
1 17  PRO n 
1 18  ARG n 
1 19  LYS n 
1 20  SER n 
1 21  GLU n 
1 22  LEU n 
1 23  TYR n 
1 24  VAL n 
1 25  VAL n 
1 26  GLU n 
1 27  GLY n 
1 28  ASP n 
1 29  SER n 
1 30  ALA n 
1 31  GLY n 
1 32  GLY n 
1 33  SER n 
1 34  ALA n 
1 35  LYS n 
1 36  SER n 
1 37  GLY n 
1 38  ARG n 
1 39  ASP n 
1 40  SER n 
1 41  MET n 
1 42  PHE n 
1 43  GLN n 
1 44  ALA n 
1 45  ILE n 
1 46  LEU n 
1 47  PRO n 
1 48  LEU n 
1 49  ARG n 
1 50  GLY n 
1 51  LYS n 
1 52  ILE n 
1 53  ILE n 
1 54  ASN n 
1 55  VAL n 
1 56  GLU n 
1 57  LYS n 
1 58  ALA n 
1 59  ARG n 
1 60  ILE n 
1 61  ASP n 
1 62  ARG n 
1 63  VAL n 
1 64  LEU n 
1 65  LYS n 
1 66  ASN n 
1 67  THR n 
1 68  GLU n 
1 69  VAL n 
1 70  GLN n 
1 71  ALA n 
1 72  ILE n 
1 73  ILE n 
1 74  THR n 
1 75  ALA n 
1 76  LEU n 
1 77  GLY n 
1 78  THR n 
1 79  GLY n 
1 80  ILE n 
1 81  HIS n 
1 82  ASP n 
1 83  GLU n 
1 84  PHE n 
1 85  ASP n 
1 86  ILE n 
1 87  GLY n 
1 88  LYS n 
1 89  LEU n 
1 90  ARG n 
1 91  TYR n 
1 92  HIS n 
1 93  LYS n 
1 94  ILE n 
1 95  VAL n 
1 96  LEU n 
1 97  MET n 
1 98  ALA n 
1 99  ASP n 
1 100 ALA n 
1 101 ASP n 
1 102 VAL n 
1 103 ASP n 
1 104 GLY n 
1 105 GLN n 
1 106 HIS n 
1 107 ILE n 
1 108 SER n 
1 109 THR n 
1 110 LEU n 
1 111 LEU n 
1 112 LEU n 
1 113 THR n 
1 114 LEU n 
1 115 LEU n 
1 116 PHE n 
1 117 ARG n 
1 118 PHE n 
1 119 MET n 
1 120 ARG n 
1 121 PRO n 
1 122 LEU n 
1 123 ILE n 
1 124 GLU n 
1 125 ASN n 
1 126 GLY n 
1 127 HIS n 
1 128 VAL n 
1 129 PHE n 
1 130 LEU n 
1 131 ALA n 
1 132 GLN n 
1 133 PRO n 
1 134 PRO n 
1 135 LEU n 
1 136 TYR n 
1 137 LYS n 
1 138 LEU n 
1 139 LYS n 
1 140 TRP n 
1 141 GLN n 
1 142 ARG n 
1 143 SER n 
1 144 ASP n 
1 145 PRO n 
1 146 GLU n 
1 147 PHE n 
1 148 ALA n 
1 149 TYR n 
1 150 SER n 
1 151 ASP n 
1 152 ARG n 
1 153 GLU n 
1 154 ARG n 
1 155 ASP n 
1 156 GLY n 
1 157 LEU n 
1 158 LEU n 
1 159 GLU n 
1 160 ALA n 
1 161 GLY n 
1 162 LEU n 
1 163 LYS n 
1 164 ALA n 
1 165 GLY n 
1 166 LYS n 
1 167 LYS n 
1 168 ILE n 
1 169 ASN n 
1 170 LYS n 
1 171 GLU n 
1 172 ASP n 
1 173 GLY n 
1 174 ILE n 
1 175 GLN n 
1 176 ARG n 
1 177 TYR n 
1 178 LYS n 
1 179 GLY n 
1 180 LEU n 
1 181 GLY n 
1 182 GLU n 
1 183 MET n 
1 184 ASP n 
1 185 ALA n 
1 186 LYS n 
1 187 GLU n 
1 188 LEU n 
1 189 TRP n 
1 190 GLU n 
1 191 THR n 
1 192 THR n 
1 193 MET n 
1 194 ASP n 
1 195 PRO n 
1 196 SER n 
1 197 VAL n 
1 198 ARG n 
1 199 VAL n 
1 200 LEU n 
1 201 ARG n 
1 202 GLN n 
1 203 VAL n 
1 204 THR n 
1 205 LEU n 
1 206 ASP n 
1 207 ASP n 
1 208 ALA n 
1 209 ALA n 
1 210 ALA n 
1 211 ALA n 
1 212 ASP n 
1 213 GLU n 
1 214 LEU n 
1 215 PHE n 
1 216 SER n 
1 217 ILE n 
1 218 LEU n 
1 219 MET n 
1 220 GLY n 
1 221 GLU n 
1 222 ASP n 
1 223 VAL n 
1 224 ASP n 
1 225 ALA n 
1 226 ARG n 
1 227 ARG n 
1 228 SER n 
1 229 PHE n 
1 230 ILE n 
1 231 THR n 
1 232 ARG n 
1 233 ASN n 
1 234 ALA n 
1 235 LYS n 
1 236 ASP n 
1 237 VAL n 
1 238 ARG n 
1 239 PHE n 
1 240 LEU n 
1 241 ASP n 
1 242 VAL n 
# 
_entity_src_gen.entity_id                          1 
_entity_src_gen.pdbx_src_id                        1 
_entity_src_gen.pdbx_alt_source_flag               sample 
_entity_src_gen.pdbx_seq_type                      ? 
_entity_src_gen.pdbx_beg_seq_num                   ? 
_entity_src_gen.pdbx_end_seq_num                   ? 
_entity_src_gen.gene_src_common_name               ? 
_entity_src_gen.gene_src_genus                     ? 
_entity_src_gen.pdbx_gene_src_gene                 'gyrB, MT0005, MTCY10H4.03, Rv0005' 
_entity_src_gen.gene_src_species                   ? 
_entity_src_gen.gene_src_strain                    HR37RV 
_entity_src_gen.gene_src_tissue                    ? 
_entity_src_gen.gene_src_tissue_fraction           ? 
_entity_src_gen.gene_src_details                   ? 
_entity_src_gen.pdbx_gene_src_fragment             ? 
_entity_src_gen.pdbx_gene_src_scientific_name      'Mycobacterium tuberculosis' 
_entity_src_gen.pdbx_gene_src_ncbi_taxonomy_id     83332 
_entity_src_gen.pdbx_gene_src_variant              ? 
_entity_src_gen.pdbx_gene_src_cell_line            ? 
_entity_src_gen.pdbx_gene_src_atcc                 ? 
_entity_src_gen.pdbx_gene_src_organ                ? 
_entity_src_gen.pdbx_gene_src_organelle            ? 
_entity_src_gen.pdbx_gene_src_cell                 ? 
_entity_src_gen.pdbx_gene_src_cellular_location    ? 
_entity_src_gen.host_org_common_name               ? 
_entity_src_gen.pdbx_host_org_scientific_name      'Escherichia coli' 
_entity_src_gen.pdbx_host_org_ncbi_taxonomy_id     562 
_entity_src_gen.host_org_genus                     ? 
_entity_src_gen.pdbx_host_org_gene                 ? 
_entity_src_gen.pdbx_host_org_organ                ? 
_entity_src_gen.host_org_species                   ? 
_entity_src_gen.pdbx_host_org_tissue               ? 
_entity_src_gen.pdbx_host_org_tissue_fraction      ? 
_entity_src_gen.pdbx_host_org_strain               'BL21 Rosetta 2' 
_entity_src_gen.pdbx_host_org_variant              ? 
_entity_src_gen.pdbx_host_org_cell_line            ? 
_entity_src_gen.pdbx_host_org_atcc                 ? 
_entity_src_gen.pdbx_host_org_culture_collection   ? 
_entity_src_gen.pdbx_host_org_cell                 ? 
_entity_src_gen.pdbx_host_org_organelle            ? 
_entity_src_gen.pdbx_host_org_cellular_location    ? 
_entity_src_gen.pdbx_host_org_vector_type          plasmid 
_entity_src_gen.pdbx_host_org_vector               ? 
_entity_src_gen.host_org_details                   ? 
_entity_src_gen.expression_system_id               ? 
_entity_src_gen.plasmid_name                       'pRSF-2 Ek/LIC' 
_entity_src_gen.plasmid_details                    ? 
_entity_src_gen.pdbx_description                   ? 
# 
_struct_ref.id                         1 
_struct_ref.db_name                    UNP 
_struct_ref.db_code                    GYRB_MYCTU 
_struct_ref.pdbx_db_accession          P0C5C5 
_struct_ref.entity_id                  1 
_struct_ref.pdbx_seq_one_letter_code   
;TDPRKSELYVVEGDSAGGSAKSGRDSMFQAILPLRGKIINVEKARIDRVLKNTEVQAIITALGTGIHDEFDIGKLRYHKI
VLMADADVDGQHISTLLLTLLFRFMRPLIENGHVFLAQPPLYKLKWQRSDPEFAYSDRERDGLLEAGLKAGKKINKEDGI
QRYKGLGEMDAKELWETTMDPSVRVLRQVTLDDAAAADELFSILMGEDVDARRSFITRNAKDVRFLDV
;
_struct_ref.pdbx_align_begin           448 
_struct_ref.pdbx_db_isoform            ? 
# 
_struct_ref_seq.align_id                      1 
_struct_ref_seq.ref_id                        1 
_struct_ref_seq.pdbx_PDB_id_code              3IG0 
_struct_ref_seq.pdbx_strand_id                A 
_struct_ref_seq.seq_align_beg                 15 
_struct_ref_seq.pdbx_seq_align_beg_ins_code   ? 
_struct_ref_seq.seq_align_end                 242 
_struct_ref_seq.pdbx_seq_align_end_ins_code   ? 
_struct_ref_seq.pdbx_db_accession             P0C5C5 
_struct_ref_seq.db_align_beg                  448 
_struct_ref_seq.pdbx_db_align_beg_ins_code    ? 
_struct_ref_seq.db_align_end                  675 
_struct_ref_seq.pdbx_db_align_end_ins_code    ? 
_struct_ref_seq.pdbx_auth_seq_align_beg       448 
_struct_ref_seq.pdbx_auth_seq_align_end       675 
# 
loop_
_struct_ref_seq_dif.align_id 
_struct_ref_seq_dif.pdbx_pdb_id_code 
_struct_ref_seq_dif.mon_id 
_struct_ref_seq_dif.pdbx_pdb_strand_id 
_struct_ref_seq_dif.seq_num 
_struct_ref_seq_dif.pdbx_pdb_ins_code 
_struct_ref_seq_dif.pdbx_seq_db_name 
_struct_ref_seq_dif.pdbx_seq_db_accession_code 
_struct_ref_seq_dif.db_mon_id 
_struct_ref_seq_dif.pdbx_seq_db_seq_num 
_struct_ref_seq_dif.details 
_struct_ref_seq_dif.pdbx_auth_seq_num 
_struct_ref_seq_dif.pdbx_ordinal 
1 3IG0 MET A 1  ? UNP P0C5C5 ? ? 'expression tag' 434 1  
1 3IG0 ALA A 2  ? UNP P0C5C5 ? ? 'expression tag' 435 2  
1 3IG0 HIS A 3  ? UNP P0C5C5 ? ? 'expression tag' 436 3  
1 3IG0 HIS A 4  ? UNP P0C5C5 ? ? 'expression tag' 437 4  
1 3IG0 HIS A 5  ? UNP P0C5C5 ? ? 'expression tag' 438 5  
1 3IG0 HIS A 6  ? UNP P0C5C5 ? ? 'expression tag' 439 6  
1 3IG0 HIS A 7  ? UNP P0C5C5 ? ? 'expression tag' 440 7  
1 3IG0 HIS A 8  ? UNP P0C5C5 ? ? 'expression tag' 441 8  
1 3IG0 VAL A 9  ? UNP P0C5C5 ? ? 'expression tag' 442 9  
1 3IG0 ASP A 10 ? UNP P0C5C5 ? ? 'expression tag' 443 10 
1 3IG0 ASP A 11 ? UNP P0C5C5 ? ? 'expression tag' 444 11 
1 3IG0 ASP A 12 ? UNP P0C5C5 ? ? 'expression tag' 445 12 
1 3IG0 ASP A 13 ? UNP P0C5C5 ? ? 'expression tag' 446 13 
1 3IG0 LYS A 14 ? UNP P0C5C5 ? ? 'expression tag' 447 14 
# 
loop_
_chem_comp.id 
_chem_comp.type 
_chem_comp.mon_nstd_flag 
_chem_comp.name 
_chem_comp.pdbx_synonyms 
_chem_comp.formula 
_chem_comp.formula_weight 
ALA 'L-peptide linking' y ALANINE         ? 'C3 H7 N O2'     89.093  
ARG 'L-peptide linking' y ARGININE        ? 'C6 H15 N4 O2 1' 175.209 
ASN 'L-peptide linking' y ASPARAGINE      ? 'C4 H8 N2 O3'    132.118 
ASP 'L-peptide linking' y 'ASPARTIC ACID' ? 'C4 H7 N O4'     133.103 
GLN 'L-peptide linking' y GLUTAMINE       ? 'C5 H10 N2 O3'   146.144 
GLU 'L-peptide linking' y 'GLUTAMIC ACID' ? 'C5 H9 N O4'     147.129 
GLY 'peptide linking'   y GLYCINE         ? 'C2 H5 N O2'     75.067  
HIS 'L-peptide linking' y HISTIDINE       ? 'C6 H10 N3 O2 1' 156.162 
HOH non-polymer         . WATER           ? 'H2 O'           18.015  
ILE 'L-peptide linking' y ISOLEUCINE      ? 'C6 H13 N O2'    131.173 
LEU 'L-peptide linking' y LEUCINE         ? 'C6 H13 N O2'    131.173 
LYS 'L-peptide linking' y LYSINE          ? 'C6 H15 N2 O2 1' 147.195 
MET 'L-peptide linking' y METHIONINE      ? 'C5 H11 N O2 S'  149.211 
PHE 'L-peptide linking' y PHENYLALANINE   ? 'C9 H11 N O2'    165.189 
PRO 'L-peptide linking' y PROLINE         ? 'C5 H9 N O2'     115.130 
SER 'L-peptide linking' y SERINE          ? 'C3 H7 N O3'     105.093 
THR 'L-peptide linking' y THREONINE       ? 'C4 H9 N O3'     119.119 
TRP 'L-peptide linking' y TRYPTOPHAN      ? 'C11 H12 N2 O2'  204.225 
TYR 'L-peptide linking' y TYROSINE        ? 'C9 H11 N O3'    181.189 
VAL 'L-peptide linking' y VALINE          ? 'C5 H11 N O2'    117.146 
# 
_exptl.entry_id          3IG0 
_exptl.method            'X-RAY DIFFRACTION' 
_exptl.crystals_number   1 
# 
_exptl_crystal.id                    1 
_exptl_crystal.density_meas          ? 
_exptl_crystal.density_Matthews      2.42 
_exptl_crystal.density_percent_sol   49.26 
_exptl_crystal.description           ? 
_exptl_crystal.F_000                 ? 
_exptl_crystal.preparation           ? 
# 
_exptl_crystal_grow.crystal_id      1 
_exptl_crystal_grow.method          'VAPOR DIFFUSION, HANGING DROP' 
_exptl_crystal_grow.temp            293 
_exptl_crystal_grow.temp_details    ? 
_exptl_crystal_grow.pH              8.0 
_exptl_crystal_grow.pdbx_details    
'ammonium sulfate, Tris, PEG 4000, Mgcl2, pH 8.0, VAPOR DIFFUSION, HANGING DROP, temperature 293K' 
_exptl_crystal_grow.pdbx_pH_range   . 
# 
_diffrn.id                     1 
_diffrn.ambient_temp           100 
_diffrn.ambient_temp_details   ? 
_diffrn.crystal_id             1 
# 
_diffrn_detector.diffrn_id              1 
_diffrn_detector.detector               CCD 
_diffrn_detector.type                   'ADSC QUANTUM 315r' 
_diffrn_detector.pdbx_collection_date   2009-07-09 
_diffrn_detector.details                'toroidal mirror + Si(111) monochromator' 
# 
_diffrn_radiation.diffrn_id                        1 
_diffrn_radiation.wavelength_id                    1 
_diffrn_radiation.pdbx_monochromatic_or_laue_m_l   M 
_diffrn_radiation.monochromator                    'Si(111) channel-cut' 
_diffrn_radiation.pdbx_diffrn_protocol             'SINGLE WAVELENGTH' 
_diffrn_radiation.pdbx_scattering_type             x-ray 
# 
_diffrn_radiation_wavelength.id           1 
_diffrn_radiation_wavelength.wavelength   0.9762 
_diffrn_radiation_wavelength.wt           1.0 
# 
_diffrn_source.diffrn_id                   1 
_diffrn_source.source                      SYNCHROTRON 
_diffrn_source.type                        'ESRF BEAMLINE ID23-1' 
_diffrn_source.pdbx_synchrotron_site       ESRF 
_diffrn_source.pdbx_synchrotron_beamline   ID23-1 
_diffrn_source.pdbx_wavelength             ? 
_diffrn_source.pdbx_wavelength_list        0.9762 
# 
_reflns.entry_id                     3IG0 
_reflns.observed_criterion_sigma_I   -3.0 
_reflns.observed_criterion_sigma_F   0 
_reflns.d_resolution_low             13.96 
_reflns.d_resolution_high            2.10 
_reflns.number_obs                   16487 
_reflns.number_all                   16640 
_reflns.percent_possible_obs         99.1 
_reflns.pdbx_Rmerge_I_obs            0.147 
_reflns.pdbx_Rsym_value              0.141 
_reflns.pdbx_netI_over_sigmaI        13.1 
_reflns.B_iso_Wilson_estimate        33.746 
_reflns.pdbx_redundancy              8.6 
_reflns.R_free_details               ? 
_reflns.limit_h_max                  ? 
_reflns.limit_h_min                  ? 
_reflns.limit_k_max                  ? 
_reflns.limit_k_min                  ? 
_reflns.limit_l_max                  ? 
_reflns.limit_l_min                  ? 
_reflns.observed_criterion_F_max     ? 
_reflns.observed_criterion_F_min     ? 
_reflns.pdbx_chi_squared             ? 
_reflns.pdbx_scaling_rejects         ? 
_reflns.pdbx_diffrn_id               1 
_reflns.pdbx_ordinal                 1 
# 
_reflns_shell.d_res_high             2.1 
_reflns_shell.d_res_low              2.3 
_reflns_shell.percent_possible_all   86.5 
_reflns_shell.Rmerge_I_obs           0.556 
_reflns_shell.pdbx_Rsym_value        0.556 
_reflns_shell.meanI_over_sigI_obs    3.3 
_reflns_shell.pdbx_redundancy        4.0 
_reflns_shell.percent_possible_obs   ? 
_reflns_shell.number_unique_all      3347 
_reflns_shell.number_measured_all    ? 
_reflns_shell.number_measured_obs    ? 
_reflns_shell.number_unique_obs      ? 
_reflns_shell.pdbx_chi_squared       ? 
_reflns_shell.pdbx_diffrn_id         ? 
_reflns_shell.pdbx_ordinal           1 
# 
_refine.entry_id                                 3IG0 
_refine.ls_number_reflns_obs                     16487 
_refine.ls_number_reflns_all                     16487 
_refine.pdbx_ls_sigma_I                          ? 
_refine.pdbx_ls_sigma_F                          0.0 
_refine.pdbx_data_cutoff_high_absF               ? 
_refine.pdbx_data_cutoff_low_absF                ? 
_refine.pdbx_data_cutoff_high_rms_absF           ? 
_refine.ls_d_res_low                             13.96 
_refine.ls_d_res_high                            2.10 
_refine.ls_percent_reflns_obs                    99.58 
_refine.ls_R_factor_obs                          0.2159 
_refine.ls_R_factor_all                          0.2159 
_refine.ls_R_factor_R_work                       0.2142 
_refine.ls_R_factor_R_free                       0.2486 
_refine.ls_R_factor_R_free_error                 ? 
_refine.ls_R_factor_R_free_error_details         ? 
_refine.ls_percent_reflns_R_free                 4.85 
_refine.ls_number_reflns_R_free                  799 
_refine.ls_number_parameters                     ? 
_refine.ls_number_restraints                     ? 
_refine.occupancy_min                            ? 
_refine.occupancy_max                            ? 
_refine.correlation_coeff_Fo_to_Fc               ? 
_refine.correlation_coeff_Fo_to_Fc_free          ? 
_refine.B_iso_mean                               40.02 
_refine.aniso_B[1][1]                            0.76948031 
_refine.aniso_B[2][2]                            0.76948031 
_refine.aniso_B[3][3]                            -1.53896062 
_refine.aniso_B[1][2]                            0.00000000 
_refine.aniso_B[1][3]                            0.00000000 
_refine.aniso_B[2][3]                            0.00000000 
_refine.solvent_model_details                    ? 
_refine.solvent_model_param_ksol                 ? 
_refine.solvent_model_param_bsol                 ? 
_refine.pdbx_solvent_vdw_probe_radii             ? 
_refine.pdbx_solvent_ion_probe_radii             ? 
_refine.pdbx_solvent_shrinkage_radii             ? 
_refine.pdbx_ls_cross_valid_method               THROUGHOUT 
_refine.details                                  ? 
_refine.pdbx_starting_model                      2ZJT 
_refine.pdbx_method_to_determine_struct          'MOLECULAR REPLACEMENT' 
_refine.pdbx_isotropic_thermal_model             isotropic 
_refine.pdbx_stereochemistry_target_values       'Engh & Huber' 
_refine.pdbx_stereochem_target_val_spec_case     ? 
_refine.pdbx_R_Free_selection_details            RANDOM 
_refine.pdbx_overall_ESU_R_Free                  ? 
_refine.overall_SU_ML                            ? 
_refine.overall_SU_B                             ? 
_refine.ls_redundancy_reflns_obs                 ? 
_refine.B_iso_min                                ? 
_refine.B_iso_max                                ? 
_refine.overall_SU_R_Cruickshank_DPI             ? 
_refine.overall_SU_R_free                        ? 
_refine.ls_wR_factor_R_free                      ? 
_refine.ls_wR_factor_R_work                      ? 
_refine.overall_FOM_free_R_set                   ? 
_refine.overall_FOM_work_R_set                   ? 
_refine.pdbx_refine_id                           'X-RAY DIFFRACTION' 
_refine.pdbx_overall_phase_error                 ? 
_refine.pdbx_overall_ESU_R                       ? 
_refine.pdbx_diffrn_id                           1 
_refine.pdbx_TLS_residual_ADP_flag               ? 
_refine.pdbx_overall_SU_R_free_Cruickshank_DPI   ? 
_refine.pdbx_overall_SU_R_Blow_DPI               ? 
_refine.pdbx_overall_SU_R_free_Blow_DPI          ? 
# 
_refine_analyze.entry_id                        3IG0 
_refine_analyze.Luzzati_coordinate_error_obs    0.2861 
_refine_analyze.Luzzati_sigma_a_obs             ? 
_refine_analyze.Luzzati_d_res_low_obs           ? 
_refine_analyze.Luzzati_coordinate_error_free   ? 
_refine_analyze.Luzzati_sigma_a_free            ? 
_refine_analyze.Luzzati_d_res_low_free          ? 
_refine_analyze.number_disordered_residues      ? 
_refine_analyze.occupancy_sum_hydrogen          ? 
_refine_analyze.occupancy_sum_non_hydrogen      ? 
_refine_analyze.pdbx_Luzzati_d_res_high_obs     ? 
_refine_analyze.pdbx_refine_id                  'X-RAY DIFFRACTION' 
# 
_refine_hist.pdbx_refine_id                   'X-RAY DIFFRACTION' 
_refine_hist.cycle_id                         LAST 
_refine_hist.pdbx_number_atoms_protein        1474 
_refine_hist.pdbx_number_atoms_nucleic_acid   0 
_refine_hist.pdbx_number_atoms_ligand         0 
_refine_hist.number_atoms_solvent             107 
_refine_hist.number_atoms_total               1581 
_refine_hist.d_res_high                       2.10 
_refine_hist.d_res_low                        13.96 
# 
loop_
_refine_ls_restr.type 
_refine_ls_restr.dev_ideal 
_refine_ls_restr.dev_ideal_target 
_refine_ls_restr.weight 
_refine_ls_restr.number 
_refine_ls_restr.pdbx_refine_id 
_refine_ls_restr.pdbx_restraint_function 
t_bond_d           0.004  ? 2.00  1515 'X-RAY DIFFRACTION' ? 
t_angle_deg        0.835  ? 2.00  2032 'X-RAY DIFFRACTION' ? 
t_dihedral_angle_d 23.475 ? 0.00  326  'X-RAY DIFFRACTION' ? 
t_incorr_chiral_ct ?      ? ?     ?    'X-RAY DIFFRACTION' ? 
t_pseud_angle      ?      ? ?     ?    'X-RAY DIFFRACTION' ? 
t_trig_c_planes    0.005  ? 2.00  41   'X-RAY DIFFRACTION' ? 
t_gen_planes       0.011  ? 5.00  214  'X-RAY DIFFRACTION' ? 
t_it               1.158  ? 20.00 1515 'X-RAY DIFFRACTION' ? 
t_nbd              0.037  ? 5.00  39   'X-RAY DIFFRACTION' ? 
# 
_refine_ls_shell.pdbx_total_number_of_bins_used   8 
_refine_ls_shell.d_res_high                       2.10 
_refine_ls_shell.d_res_low                        2.25 
_refine_ls_shell.number_reflns_R_work             2755 
_refine_ls_shell.R_factor_R_work                  0.2354 
_refine_ls_shell.percent_reflns_obs               99.58 
_refine_ls_shell.R_factor_R_free                  0.3181 
_refine_ls_shell.R_factor_R_free_error            ? 
_refine_ls_shell.percent_reflns_R_free            5.49 
_refine_ls_shell.number_reflns_R_free             160 
_refine_ls_shell.number_reflns_all                2915 
_refine_ls_shell.R_factor_all                     0.2398 
_refine_ls_shell.number_reflns_obs                3212 
_refine_ls_shell.redundancy_reflns_obs            ? 
_refine_ls_shell.pdbx_refine_id                   'X-RAY DIFFRACTION' 
# 
_struct.entry_id                  3IG0 
_struct.title                     
;crystal structure of the second part of the Mycobacterium tuberculosis DNA gyrase reaction core: the TOPRIM domain at 2.1 A resolution
;
_struct.pdbx_model_details        ? 
_struct.pdbx_CASP_flag            N 
_struct.pdbx_model_type_details   ? 
# 
_struct_keywords.entry_id        3IG0 
_struct_keywords.pdbx_keywords   ISOMERASE 
_struct_keywords.text            
;DNA gyrase, GyrB, TOPRIM, Type II topoisomerase, tuberculosis, quinolone binding site, DNA binding site, ATP-binding, Isomerase, Nucleotide-binding, Topoisomerase
;
# 
loop_
_struct_asym.id 
_struct_asym.pdbx_blank_PDB_chainid_flag 
_struct_asym.pdbx_modified 
_struct_asym.entity_id 
_struct_asym.details 
A N N 1 ? 
B N N 2 ? 
# 
_struct_biol.id        1 
_struct_biol.details   ? 
# 
loop_
_struct_conf.conf_type_id 
_struct_conf.id 
_struct_conf.pdbx_PDB_helix_id 
_struct_conf.beg_label_comp_id 
_struct_conf.beg_label_asym_id 
_struct_conf.beg_label_seq_id 
_struct_conf.pdbx_beg_PDB_ins_code 
_struct_conf.end_label_comp_id 
_struct_conf.end_label_asym_id 
_struct_conf.end_label_seq_id 
_struct_conf.pdbx_end_PDB_ins_code 
_struct_conf.beg_auth_comp_id 
_struct_conf.beg_auth_asym_id 
_struct_conf.beg_auth_seq_id 
_struct_conf.end_auth_comp_id 
_struct_conf.end_auth_asym_id 
_struct_conf.end_auth_seq_id 
_struct_conf.pdbx_PDB_helix_class 
_struct_conf.details 
_struct_conf.pdbx_PDB_helix_length 
HELX_P HELX_P1  1  ASP A 16  ? ARG A 18  ? ASP A 449 ARG A 451 5 ? 3  
HELX_P HELX_P2  2  ARG A 62  ? LYS A 65  ? ARG A 495 LYS A 498 5 ? 4  
HELX_P HELX_P3  3  ASN A 66  ? GLY A 77  ? ASN A 499 GLY A 510 1 ? 12 
HELX_P HELX_P4  4  ILE A 80  ? PHE A 84  ? ILE A 513 PHE A 517 5 ? 5  
HELX_P HELX_P5  5  ASP A 85  ? LEU A 89  ? ASP A 518 LEU A 522 5 ? 5  
HELX_P HELX_P6  6  ASP A 101 ? MET A 119 ? ASP A 534 MET A 552 1 ? 19 
HELX_P HELX_P7  7  MET A 119 ? ASN A 125 ? MET A 552 ASN A 558 1 ? 7  
HELX_P HELX_P8  8  SER A 150 ? GLY A 165 ? SER A 583 GLY A 598 1 ? 16 
HELX_P HELX_P9  9  GLY A 179 ? MET A 183 ? GLY A 612 MET A 616 5 ? 5  
HELX_P HELX_P10 10 ASP A 184 ? MET A 193 ? ASP A 617 MET A 626 1 ? 10 
HELX_P HELX_P11 11 THR A 204 ? GLY A 220 ? THR A 637 GLY A 653 1 ? 17 
# 
_struct_conf_type.id          HELX_P 
_struct_conf_type.criteria    ? 
_struct_conf_type.reference   ? 
# 
loop_
_struct_sheet.id 
_struct_sheet.type 
_struct_sheet.number_strands 
_struct_sheet.details 
A ? 5 ? 
B ? 3 ? 
# 
loop_
_struct_sheet_order.sheet_id 
_struct_sheet_order.range_id_1 
_struct_sheet_order.range_id_2 
_struct_sheet_order.offset 
_struct_sheet_order.sense 
A 1 2 ? parallel      
A 2 3 ? parallel      
A 3 4 ? parallel      
A 4 5 ? anti-parallel 
B 1 2 ? anti-parallel 
B 2 3 ? anti-parallel 
# 
loop_
_struct_sheet_range.sheet_id 
_struct_sheet_range.id 
_struct_sheet_range.beg_label_comp_id 
_struct_sheet_range.beg_label_asym_id 
_struct_sheet_range.beg_label_seq_id 
_struct_sheet_range.pdbx_beg_PDB_ins_code 
_struct_sheet_range.end_label_comp_id 
_struct_sheet_range.end_label_asym_id 
_struct_sheet_range.end_label_seq_id 
_struct_sheet_range.pdbx_end_PDB_ins_code 
_struct_sheet_range.beg_auth_comp_id 
_struct_sheet_range.beg_auth_asym_id 
_struct_sheet_range.beg_auth_seq_id 
_struct_sheet_range.end_auth_comp_id 
_struct_sheet_range.end_auth_asym_id 
_struct_sheet_range.end_auth_seq_id 
A 1 PHE A 42  ? ARG A 49  ? PHE A 475 ARG A 482 
A 2 SER A 20  ? GLY A 27  ? SER A 453 GLY A 460 
A 3 LYS A 93  ? MET A 97  ? LYS A 526 MET A 530 
A 4 VAL A 128 ? ALA A 131 ? VAL A 561 ALA A 564 
A 5 LEU A 200 ? GLN A 202 ? LEU A 633 GLN A 635 
B 1 GLU A 146 ? ALA A 148 ? GLU A 579 ALA A 581 
B 2 TYR A 136 ? LEU A 138 ? TYR A 569 LEU A 571 
B 3 ILE A 174 ? ARG A 176 ? ILE A 607 ARG A 609 
# 
loop_
_pdbx_struct_sheet_hbond.sheet_id 
_pdbx_struct_sheet_hbond.range_id_1 
_pdbx_struct_sheet_hbond.range_id_2 
_pdbx_struct_sheet_hbond.range_1_label_atom_id 
_pdbx_struct_sheet_hbond.range_1_label_comp_id 
_pdbx_struct_sheet_hbond.range_1_label_asym_id 
_pdbx_struct_sheet_hbond.range_1_label_seq_id 
_pdbx_struct_sheet_hbond.range_1_PDB_ins_code 
_pdbx_struct_sheet_hbond.range_1_auth_atom_id 
_pdbx_struct_sheet_hbond.range_1_auth_comp_id 
_pdbx_struct_sheet_hbond.range_1_auth_asym_id 
_pdbx_struct_sheet_hbond.range_1_auth_seq_id 
_pdbx_struct_sheet_hbond.range_2_label_atom_id 
_pdbx_struct_sheet_hbond.range_2_label_comp_id 
_pdbx_struct_sheet_hbond.range_2_label_asym_id 
_pdbx_struct_sheet_hbond.range_2_label_seq_id 
_pdbx_struct_sheet_hbond.range_2_PDB_ins_code 
_pdbx_struct_sheet_hbond.range_2_auth_atom_id 
_pdbx_struct_sheet_hbond.range_2_auth_comp_id 
_pdbx_struct_sheet_hbond.range_2_auth_asym_id 
_pdbx_struct_sheet_hbond.range_2_auth_seq_id 
A 1 2 O ALA A 44  ? O ALA A 477 N GLU A 21  ? N GLU A 454 
A 2 3 N VAL A 24  ? N VAL A 457 O VAL A 95  ? O VAL A 528 
A 3 4 N ILE A 94  ? N ILE A 527 O PHE A 129 ? O PHE A 562 
A 4 5 N LEU A 130 ? N LEU A 563 O ARG A 201 ? O ARG A 634 
B 1 2 O GLU A 146 ? O GLU A 579 N LEU A 138 ? N LEU A 571 
B 2 3 N LYS A 137 ? N LYS A 570 O GLN A 175 ? O GLN A 608 
# 
_atom_sites.entry_id                    3IG0 
_atom_sites.fract_transf_matrix[1][1]   -0.01675195 
_atom_sites.fract_transf_matrix[1][2]   0.00863190 
_atom_sites.fract_transf_matrix[1][3]   0.00161309 
_atom_sites.fract_transf_matrix[2][1]   -0.00690158 
_atom_sites.fract_transf_matrix[2][2]   -0.01079370 
_atom_sites.fract_transf_matrix[2][3]   -0.01391416 
_atom_sites.fract_transf_matrix[3][1]   -0.00150910 
_atom_sites.fract_transf_matrix[3][2]   -0.00358886 
_atom_sites.fract_transf_matrix[3][3]   0.00353253 
_atom_sites.fract_transf_vector[1]      0.036797 
_atom_sites.fract_transf_vector[2]      -0.021964 
_atom_sites.fract_transf_vector[3]      -0.066739 
# 
loop_
_atom_type.symbol 
C 
N 
O 
S 
# 
loop_
_atom_site.group_PDB 
_atom_site.id 
_atom_site.type_symbol 
_atom_site.label_atom_id 
_atom_site.label_alt_id 
_atom_site.label_comp_id 
_atom_site.label_asym_id 
_atom_site.label_entity_id 
_atom_site.label_seq_id 
_atom_site.pdbx_PDB_ins_code 
_atom_site.Cartn_x 
_atom_site.Cartn_y 
_atom_site.Cartn_z 
_atom_site.occupancy 
_atom_site.B_iso_or_equiv 
_atom_site.pdbx_formal_charge 
_atom_site.auth_seq_id 
_atom_site.auth_comp_id 
_atom_site.auth_asym_id 
_atom_site.auth_atom_id 
_atom_site.pdbx_PDB_model_num 
ATOM   1    N N   . THR A 1 15  ? 3.379   -20.757 0.929   1.00 56.30  ? 448 THR A N   1 
ATOM   2    C CA  . THR A 1 15  ? 3.891   -19.720 1.815   1.00 55.77  ? 448 THR A CA  1 
ATOM   3    C C   . THR A 1 15  ? 5.402   -19.573 1.744   1.00 58.50  ? 448 THR A C   1 
ATOM   4    O O   . THR A 1 15  ? 5.983   -18.799 2.505   1.00 58.96  ? 448 THR A O   1 
ATOM   5    C CB  . THR A 1 15  ? 3.473   -19.962 3.256   1.00 64.37  ? 448 THR A CB  1 
ATOM   6    O OG1 . THR A 1 15  ? 4.391   -19.291 4.133   1.00 62.90  ? 448 THR A OG1 1 
ATOM   7    C CG2 . THR A 1 15  ? 3.516   -21.431 3.534   1.00 62.80  ? 448 THR A CG2 1 
ATOM   8    N N   . ASP A 1 16  ? 6.049   -20.339 0.870   1.00 53.04  ? 449 ASP A N   1 
ATOM   9    C CA  . ASP A 1 16  ? 7.489   -20.196 0.707   1.00 51.56  ? 449 ASP A CA  1 
ATOM   10   C C   . ASP A 1 16  ? 7.646   -18.807 0.098   1.00 50.38  ? 449 ASP A C   1 
ATOM   11   O O   . ASP A 1 16  ? 6.699   -18.276 -0.480  1.00 49.07  ? 449 ASP A O   1 
ATOM   12   C CB  . ASP A 1 16  ? 8.057   -21.278 -0.219  1.00 53.77  ? 449 ASP A CB  1 
ATOM   13   C CG  . ASP A 1 16  ? 7.913   -20.929 -1.686  1.00 66.06  ? 449 ASP A CG  1 
ATOM   14   O OD1 . ASP A 1 16  ? 6.781   -20.625 -2.117  1.00 67.18  ? 449 ASP A OD1 1 
ATOM   15   O OD2 . ASP A 1 16  ? 8.930   -20.968 -2.410  1.00 72.56  ? 449 ASP A OD2 1 
ATOM   16   N N   . PRO A 1 17  ? 8.817   -18.178 0.280   1.00 44.76  ? 450 PRO A N   1 
ATOM   17   C CA  . PRO A 1 17  ? 9.130   -16.817 -0.168  1.00 43.43  ? 450 PRO A CA  1 
ATOM   18   C C   . PRO A 1 17  ? 8.511   -16.441 -1.508  1.00 43.97  ? 450 PRO A C   1 
ATOM   19   O O   . PRO A 1 17  ? 7.804   -15.440 -1.613  1.00 42.37  ? 450 PRO A O   1 
ATOM   20   C CB  . PRO A 1 17  ? 10.654  -16.830 -0.260  1.00 45.39  ? 450 PRO A CB  1 
ATOM   21   C CG  . PRO A 1 17  ? 11.067  -17.773 0.808   1.00 50.18  ? 450 PRO A CG  1 
ATOM   22   C CD  . PRO A 1 17  ? 9.994   -18.841 0.873   1.00 46.25  ? 450 PRO A CD  1 
ATOM   23   N N   . ARG A 1 18  ? 8.775   -17.247 -2.530  1.00 38.71  ? 451 ARG A N   1 
ATOM   24   C CA  . ARG A 1 18  ? 8.245   -16.973 -3.859  1.00 38.31  ? 451 ARG A CA  1 
ATOM   25   C C   . ARG A 1 18  ? 6.733   -16.763 -3.851  1.00 39.97  ? 451 ARG A C   1 
ATOM   26   O O   . ARG A 1 18  ? 6.207   -15.964 -4.621  1.00 39.18  ? 451 ARG A O   1 
ATOM   27   C CB  . ARG A 1 18  ? 8.612   -18.100 -4.832  1.00 39.71  ? 451 ARG A CB  1 
ATOM   28   C CG  . ARG A 1 18  ? 9.688   -17.724 -5.839  1.00 53.09  ? 451 ARG A CG  1 
ATOM   29   C CD  . ARG A 1 18  ? 9.144   -16.805 -6.931  1.00 66.13  ? 451 ARG A CD  1 
ATOM   30   N NE  . ARG A 1 18  ? 7.699   -16.608 -6.821  1.00 76.09  ? 451 ARG A NE  1 
ATOM   31   C CZ  . ARG A 1 18  ? 7.001   -15.754 -7.565  1.00 88.58  ? 451 ARG A CZ  1 
ATOM   32   N NH1 . ARG A 1 18  ? 7.610   -15.016 -8.483  1.00 75.84  ? 451 ARG A NH1 1 
ATOM   33   N NH2 . ARG A 1 18  ? 5.689   -15.640 -7.393  1.00 72.08  ? 451 ARG A NH2 1 
ATOM   34   N N   . LYS A 1 19  ? 6.035   -17.495 -2.991  1.00 35.48  ? 452 LYS A N   1 
ATOM   35   C CA  . LYS A 1 19  ? 4.582   -17.398 -2.929  1.00 35.52  ? 452 LYS A CA  1 
ATOM   36   C C   . LYS A 1 19  ? 4.098   -16.523 -1.774  1.00 36.74  ? 452 LYS A C   1 
ATOM   37   O O   . LYS A 1 19  ? 2.933   -16.596 -1.389  1.00 36.84  ? 452 LYS A O   1 
ATOM   38   C CB  . LYS A 1 19  ? 3.964   -18.796 -2.802  1.00 38.78  ? 452 LYS A CB  1 
ATOM   39   C CG  . LYS A 1 19  ? 4.391   -19.773 -3.886  1.00 57.25  ? 452 LYS A CG  1 
ATOM   40   C CD  . LYS A 1 19  ? 4.157   -19.193 -5.271  1.00 69.22  ? 452 LYS A CD  1 
ATOM   41   C CE  . LYS A 1 19  ? 4.517   -20.195 -6.357  1.00 82.19  ? 452 LYS A CE  1 
ATOM   42   N NZ  . LYS A 1 19  ? 3.369   -21.079 -6.703  1.00 92.45  ? 452 LYS A NZ  1 
ATOM   43   N N   . SER A 1 20  ? 4.989   -15.709 -1.218  1.00 29.40  ? 453 SER A N   1 
ATOM   44   C CA  . SER A 1 20  ? 4.626   -14.874 -0.077  1.00 27.20  ? 453 SER A CA  1 
ATOM   45   C C   . SER A 1 20  ? 4.731   -13.384 -0.358  1.00 27.35  ? 453 SER A C   1 
ATOM   46   O O   . SER A 1 20  ? 5.626   -12.935 -1.072  1.00 25.96  ? 453 SER A O   1 
ATOM   47   C CB  . SER A 1 20  ? 5.503   -15.220 1.133   1.00 29.11  ? 453 SER A CB  1 
ATOM   48   O OG  . SER A 1 20  ? 5.317   -16.567 1.519   1.00 34.17  ? 453 SER A OG  1 
ATOM   49   N N   . GLU A 1 21  ? 3.845   -12.619 0.273   1.00 21.70  ? 454 GLU A N   1 
ATOM   50   C CA  . GLU A 1 21  ? 3.849   -11.165 0.164   1.00 20.49  ? 454 GLU A CA  1 
ATOM   51   C C   . GLU A 1 21  ? 3.741   -10.591 1.567   1.00 21.19  ? 454 GLU A C   1 
ATOM   52   O O   . GLU A 1 21  ? 3.114   -11.185 2.431   1.00 21.68  ? 454 GLU A O   1 
ATOM   53   C CB  . GLU A 1 21  ? 2.640   -10.685 -0.646  1.00 21.84  ? 454 GLU A CB  1 
ATOM   54   C CG  . GLU A 1 21  ? 2.541   -11.242 -2.053  1.00 31.88  ? 454 GLU A CG  1 
ATOM   55   C CD  . GLU A 1 21  ? 1.341   -10.687 -2.814  1.00 44.50  ? 454 GLU A CD  1 
ATOM   56   O OE1 . GLU A 1 21  ? 0.334   -10.320 -2.172  1.00 29.76  ? 454 GLU A OE1 1 
ATOM   57   O OE2 . GLU A 1 21  ? 1.400   -10.620 -4.056  1.00 37.15  ? 454 GLU A OE2 1 
ATOM   58   N N   . LEU A 1 22  ? 4.343   -9.434  1.794   1.00 17.32  ? 455 LEU A N   1 
ATOM   59   C CA  . LEU A 1 22  ? 4.232   -8.768  3.089   1.00 17.31  ? 455 LEU A CA  1 
ATOM   60   C C   . LEU A 1 22  ? 3.587   -7.396  2.874   1.00 21.95  ? 455 LEU A C   1 
ATOM   61   O O   . LEU A 1 22  ? 4.115   -6.570  2.143   1.00 21.02  ? 455 LEU A O   1 
ATOM   62   C CB  . LEU A 1 22  ? 5.606   -8.580  3.739   1.00 16.63  ? 455 LEU A CB  1 
ATOM   63   C CG  . LEU A 1 22  ? 5.609   -7.687  4.985   1.00 20.57  ? 455 LEU A CG  1 
ATOM   64   C CD1 . LEU A 1 22  ? 4.764   -8.310  6.119   1.00 20.11  ? 455 LEU A CD1 1 
ATOM   65   C CD2 . LEU A 1 22  ? 7.037   -7.411  5.451   1.00 21.93  ? 455 LEU A CD2 1 
ATOM   66   N N   . TYR A 1 23  ? 2.437   -7.169  3.498   1.00 18.97  ? 456 TYR A N   1 
ATOM   67   C CA  . TYR A 1 23  ? 1.765   -5.878  3.411   1.00 18.23  ? 456 TYR A CA  1 
ATOM   68   C C   . TYR A 1 23  ? 2.116   -5.093  4.648   1.00 22.30  ? 456 TYR A C   1 
ATOM   69   O O   . TYR A 1 23  ? 2.015   -5.603  5.761   1.00 21.49  ? 456 TYR A O   1 
ATOM   70   C CB  . TYR A 1 23  ? 0.243   -6.040  3.355   1.00 18.23  ? 456 TYR A CB  1 
ATOM   71   C CG  . TYR A 1 23  ? -0.299  -6.134  1.954   1.00 20.36  ? 456 TYR A CG  1 
ATOM   72   C CD1 . TYR A 1 23  ? -1.070  -5.107  1.411   1.00 22.20  ? 456 TYR A CD1 1 
ATOM   73   C CD2 . TYR A 1 23  ? -0.035  -7.246  1.164   1.00 21.12  ? 456 TYR A CD2 1 
ATOM   74   C CE1 . TYR A 1 23  ? -1.568  -5.200  0.116   1.00 23.44  ? 456 TYR A CE1 1 
ATOM   75   C CE2 . TYR A 1 23  ? -0.513  -7.340  -0.123  1.00 22.32  ? 456 TYR A CE2 1 
ATOM   76   C CZ  . TYR A 1 23  ? -1.290  -6.321  -0.639  1.00 27.41  ? 456 TYR A CZ  1 
ATOM   77   O OH  . TYR A 1 23  ? -1.780  -6.441  -1.912  1.00 26.57  ? 456 TYR A OH  1 
ATOM   78   N N   . VAL A 1 24  ? 2.571   -3.863  4.456   1.00 20.10  ? 457 VAL A N   1 
ATOM   79   C CA  . VAL A 1 24  ? 2.857   -2.993  5.587   1.00 20.27  ? 457 VAL A CA  1 
ATOM   80   C C   . VAL A 1 24  ? 1.779   -1.943  5.487   1.00 26.62  ? 457 VAL A C   1 
ATOM   81   O O   . VAL A 1 24  ? 1.703   -1.218  4.493   1.00 26.07  ? 457 VAL A O   1 
ATOM   82   C CB  . VAL A 1 24  ? 4.250   -2.364  5.525   1.00 24.04  ? 457 VAL A CB  1 
ATOM   83   C CG1 . VAL A 1 24  ? 4.416   -1.350  6.666   1.00 23.71  ? 457 VAL A CG1 1 
ATOM   84   C CG2 . VAL A 1 24  ? 5.315   -3.438  5.603   1.00 23.99  ? 457 VAL A CG2 1 
ATOM   85   N N   . VAL A 1 25  ? 0.874   -1.931  6.452   1.00 25.98  ? 458 VAL A N   1 
ATOM   86   C CA  . VAL A 1 25  ? -0.230  -1.008  6.371   1.00 27.34  ? 458 VAL A CA  1 
ATOM   87   C C   . VAL A 1 25  ? -0.276  0.040   7.450   1.00 31.30  ? 458 VAL A C   1 
ATOM   88   O O   . VAL A 1 25  ? 0.105   -0.194  8.598   1.00 29.49  ? 458 VAL A O   1 
ATOM   89   C CB  . VAL A 1 25  ? -1.586  -1.706  6.167   1.00 33.00  ? 458 VAL A CB  1 
ATOM   90   C CG1 . VAL A 1 25  ? -1.443  -3.206  6.265   1.00 33.05  ? 458 VAL A CG1 1 
ATOM   91   C CG2 . VAL A 1 25  ? -2.622  -1.167  7.148   1.00 33.29  ? 458 VAL A CG2 1 
ATOM   92   N N   . GLU A 1 26  ? -0.735  1.214   7.055   1.00 30.38  ? 459 GLU A N   1 
ATOM   93   C CA  . GLU A 1 26  ? -0.882  2.299   7.992   1.00 31.73  ? 459 GLU A CA  1 
ATOM   94   C C   . GLU A 1 26  ? -1.705  1.822   9.182   1.00 39.92  ? 459 GLU A C   1 
ATOM   95   O O   . GLU A 1 26  ? -2.723  1.144   9.034   1.00 38.20  ? 459 GLU A O   1 
ATOM   96   C CB  . GLU A 1 26  ? -1.597  3.492   7.350   1.00 32.47  ? 459 GLU A CB  1 
ATOM   97   C CG  . GLU A 1 26  ? -1.568  4.738   8.226   1.00 41.08  ? 459 GLU A CG  1 
ATOM   98   C CD  . GLU A 1 26  ? -2.294  5.923   7.605   1.00 54.78  ? 459 GLU A CD  1 
ATOM   99   O OE1 . GLU A 1 26  ? -2.394  5.981   6.361   1.00 36.30  ? 459 GLU A OE1 1 
ATOM   100  O OE2 . GLU A 1 26  ? -2.750  6.808   8.366   1.00 48.18  ? 459 GLU A OE2 1 
ATOM   101  N N   . GLY A 1 27  ? -1.213  2.155   10.362  1.00 41.69  ? 460 GLY A N   1 
ATOM   102  C CA  . GLY A 1 27  ? -1.905  1.951   11.608  1.00 43.80  ? 460 GLY A CA  1 
ATOM   103  C C   . GLY A 1 27  ? -2.293  3.386   11.924  1.00 53.40  ? 460 GLY A C   1 
ATOM   104  O O   . GLY A 1 27  ? -1.475  4.285   11.728  1.00 53.67  ? 460 GLY A O   1 
ATOM   105  N N   . MET A 1 41  ? -1.227  -17.813 -2.385  1.00 42.16  ? 474 MET A N   1 
ATOM   106  C CA  . MET A 1 41  ? -0.321  -16.727 -2.024  1.00 41.77  ? 474 MET A CA  1 
ATOM   107  C C   . MET A 1 41  ? -0.478  -16.335 -0.562  1.00 38.95  ? 474 MET A C   1 
ATOM   108  O O   . MET A 1 41  ? -1.517  -15.797 -0.171  1.00 39.21  ? 474 MET A O   1 
ATOM   109  C CB  . MET A 1 41  ? -0.588  -15.501 -2.897  1.00 45.40  ? 474 MET A CB  1 
ATOM   110  C CG  . MET A 1 41  ? 0.545   -14.485 -2.899  1.00 50.81  ? 474 MET A CG  1 
ATOM   111  S SD  . MET A 1 41  ? 2.018   -15.085 -3.783  1.00 57.02  ? 474 MET A SD  1 
ATOM   112  C CE  . MET A 1 41  ? 1.325   -15.448 -5.398  1.00 53.69  ? 474 MET A CE  1 
ATOM   113  N N   . PHE A 1 42  ? 0.548   -16.589 0.245   1.00 28.62  ? 475 PHE A N   1 
ATOM   114  C CA  . PHE A 1 42  ? 0.486   -16.213 1.648   1.00 25.38  ? 475 PHE A CA  1 
ATOM   115  C C   . PHE A 1 42  ? 0.664   -14.702 1.773   1.00 26.42  ? 475 PHE A C   1 
ATOM   116  O O   . PHE A 1 42  ? 1.608   -14.122 1.243   1.00 24.83  ? 475 PHE A O   1 
ATOM   117  C CB  . PHE A 1 42  ? 1.536   -16.950 2.486   1.00 26.31  ? 475 PHE A CB  1 
ATOM   118  C CG  . PHE A 1 42  ? 1.335   -16.796 3.974   1.00 27.44  ? 475 PHE A CG  1 
ATOM   119  C CD1 . PHE A 1 42  ? 1.648   -15.602 4.611   1.00 29.38  ? 475 PHE A CD1 1 
ATOM   120  C CD2 . PHE A 1 42  ? 0.806   -17.834 4.732   1.00 29.15  ? 475 PHE A CD2 1 
ATOM   121  C CE1 . PHE A 1 42  ? 1.422   -15.438 5.962   1.00 30.00  ? 475 PHE A CE1 1 
ATOM   122  C CE2 . PHE A 1 42  ? 0.602   -17.688 6.095   1.00 31.74  ? 475 PHE A CE2 1 
ATOM   123  C CZ  . PHE A 1 42  ? 0.897   -16.480 6.709   1.00 29.87  ? 475 PHE A CZ  1 
ATOM   124  N N   . GLN A 1 43  ? -0.265  -14.057 2.463   1.00 22.11  ? 476 GLN A N   1 
ATOM   125  C CA  . GLN A 1 43  ? -0.170  -12.623 2.648   1.00 21.01  ? 476 GLN A CA  1 
ATOM   126  C C   . GLN A 1 43  ? 0.027   -12.253 4.104   1.00 23.14  ? 476 GLN A C   1 
ATOM   127  O O   . GLN A 1 43  ? -0.920  -12.279 4.885   1.00 23.39  ? 476 GLN A O   1 
ATOM   128  C CB  . GLN A 1 43  ? -1.401  -11.943 2.080   1.00 22.11  ? 476 GLN A CB  1 
ATOM   129  C CG  . GLN A 1 43  ? -1.585  -12.206 0.596   1.00 27.37  ? 476 GLN A CG  1 
ATOM   130  C CD  . GLN A 1 43  ? -2.778  -11.464 0.026   1.00 38.82  ? 476 GLN A CD  1 
ATOM   131  O OE1 . GLN A 1 43  ? -3.887  -11.569 0.543   1.00 34.29  ? 476 GLN A OE1 1 
ATOM   132  N NE2 . GLN A 1 43  ? -2.542  -10.669 -1.005  1.00 25.64  ? 476 GLN A NE2 1 
ATOM   133  N N   . ALA A 1 44  ? 1.264   -11.926 4.468   1.00 17.55  ? 477 ALA A N   1 
ATOM   134  C CA  . ALA A 1 44  ? 1.564   -11.475 5.825   1.00 16.25  ? 477 ALA A CA  1 
ATOM   135  C C   . ALA A 1 44  ? 1.154   -9.997  5.932   1.00 18.79  ? 477 ALA A C   1 
ATOM   136  O O   . ALA A 1 44  ? 1.114   -9.285  4.933   1.00 18.87  ? 477 ALA A O   1 
ATOM   137  C CB  . ALA A 1 44  ? 3.043   -11.641 6.134   1.00 16.21  ? 477 ALA A CB  1 
ATOM   138  N N   . ILE A 1 45  ? 0.845   -9.542  7.137   1.00 14.41  ? 478 ILE A N   1 
ATOM   139  C CA  . ILE A 1 45  ? 0.437   -8.158  7.342   1.00 14.91  ? 478 ILE A CA  1 
ATOM   140  C C   . ILE A 1 45  ? 1.033   -7.634  8.632   1.00 19.94  ? 478 ILE A C   1 
ATOM   141  O O   . ILE A 1 45  ? 0.856   -8.247  9.671   1.00 19.65  ? 478 ILE A O   1 
ATOM   142  C CB  . ILE A 1 45  ? -1.092  -8.049  7.424   1.00 17.66  ? 478 ILE A CB  1 
ATOM   143  C CG1 . ILE A 1 45  ? -1.740  -8.635  6.180   1.00 17.87  ? 478 ILE A CG1 1 
ATOM   144  C CG2 . ILE A 1 45  ? -1.521  -6.594  7.680   1.00 18.02  ? 478 ILE A CG2 1 
ATOM   145  C CD1 . ILE A 1 45  ? -3.268  -8.595  6.214   1.00 28.23  ? 478 ILE A CD1 1 
ATOM   146  N N   . LEU A 1 46  ? 1.688   -6.475  8.576   1.00 16.44  ? 479 LEU A N   1 
ATOM   147  C CA  . LEU A 1 46  ? 2.244   -5.852  9.776   1.00 15.74  ? 479 LEU A CA  1 
ATOM   148  C C   . LEU A 1 46  ? 1.854   -4.380  9.787   1.00 20.94  ? 479 LEU A C   1 
ATOM   149  O O   . LEU A 1 46  ? 1.779   -3.740  8.736   1.00 19.61  ? 479 LEU A O   1 
ATOM   150  C CB  . LEU A 1 46  ? 3.776   -5.986  9.818   1.00 15.19  ? 479 LEU A CB  1 
ATOM   151  C CG  . LEU A 1 46  ? 4.312   -7.359  10.241  1.00 18.58  ? 479 LEU A CG  1 
ATOM   152  C CD1 . LEU A 1 46  ? 5.821   -7.400  10.231  1.00 19.34  ? 479 LEU A CD1 1 
ATOM   153  C CD2 . LEU A 1 46  ? 3.778   -7.744  11.611  1.00 18.64  ? 479 LEU A CD2 1 
ATOM   154  N N   . PRO A 1 47  ? 1.618   -3.816  10.982  1.00 18.82  ? 480 PRO A N   1 
ATOM   155  C CA  . PRO A 1 47  ? 1.237   -2.402  10.952  1.00 18.97  ? 480 PRO A CA  1 
ATOM   156  C C   . PRO A 1 47  ? 2.429   -1.473  11.129  1.00 24.04  ? 480 PRO A C   1 
ATOM   157  O O   . PRO A 1 47  ? 3.494   -1.886  11.582  1.00 22.92  ? 480 PRO A O   1 
ATOM   158  C CB  . PRO A 1 47  ? 0.339   -2.272  12.177  1.00 20.50  ? 480 PRO A CB  1 
ATOM   159  C CG  . PRO A 1 47  ? 0.963   -3.220  13.169  1.00 24.76  ? 480 PRO A CG  1 
ATOM   160  C CD  . PRO A 1 47  ? 1.541   -4.371  12.347  1.00 20.04  ? 480 PRO A CD  1 
ATOM   161  N N   . LEU A 1 48  ? 2.217   -0.205  10.798  1.00 22.64  ? 481 LEU A N   1 
ATOM   162  C CA  . LEU A 1 48  ? 3.214   0.837   11.003  1.00 23.95  ? 481 LEU A CA  1 
ATOM   163  C C   . LEU A 1 48  ? 2.463   2.125   11.341  1.00 29.51  ? 481 LEU A C   1 
ATOM   164  O O   . LEU A 1 48  ? 1.874   2.757   10.465  1.00 29.13  ? 481 LEU A O   1 
ATOM   165  C CB  . LEU A 1 48  ? 4.064   1.044   9.749   1.00 24.12  ? 481 LEU A CB  1 
ATOM   166  C CG  . LEU A 1 48  ? 5.203   2.028   9.990   1.00 29.19  ? 481 LEU A CG  1 
ATOM   167  C CD1 . LEU A 1 48  ? 6.034   1.569   11.185  1.00 28.96  ? 481 LEU A CD1 1 
ATOM   168  C CD2 . LEU A 1 48  ? 6.060   2.172   8.741   1.00 31.27  ? 481 LEU A CD2 1 
ATOM   169  N N   . ARG A 1 49  ? 2.445   2.480   12.619  1.00 28.79  ? 482 ARG A N   1 
ATOM   170  C CA  . ARG A 1 49  ? 1.739   3.679   13.064  1.00 31.18  ? 482 ARG A CA  1 
ATOM   171  C C   . ARG A 1 49  ? 2.557   4.932   12.785  1.00 39.66  ? 482 ARG A C   1 
ATOM   172  O O   . ARG A 1 49  ? 3.747   4.986   13.092  1.00 40.27  ? 482 ARG A O   1 
ATOM   173  C CB  . ARG A 1 49  ? 1.422   3.588   14.556  1.00 32.84  ? 482 ARG A CB  1 
ATOM   174  C CG  . ARG A 1 49  ? 0.292   2.622   14.883  1.00 45.61  ? 482 ARG A CG  1 
ATOM   175  C CD  . ARG A 1 49  ? 0.643   1.739   16.063  1.00 52.18  ? 482 ARG A CD  1 
ATOM   176  N NE  . ARG A 1 49  ? 0.063   2.220   17.311  1.00 58.73  ? 482 ARG A NE  1 
ATOM   177  C CZ  . ARG A 1 49  ? 0.621   2.050   18.505  1.00 68.33  ? 482 ARG A CZ  1 
ATOM   178  N NH1 . ARG A 1 49  ? 1.781   1.413   18.614  1.00 53.73  ? 482 ARG A NH1 1 
ATOM   179  N NH2 . ARG A 1 49  ? 0.024   2.520   19.591  1.00 51.22  ? 482 ARG A NH2 1 
ATOM   180  N N   . GLY A 1 50  ? 1.916   5.930   12.186  1.00 38.23  ? 483 GLY A N   1 
ATOM   181  C CA  . GLY A 1 50  ? 2.567   7.186   11.861  1.00 72.46  ? 483 GLY A CA  1 
ATOM   182  C C   . GLY A 1 50  ? 2.076   8.329   12.726  1.00 99.52  ? 483 GLY A C   1 
ATOM   183  O O   . GLY A 1 50  ? 0.875   8.590   12.803  1.00 61.82  ? 483 GLY A O   1 
ATOM   184  N N   . ILE A 1 60  ? 15.971  8.559   12.552  1.00 73.10  ? 493 ILE A N   1 
ATOM   185  C CA  . ILE A 1 60  ? 16.706  7.643   11.689  1.00 72.80  ? 493 ILE A CA  1 
ATOM   186  C C   . ILE A 1 60  ? 17.406  6.566   12.512  1.00 76.46  ? 493 ILE A C   1 
ATOM   187  O O   . ILE A 1 60  ? 17.538  5.423   12.075  1.00 76.31  ? 493 ILE A O   1 
ATOM   188  C CB  . ILE A 1 60  ? 17.708  8.393   10.799  1.00 75.97  ? 493 ILE A CB  1 
ATOM   189  C CG1 . ILE A 1 60  ? 17.650  7.863   9.366   1.00 76.24  ? 493 ILE A CG1 1 
ATOM   190  C CG2 . ILE A 1 60  ? 19.116  8.270   11.365  1.00 77.07  ? 493 ILE A CG2 1 
ATOM   191  C CD1 . ILE A 1 60  ? 17.247  6.413   9.272   1.00 82.96  ? 493 ILE A CD1 1 
ATOM   192  N N   . ASP A 1 61  ? 17.852  6.944   13.704  1.00 72.44  ? 494 ASP A N   1 
ATOM   193  C CA  . ASP A 1 61  ? 18.541  6.024   14.601  1.00 71.80  ? 494 ASP A CA  1 
ATOM   194  C C   . ASP A 1 61  ? 17.562  5.468   15.630  1.00 73.38  ? 494 ASP A C   1 
ATOM   195  O O   . ASP A 1 61  ? 17.678  4.320   16.065  1.00 72.86  ? 494 ASP A O   1 
ATOM   196  C CB  . ASP A 1 61  ? 19.692  6.747   15.304  1.00 74.00  ? 494 ASP A CB  1 
ATOM   197  C CG  . ASP A 1 61  ? 19.953  8.125   14.722  1.00 86.83  ? 494 ASP A CG  1 
ATOM   198  O OD1 . ASP A 1 61  ? 19.236  9.078   15.097  1.00 87.34  ? 494 ASP A OD1 1 
ATOM   199  O OD2 . ASP A 1 61  ? 20.859  8.250   13.870  1.00 94.22  ? 494 ASP A OD2 1 
ATOM   200  N N   . ARG A 1 62  ? 16.592  6.294   16.011  1.00 67.88  ? 495 ARG A N   1 
ATOM   201  C CA  . ARG A 1 62  ? 15.579  5.885   16.974  1.00 66.62  ? 495 ARG A CA  1 
ATOM   202  C C   . ARG A 1 62  ? 14.489  5.101   16.256  1.00 66.55  ? 495 ARG A C   1 
ATOM   203  O O   . ARG A 1 62  ? 13.859  4.217   16.835  1.00 66.38  ? 495 ARG A O   1 
ATOM   204  C CB  . ARG A 1 62  ? 14.978  7.104   17.679  1.00 68.06  ? 495 ARG A CB  1 
ATOM   205  C CG  . ARG A 1 62  ? 14.602  6.856   19.136  1.00 81.26  ? 495 ARG A CG  1 
ATOM   206  C CD  . ARG A 1 62  ? 13.123  6.530   19.281  1.00 95.18  ? 495 ARG A CD  1 
ATOM   207  N NE  . ARG A 1 62  ? 12.909  5.223   19.900  1.00 107.73 ? 495 ARG A NE  1 
ATOM   208  C CZ  . ARG A 1 62  ? 11.978  4.356   19.515  1.00 123.10 ? 495 ARG A CZ  1 
ATOM   209  N NH1 . ARG A 1 62  ? 11.857  3.190   20.137  1.00 110.34 ? 495 ARG A NH1 1 
ATOM   210  N NH2 . ARG A 1 62  ? 11.166  4.653   18.509  1.00 109.64 ? 495 ARG A NH2 1 
ATOM   211  N N   . VAL A 1 63  ? 14.280  5.423   14.986  1.00 59.74  ? 496 VAL A N   1 
ATOM   212  C CA  . VAL A 1 63  ? 13.278  4.739   14.184  1.00 58.07  ? 496 VAL A CA  1 
ATOM   213  C C   . VAL A 1 63  ? 13.611  3.255   14.104  1.00 58.00  ? 496 VAL A C   1 
ATOM   214  O O   . VAL A 1 63  ? 12.728  2.402   14.179  1.00 57.33  ? 496 VAL A O   1 
ATOM   215  C CB  . VAL A 1 63  ? 13.162  5.364   12.781  1.00 62.12  ? 496 VAL A CB  1 
ATOM   216  C CG1 . VAL A 1 63  ? 12.339  4.472   11.864  1.00 62.04  ? 496 VAL A CG1 1 
ATOM   217  C CG2 . VAL A 1 63  ? 12.555  6.757   12.866  1.00 61.82  ? 496 VAL A CG2 1 
ATOM   218  N N   . LEU A 1 64  ? 14.898  2.954   13.975  1.00 51.82  ? 497 LEU A N   1 
ATOM   219  C CA  . LEU A 1 64  ? 15.357  1.576   13.877  1.00 50.54  ? 497 LEU A CA  1 
ATOM   220  C C   . LEU A 1 64  ? 15.085  0.769   15.143  1.00 51.45  ? 497 LEU A C   1 
ATOM   221  O O   . LEU A 1 64  ? 15.082  -0.459  15.108  1.00 51.37  ? 497 LEU A O   1 
ATOM   222  C CB  . LEU A 1 64  ? 16.847  1.536   13.532  1.00 50.84  ? 497 LEU A CB  1 
ATOM   223  C CG  . LEU A 1 64  ? 17.319  0.441   12.572  1.00 55.88  ? 497 LEU A CG  1 
ATOM   224  C CD1 . LEU A 1 64  ? 16.774  0.669   11.171  1.00 57.74  ? 497 LEU A CD1 1 
ATOM   225  C CD2 . LEU A 1 64  ? 18.842  0.376   12.554  1.00 56.39  ? 497 LEU A CD2 1 
ATOM   226  N N   . LYS A 1 65  ? 14.860  1.457   16.258  1.00 45.81  ? 498 LYS A N   1 
ATOM   227  C CA  . LYS A 1 65  ? 14.598  0.792   17.533  1.00 44.17  ? 498 LYS A CA  1 
ATOM   228  C C   . LYS A 1 65  ? 13.109  0.616   17.831  1.00 43.92  ? 498 LYS A C   1 
ATOM   229  O O   . LYS A 1 65  ? 12.737  -0.098  18.756  1.00 43.51  ? 498 LYS A O   1 
ATOM   230  C CB  . LYS A 1 65  ? 15.275  1.543   18.678  1.00 47.37  ? 498 LYS A CB  1 
ATOM   231  C CG  . LYS A 1 65  ? 16.760  1.791   18.462  1.00 65.38  ? 498 LYS A CG  1 
ATOM   232  C CD  . LYS A 1 65  ? 17.585  0.561   18.811  1.00 75.87  ? 498 LYS A CD  1 
ATOM   233  C CE  . LYS A 1 65  ? 18.718  0.908   19.765  1.00 88.21  ? 498 LYS A CE  1 
ATOM   234  N NZ  . LYS A 1 65  ? 18.552  2.263   20.362  1.00 97.40  ? 498 LYS A NZ  1 
ATOM   235  N N   . ASN A 1 66  ? 12.259  1.281   17.057  1.00 37.62  ? 499 ASN A N   1 
ATOM   236  C CA  . ASN A 1 66  ? 10.814  1.161   17.240  1.00 35.92  ? 499 ASN A CA  1 
ATOM   237  C C   . ASN A 1 66  ? 10.408  -0.282  16.914  1.00 36.18  ? 499 ASN A C   1 
ATOM   238  O O   . ASN A 1 66  ? 10.771  -0.814  15.862  1.00 34.05  ? 499 ASN A O   1 
ATOM   239  C CB  . ASN A 1 66  ? 10.095  2.147   16.320  1.00 36.50  ? 499 ASN A CB  1 
ATOM   240  C CG  . ASN A 1 66  ? 8.607   1.894   16.235  1.00 59.23  ? 499 ASN A CG  1 
ATOM   241  O OD1 . ASN A 1 66  ? 8.145   1.121   15.396  1.00 52.93  ? 499 ASN A OD1 1 
ATOM   242  N ND2 . ASN A 1 66  ? 7.842   2.593   17.064  1.00 52.12  ? 499 ASN A ND2 1 
ATOM   243  N N   . THR A 1 67  ? 9.691   -0.920  17.834  1.00 31.70  ? 500 THR A N   1 
ATOM   244  C CA  . THR A 1 67  ? 9.306   -2.322  17.676  1.00 30.96  ? 500 THR A CA  1 
ATOM   245  C C   . THR A 1 67  ? 8.536   -2.685  16.406  1.00 30.98  ? 500 THR A C   1 
ATOM   246  O O   . THR A 1 67  ? 8.733   -3.763  15.856  1.00 29.29  ? 500 THR A O   1 
ATOM   247  C CB  . THR A 1 67  ? 8.674   -2.901  18.944  1.00 43.21  ? 500 THR A CB  1 
ATOM   248  O OG1 . THR A 1 67  ? 7.590   -2.063  19.351  1.00 47.08  ? 500 THR A OG1 1 
ATOM   249  C CG2 . THR A 1 67  ? 9.704   -2.960  20.060  1.00 40.92  ? 500 THR A CG2 1 
ATOM   250  N N   . GLU A 1 68  ? 7.674   -1.787  15.939  1.00 26.66  ? 501 GLU A N   1 
ATOM   251  C CA  . GLU A 1 68  ? 6.928   -2.025  14.709  1.00 25.85  ? 501 GLU A CA  1 
ATOM   252  C C   . GLU A 1 68  ? 7.887   -2.098  13.525  1.00 28.13  ? 501 GLU A C   1 
ATOM   253  O O   . GLU A 1 68  ? 7.720   -2.928  12.636  1.00 26.87  ? 501 GLU A O   1 
ATOM   254  C CB  . GLU A 1 68  ? 5.901   -0.922  14.471  1.00 27.18  ? 501 GLU A CB  1 
ATOM   255  C CG  . GLU A 1 68  ? 4.604   -1.112  15.238  1.00 35.00  ? 501 GLU A CG  1 
ATOM   256  C CD  . GLU A 1 68  ? 3.580   -0.031  14.937  1.00 47.49  ? 501 GLU A CD  1 
ATOM   257  O OE1 . GLU A 1 68  ? 3.957   1.041   14.418  1.00 37.04  ? 501 GLU A OE1 1 
ATOM   258  O OE2 . GLU A 1 68  ? 2.391   -0.247  15.229  1.00 35.93  ? 501 GLU A OE2 1 
ATOM   259  N N   . VAL A 1 69  ? 8.876   -1.207  13.510  1.00 24.10  ? 502 VAL A N   1 
ATOM   260  C CA  . VAL A 1 69  ? 9.880   -1.182  12.446  1.00 23.62  ? 502 VAL A CA  1 
ATOM   261  C C   . VAL A 1 69  ? 10.740  -2.443  12.553  1.00 26.32  ? 502 VAL A C   1 
ATOM   262  O O   . VAL A 1 69  ? 11.025  -3.108  11.566  1.00 26.99  ? 502 VAL A O   1 
ATOM   263  C CB  . VAL A 1 69  ? 10.756  0.105   12.519  1.00 27.66  ? 502 VAL A CB  1 
ATOM   264  C CG1 . VAL A 1 69  ? 11.992  -0.030  11.636  1.00 27.50  ? 502 VAL A CG1 1 
ATOM   265  C CG2 . VAL A 1 69  ? 9.947   1.333   12.116  1.00 27.47  ? 502 VAL A CG2 1 
ATOM   266  N N   . GLN A 1 70  ? 11.121  -2.794  13.769  1.00 22.48  ? 503 GLN A N   1 
ATOM   267  C CA  . GLN A 1 70  ? 11.914  -4.001  13.981  1.00 22.18  ? 503 GLN A CA  1 
ATOM   268  C C   . GLN A 1 70  ? 11.187  -5.265  13.512  1.00 26.21  ? 503 GLN A C   1 
ATOM   269  O O   . GLN A 1 70  ? 11.803  -6.160  12.937  1.00 26.24  ? 503 GLN A O   1 
ATOM   270  C CB  . GLN A 1 70  ? 12.315  -4.134  15.448  1.00 22.95  ? 503 GLN A CB  1 
ATOM   271  C CG  . GLN A 1 70  ? 13.146  -2.961  15.955  1.00 44.07  ? 503 GLN A CG  1 
ATOM   272  C CD  . GLN A 1 70  ? 13.553  -3.113  17.409  1.00 66.71  ? 503 GLN A CD  1 
ATOM   273  O OE1 . GLN A 1 70  ? 14.212  -2.242  17.975  1.00 65.11  ? 503 GLN A OE1 1 
ATOM   274  N NE2 . GLN A 1 70  ? 13.162  -4.225  18.021  1.00 57.01  ? 503 GLN A NE2 1 
ATOM   275  N N   . ALA A 1 71  ? 9.882   -5.343  13.758  1.00 22.31  ? 504 ALA A N   1 
ATOM   276  C CA  . ALA A 1 71  ? 9.112   -6.520  13.340  1.00 21.51  ? 504 ALA A CA  1 
ATOM   277  C C   . ALA A 1 71  ? 9.162   -6.657  11.826  1.00 24.30  ? 504 ALA A C   1 
ATOM   278  O O   . ALA A 1 71  ? 9.362   -7.745  11.293  1.00 24.24  ? 504 ALA A O   1 
ATOM   279  C CB  . ALA A 1 71  ? 7.668   -6.415  13.813  1.00 21.84  ? 504 ALA A CB  1 
ATOM   280  N N   . ILE A 1 72  ? 8.965   -5.539  11.139  1.00 20.69  ? 505 ILE A N   1 
ATOM   281  C CA  . ILE A 1 72  ? 8.993   -5.513  9.683   1.00 19.94  ? 505 ILE A CA  1 
ATOM   282  C C   . ILE A 1 72  ? 10.358  -5.921  9.153   1.00 24.12  ? 505 ILE A C   1 
ATOM   283  O O   . ILE A 1 72  ? 10.456  -6.733  8.244   1.00 23.88  ? 505 ILE A O   1 
ATOM   284  C CB  . ILE A 1 72  ? 8.593   -4.127  9.144   1.00 22.19  ? 505 ILE A CB  1 
ATOM   285  C CG1 . ILE A 1 72  ? 7.110   -3.864  9.425   1.00 21.59  ? 505 ILE A CG1 1 
ATOM   286  C CG2 . ILE A 1 72  ? 8.918   -4.015  7.636   1.00 22.45  ? 505 ILE A CG2 1 
ATOM   287  C CD1 . ILE A 1 72  ? 6.749   -2.395  9.470   1.00 23.87  ? 505 ILE A CD1 1 
ATOM   288  N N   . ILE A 1 73  ? 11.408  -5.328  9.702   1.00 22.26  ? 506 ILE A N   1 
ATOM   289  C CA  . ILE A 1 73  ? 12.767  -5.626  9.254   1.00 22.73  ? 506 ILE A CA  1 
ATOM   290  C C   . ILE A 1 73  ? 13.077  -7.086  9.505   1.00 25.27  ? 506 ILE A C   1 
ATOM   291  O O   . ILE A 1 73  ? 13.606  -7.772  8.638   1.00 24.27  ? 506 ILE A O   1 
ATOM   292  C CB  . ILE A 1 73  ? 13.812  -4.714  9.933   1.00 26.80  ? 506 ILE A CB  1 
ATOM   293  C CG1 . ILE A 1 73  ? 13.740  -3.301  9.350   1.00 27.89  ? 506 ILE A CG1 1 
ATOM   294  C CG2 . ILE A 1 73  ? 15.225  -5.294  9.748   1.00 28.24  ? 506 ILE A CG2 1 
ATOM   295  C CD1 . ILE A 1 73  ? 14.360  -2.235  10.246  1.00 35.17  ? 506 ILE A CD1 1 
ATOM   296  N N   . THR A 1 74  ? 12.708  -7.565  10.688  1.00 21.79  ? 507 THR A N   1 
ATOM   297  C CA  . THR A 1 74  ? 12.925  -8.958  11.049  1.00 21.22  ? 507 THR A CA  1 
ATOM   298  C C   . THR A 1 74  ? 12.117  -9.882  10.145  1.00 25.04  ? 507 THR A C   1 
ATOM   299  O O   . THR A 1 74  ? 12.638  -10.864 9.622   1.00 25.01  ? 507 THR A O   1 
ATOM   300  C CB  . THR A 1 74  ? 12.625  -9.207  12.537  1.00 28.69  ? 507 THR A CB  1 
ATOM   301  O OG1 . THR A 1 74  ? 13.416  -8.318  13.334  1.00 30.97  ? 507 THR A OG1 1 
ATOM   302  C CG2 . THR A 1 74  ? 12.934  -10.658 12.919  1.00 22.88  ? 507 THR A CG2 1 
ATOM   303  N N   . ALA A 1 75  ? 10.849  -9.558  9.927   1.00 20.99  ? 508 ALA A N   1 
ATOM   304  C CA  . ALA A 1 75  ? 10.037  -10.395 9.057   1.00 20.70  ? 508 ALA A CA  1 
ATOM   305  C C   . ALA A 1 75  ? 10.671  -10.552 7.658   1.00 24.00  ? 508 ALA A C   1 
ATOM   306  O O   . ALA A 1 75  ? 10.665  -11.640 7.087   1.00 22.59  ? 508 ALA A O   1 
ATOM   307  C CB  . ALA A 1 75  ? 8.613   -9.861  8.968   1.00 21.38  ? 508 ALA A CB  1 
ATOM   308  N N   . LEU A 1 76  ? 11.228  -9.477  7.108   1.00 21.61  ? 509 LEU A N   1 
ATOM   309  C CA  . LEU A 1 76  ? 11.847  -9.566  5.777   1.00 21.53  ? 509 LEU A CA  1 
ATOM   310  C C   . LEU A 1 76  ? 12.975  -10.610 5.714   1.00 26.70  ? 509 LEU A C   1 
ATOM   311  O O   . LEU A 1 76  ? 13.191  -11.240 4.674   1.00 25.17  ? 509 LEU A O   1 
ATOM   312  C CB  . LEU A 1 76  ? 12.318  -8.198  5.286   1.00 21.31  ? 509 LEU A CB  1 
ATOM   313  C CG  . LEU A 1 76  ? 11.182  -7.212  4.984   1.00 24.95  ? 509 LEU A CG  1 
ATOM   314  C CD1 . LEU A 1 76  ? 11.727  -5.794  4.910   1.00 24.85  ? 509 LEU A CD1 1 
ATOM   315  C CD2 . LEU A 1 76  ? 10.502  -7.610  3.682   1.00 25.44  ? 509 LEU A CD2 1 
ATOM   316  N N   . GLY A 1 77  ? 13.679  -10.789 6.830   1.00 25.12  ? 510 GLY A N   1 
ATOM   317  C CA  . GLY A 1 77  ? 14.713  -11.801 6.985   1.00 25.62  ? 510 GLY A CA  1 
ATOM   318  C C   . GLY A 1 77  ? 16.089  -11.588 6.375   1.00 30.23  ? 510 GLY A C   1 
ATOM   319  O O   . GLY A 1 77  ? 16.960  -12.441 6.523   1.00 30.81  ? 510 GLY A O   1 
ATOM   320  N N   . THR A 1 78  ? 16.302  -10.454 5.718   1.00 26.53  ? 511 THR A N   1 
ATOM   321  C CA  . THR A 1 78  ? 17.558  -10.185 5.022   1.00 26.25  ? 511 THR A CA  1 
ATOM   322  C C   . THR A 1 78  ? 18.707  -9.646  5.873   1.00 32.02  ? 511 THR A C   1 
ATOM   323  O O   . THR A 1 78  ? 19.864  -9.709  5.461   1.00 31.46  ? 511 THR A O   1 
ATOM   324  C CB  . THR A 1 78  ? 17.321  -9.188  3.886   1.00 28.34  ? 511 THR A CB  1 
ATOM   325  O OG1 . THR A 1 78  ? 16.740  -7.996  4.435   1.00 26.15  ? 511 THR A OG1 1 
ATOM   326  C CG2 . THR A 1 78  ? 16.403  -9.770  2.817   1.00 23.87  ? 511 THR A CG2 1 
ATOM   327  N N   . GLY A 1 79  ? 18.393  -9.005  6.990   1.00 29.90  ? 512 GLY A N   1 
ATOM   328  C CA  . GLY A 1 79  ? 19.421  -8.344  7.766   1.00 30.78  ? 512 GLY A CA  1 
ATOM   329  C C   . GLY A 1 79  ? 19.524  -6.938  7.188   1.00 37.16  ? 512 GLY A C   1 
ATOM   330  O O   . GLY A 1 79  ? 18.835  -6.611  6.213   1.00 36.25  ? 512 GLY A O   1 
ATOM   331  N N   . ILE A 1 80  ? 20.390  -6.109  7.759   1.00 35.99  ? 513 ILE A N   1 
ATOM   332  C CA  . ILE A 1 80  ? 20.506  -4.721  7.330   1.00 37.29  ? 513 ILE A CA  1 
ATOM   333  C C   . ILE A 1 80  ? 21.925  -4.277  6.965   1.00 45.17  ? 513 ILE A C   1 
ATOM   334  O O   . ILE A 1 80  ? 22.909  -4.868  7.404   1.00 44.60  ? 513 ILE A O   1 
ATOM   335  C CB  . ILE A 1 80  ? 19.915  -3.799  8.408   1.00 40.86  ? 513 ILE A CB  1 
ATOM   336  C CG1 . ILE A 1 80  ? 18.609  -3.170  7.928   1.00 41.60  ? 513 ILE A CG1 1 
ATOM   337  C CG2 . ILE A 1 80  ? 20.933  -2.773  8.871   1.00 42.20  ? 513 ILE A CG2 1 
ATOM   338  C CD1 . ILE A 1 80  ? 17.499  -4.174  7.739   1.00 48.52  ? 513 ILE A CD1 1 
ATOM   339  N N   . HIS A 1 81  ? 22.015  -3.207  6.178   1.00 44.79  ? 514 HIS A N   1 
ATOM   340  C CA  . HIS A 1 81  ? 23.297  -2.629  5.783   1.00 45.58  ? 514 HIS A CA  1 
ATOM   341  C C   . HIS A 1 81  ? 24.316  -3.661  5.299   1.00 49.24  ? 514 HIS A C   1 
ATOM   342  O O   . HIS A 1 81  ? 24.129  -4.284  4.255   1.00 47.76  ? 514 HIS A O   1 
ATOM   343  C CB  . HIS A 1 81  ? 23.872  -1.795  6.932   1.00 47.22  ? 514 HIS A CB  1 
ATOM   344  C CG  . HIS A 1 81  ? 25.043  -0.948  6.539   1.00 51.59  ? 514 HIS A CG  1 
ATOM   345  N ND1 . HIS A 1 81  ? 25.675  -0.096  7.420   1.00 53.78  ? 514 HIS A ND1 1 
ATOM   346  C CD2 . HIS A 1 81  ? 25.713  -0.840  5.367   1.00 53.94  ? 514 HIS A CD2 1 
ATOM   347  C CE1 . HIS A 1 81  ? 26.677  0.506   6.807   1.00 53.37  ? 514 HIS A CE1 1 
ATOM   348  N NE2 . HIS A 1 81  ? 26.722  0.072   5.559   1.00 53.78  ? 514 HIS A NE2 1 
ATOM   349  N N   . ASP A 1 82  ? 25.405  -3.821  6.048   1.00 47.12  ? 515 ASP A N   1 
ATOM   350  C CA  . ASP A 1 82  ? 26.459  -4.771  5.684   1.00 46.99  ? 515 ASP A CA  1 
ATOM   351  C C   . ASP A 1 82  ? 25.975  -6.218  5.727   1.00 48.43  ? 515 ASP A C   1 
ATOM   352  O O   . ASP A 1 82  ? 26.344  -7.031  4.879   1.00 47.63  ? 515 ASP A O   1 
ATOM   353  C CB  . ASP A 1 82  ? 27.671  -4.611  6.605   1.00 49.55  ? 515 ASP A CB  1 
ATOM   354  C CG  . ASP A 1 82  ? 28.294  -3.231  6.517   1.00 66.66  ? 515 ASP A CG  1 
ATOM   355  O OD1 . ASP A 1 82  ? 28.562  -2.772  5.384   1.00 69.04  ? 515 ASP A OD1 1 
ATOM   356  O OD2 . ASP A 1 82  ? 28.506  -2.601  7.576   1.00 72.99  ? 515 ASP A OD2 1 
ATOM   357  N N   . GLU A 1 83  ? 25.159  -6.534  6.728   1.00 43.29  ? 516 GLU A N   1 
ATOM   358  C CA  . GLU A 1 83  ? 24.644  -7.887  6.902   1.00 42.24  ? 516 GLU A CA  1 
ATOM   359  C C   . GLU A 1 83  ? 23.581  -8.287  5.877   1.00 41.98  ? 516 GLU A C   1 
ATOM   360  O O   . GLU A 1 83  ? 23.186  -9.450  5.817   1.00 41.30  ? 516 GLU A O   1 
ATOM   361  C CB  . GLU A 1 83  ? 24.090  -8.068  8.317   1.00 43.94  ? 516 GLU A CB  1 
ATOM   362  C CG  . GLU A 1 83  ? 24.988  -7.517  9.410   1.00 57.58  ? 516 GLU A CG  1 
ATOM   363  C CD  . GLU A 1 83  ? 26.342  -8.197  9.441   1.00 84.09  ? 516 GLU A CD  1 
ATOM   364  O OE1 . GLU A 1 83  ? 27.211  -7.829  8.620   1.00 82.69  ? 516 GLU A OE1 1 
ATOM   365  O OE2 . GLU A 1 83  ? 26.529  -9.113  10.270  1.00 78.31  ? 516 GLU A OE2 1 
ATOM   366  N N   . PHE A 1 84  ? 23.115  -7.328  5.083   1.00 35.59  ? 517 PHE A N   1 
ATOM   367  C CA  . PHE A 1 84  ? 22.069  -7.601  4.101   1.00 33.80  ? 517 PHE A CA  1 
ATOM   368  C C   . PHE A 1 84  ? 22.367  -8.780  3.174   1.00 38.83  ? 517 PHE A C   1 
ATOM   369  O O   . PHE A 1 84  ? 23.373  -8.791  2.463   1.00 38.85  ? 517 PHE A O   1 
ATOM   370  C CB  . PHE A 1 84  ? 21.723  -6.354  3.285   1.00 34.30  ? 517 PHE A CB  1 
ATOM   371  C CG  . PHE A 1 84  ? 20.610  -6.570  2.298   1.00 34.31  ? 517 PHE A CG  1 
ATOM   372  C CD1 . PHE A 1 84  ? 20.877  -7.062  1.027   1.00 35.95  ? 517 PHE A CD1 1 
ATOM   373  C CD2 . PHE A 1 84  ? 19.292  -6.300  2.647   1.00 35.14  ? 517 PHE A CD2 1 
ATOM   374  C CE1 . PHE A 1 84  ? 19.851  -7.268  0.117   1.00 36.43  ? 517 PHE A CE1 1 
ATOM   375  C CE2 . PHE A 1 84  ? 18.262  -6.500  1.742   1.00 37.30  ? 517 PHE A CE2 1 
ATOM   376  C CZ  . PHE A 1 84  ? 18.539  -6.998  0.478   1.00 35.25  ? 517 PHE A CZ  1 
ATOM   377  N N   . ASP A 1 85  ? 21.463  -9.756  3.165   1.00 35.11  ? 518 ASP A N   1 
ATOM   378  C CA  . ASP A 1 85  ? 21.611  -10.936 2.323   1.00 34.93  ? 518 ASP A CA  1 
ATOM   379  C C   . ASP A 1 85  ? 20.315  -11.210 1.564   1.00 37.14  ? 518 ASP A C   1 
ATOM   380  O O   . ASP A 1 85  ? 19.336  -11.701 2.131   1.00 35.83  ? 518 ASP A O   1 
ATOM   381  C CB  . ASP A 1 85  ? 22.000  -12.156 3.166   1.00 37.25  ? 518 ASP A CB  1 
ATOM   382  C CG  . ASP A 1 85  ? 22.145  -13.422 2.332   1.00 48.43  ? 518 ASP A CG  1 
ATOM   383  O OD1 . ASP A 1 85  ? 22.351  -13.302 1.104   1.00 50.33  ? 518 ASP A OD1 1 
ATOM   384  O OD2 . ASP A 1 85  ? 22.044  -14.532 2.900   1.00 52.87  ? 518 ASP A OD2 1 
ATOM   385  N N   . ILE A 1 86  ? 20.319  -10.897 0.275   1.00 33.30  ? 519 ILE A N   1 
ATOM   386  C CA  . ILE A 1 86  ? 19.137  -11.076 -0.554  1.00 33.20  ? 519 ILE A CA  1 
ATOM   387  C C   . ILE A 1 86  ? 18.618  -12.512 -0.550  1.00 35.50  ? 519 ILE A C   1 
ATOM   388  O O   . ILE A 1 86  ? 17.416  -12.746 -0.681  1.00 34.74  ? 519 ILE A O   1 
ATOM   389  C CB  . ILE A 1 86  ? 19.358  -10.535 -1.973  1.00 36.85  ? 519 ILE A CB  1 
ATOM   390  C CG1 . ILE A 1 86  ? 18.017  -10.370 -2.694  1.00 37.69  ? 519 ILE A CG1 1 
ATOM   391  C CG2 . ILE A 1 86  ? 20.302  -11.449 -2.751  1.00 37.91  ? 519 ILE A CG2 1 
ATOM   392  C CD1 . ILE A 1 86  ? 16.965  -9.673  -1.864  1.00 44.77  ? 519 ILE A CD1 1 
ATOM   393  N N   . GLY A 1 87  ? 19.519  -13.473 -0.376  1.00 31.22  ? 520 GLY A N   1 
ATOM   394  C CA  . GLY A 1 87  ? 19.139  -14.875 -0.343  1.00 30.31  ? 520 GLY A CA  1 
ATOM   395  C C   . GLY A 1 87  ? 18.199  -15.227 0.799   1.00 32.97  ? 520 GLY A C   1 
ATOM   396  O O   . GLY A 1 87  ? 17.466  -16.215 0.726   1.00 32.36  ? 520 GLY A O   1 
ATOM   397  N N   . LYS A 1 88  ? 18.201  -14.417 1.854   1.00 28.41  ? 521 LYS A N   1 
ATOM   398  C CA  . LYS A 1 88  ? 17.342  -14.697 3.006   1.00 27.67  ? 521 LYS A CA  1 
ATOM   399  C C   . LYS A 1 88  ? 16.003  -13.968 2.984   1.00 29.19  ? 521 LYS A C   1 
ATOM   400  O O   . LYS A 1 88  ? 15.252  -14.022 3.952   1.00 29.03  ? 521 LYS A O   1 
ATOM   401  C CB  . LYS A 1 88  ? 18.067  -14.400 4.319   1.00 30.41  ? 521 LYS A CB  1 
ATOM   402  C CG  . LYS A 1 88  ? 19.239  -15.328 4.611   1.00 40.99  ? 521 LYS A CG  1 
ATOM   403  C CD  . LYS A 1 88  ? 20.334  -14.578 5.341   1.00 53.28  ? 521 LYS A CD  1 
ATOM   404  C CE  . LYS A 1 88  ? 21.314  -15.525 6.019   1.00 68.74  ? 521 LYS A CE  1 
ATOM   405  N NZ  . LYS A 1 88  ? 22.642  -14.871 6.222   1.00 78.05  ? 521 LYS A NZ  1 
ATOM   406  N N   . LEU A 1 89  ? 15.710  -13.277 1.892   1.00 23.82  ? 522 LEU A N   1 
ATOM   407  C CA  . LEU A 1 89  ? 14.454  -12.548 1.781   1.00 22.87  ? 522 LEU A CA  1 
ATOM   408  C C   . LEU A 1 89  ? 13.270  -13.501 1.940   1.00 26.26  ? 522 LEU A C   1 
ATOM   409  O O   . LEU A 1 89  ? 13.140  -14.481 1.209   1.00 25.68  ? 522 LEU A O   1 
ATOM   410  C CB  . LEU A 1 89  ? 14.383  -11.824 0.433   1.00 22.49  ? 522 LEU A CB  1 
ATOM   411  C CG  . LEU A 1 89  ? 13.089  -11.062 0.138   1.00 26.56  ? 522 LEU A CG  1 
ATOM   412  C CD1 . LEU A 1 89  ? 12.792  -10.041 1.241   1.00 25.48  ? 522 LEU A CD1 1 
ATOM   413  C CD2 . LEU A 1 89  ? 13.182  -10.386 -1.236  1.00 28.63  ? 522 LEU A CD2 1 
ATOM   414  N N   . ARG A 1 90  ? 12.393  -13.213 2.887   1.00 22.88  ? 523 ARG A N   1 
ATOM   415  C CA  . ARG A 1 90  ? 11.252  -14.091 3.118   1.00 22.93  ? 523 ARG A CA  1 
ATOM   416  C C   . ARG A 1 90  ? 10.047  -13.816 2.236   1.00 26.74  ? 523 ARG A C   1 
ATOM   417  O O   . ARG A 1 90  ? 9.189   -14.683 2.074   1.00 26.62  ? 523 ARG A O   1 
ATOM   418  C CB  . ARG A 1 90  ? 10.821  -14.032 4.578   1.00 24.94  ? 523 ARG A CB  1 
ATOM   419  C CG  . ARG A 1 90  ? 11.293  -15.208 5.395   1.00 46.13  ? 523 ARG A CG  1 
ATOM   420  C CD  . ARG A 1 90  ? 10.165  -16.207 5.651   1.00 54.96  ? 523 ARG A CD  1 
ATOM   421  N NE  . ARG A 1 90  ? 9.245   -16.268 4.524   1.00 61.15  ? 523 ARG A NE  1 
ATOM   422  C CZ  . ARG A 1 90  ? 8.084   -16.917 4.533   1.00 65.65  ? 523 ARG A CZ  1 
ATOM   423  N NH1 . ARG A 1 90  ? 7.693   -17.574 5.613   1.00 50.51  ? 523 ARG A NH1 1 
ATOM   424  N NH2 . ARG A 1 90  ? 7.315   -16.907 3.457   1.00 42.40  ? 523 ARG A NH2 1 
ATOM   425  N N   . TYR A 1 91  ? 9.972   -12.606 1.686   1.00 22.66  ? 524 TYR A N   1 
ATOM   426  C CA  . TYR A 1 91  ? 8.816   -12.199 0.880   1.00 21.39  ? 524 TYR A CA  1 
ATOM   427  C C   . TYR A 1 91  ? 9.136   -11.733 -0.540  1.00 25.95  ? 524 TYR A C   1 
ATOM   428  O O   . TYR A 1 91  ? 9.926   -10.813 -0.740  1.00 23.84  ? 524 TYR A O   1 
ATOM   429  C CB  . TYR A 1 91  ? 8.024   -11.119 1.633   1.00 20.71  ? 524 TYR A CB  1 
ATOM   430  C CG  . TYR A 1 91  ? 7.521   -11.598 2.979   1.00 19.37  ? 524 TYR A CG  1 
ATOM   431  C CD1 . TYR A 1 91  ? 6.313   -12.272 3.081   1.00 20.19  ? 524 TYR A CD1 1 
ATOM   432  C CD2 . TYR A 1 91  ? 8.284   -11.434 4.134   1.00 19.55  ? 524 TYR A CD2 1 
ATOM   433  C CE1 . TYR A 1 91  ? 5.867   -12.771 4.290   1.00 19.21  ? 524 TYR A CE1 1 
ATOM   434  C CE2 . TYR A 1 91  ? 7.843   -11.931 5.360   1.00 19.73  ? 524 TYR A CE2 1 
ATOM   435  C CZ  . TYR A 1 91  ? 6.638   -12.617 5.417   1.00 22.44  ? 524 TYR A CZ  1 
ATOM   436  O OH  . TYR A 1 91  ? 6.162   -13.117 6.601   1.00 20.14  ? 524 TYR A OH  1 
ATOM   437  N N   . HIS A 1 92  ? 8.459   -12.333 -1.515  1.00 25.53  ? 525 HIS A N   1 
ATOM   438  C CA  . HIS A 1 92  ? 8.628   -11.972 -2.921  1.00 27.27  ? 525 HIS A CA  1 
ATOM   439  C C   . HIS A 1 92  ? 8.158   -10.539 -3.201  1.00 29.86  ? 525 HIS A C   1 
ATOM   440  O O   . HIS A 1 92  ? 8.723   -9.842  -4.042  1.00 29.40  ? 525 HIS A O   1 
ATOM   441  C CB  . HIS A 1 92  ? 7.843   -12.943 -3.806  1.00 29.68  ? 525 HIS A CB  1 
ATOM   442  C CG  . HIS A 1 92  ? 7.950   -12.648 -5.267  1.00 34.50  ? 525 HIS A CG  1 
ATOM   443  N ND1 . HIS A 1 92  ? 6.850   -12.391 -6.057  1.00 37.31  ? 525 HIS A ND1 1 
ATOM   444  C CD2 . HIS A 1 92  ? 9.029   -12.567 -6.083  1.00 37.81  ? 525 HIS A CD2 1 
ATOM   445  C CE1 . HIS A 1 92  ? 7.245   -12.162 -7.297  1.00 37.51  ? 525 HIS A CE1 1 
ATOM   446  N NE2 . HIS A 1 92  ? 8.563   -12.267 -7.342  1.00 38.01  ? 525 HIS A NE2 1 
ATOM   447  N N   . LYS A 1 93  ? 7.118   -10.109 -2.497  1.00 24.63  ? 526 LYS A N   1 
ATOM   448  C CA  . LYS A 1 93  ? 6.583   -8.767  -2.676  1.00 24.08  ? 526 LYS A CA  1 
ATOM   449  C C   . LYS A 1 93  ? 6.434   -8.101  -1.325  1.00 25.78  ? 526 LYS A C   1 
ATOM   450  O O   . LYS A 1 93  ? 5.994   -8.726  -0.364  1.00 24.50  ? 526 LYS A O   1 
ATOM   451  C CB  . LYS A 1 93  ? 5.188   -8.818  -3.322  1.00 26.94  ? 526 LYS A CB  1 
ATOM   452  C CG  . LYS A 1 93  ? 5.152   -8.648  -4.826  1.00 39.89  ? 526 LYS A CG  1 
ATOM   453  C CD  . LYS A 1 93  ? 3.723   -8.381  -5.299  1.00 45.41  ? 526 LYS A CD  1 
ATOM   454  C CE  . LYS A 1 93  ? 3.607   -8.487  -6.810  1.00 53.33  ? 526 LYS A CE  1 
ATOM   455  N NZ  . LYS A 1 93  ? 4.000   -9.838  -7.305  1.00 62.27  ? 526 LYS A NZ  1 
ATOM   456  N N   . ILE A 1 94  ? 6.756   -6.816  -1.282  1.00 21.64  ? 527 ILE A N   1 
ATOM   457  C CA  . ILE A 1 94  ? 6.579   -5.996  -0.099  1.00 21.35  ? 527 ILE A CA  1 
ATOM   458  C C   . ILE A 1 94  ? 5.648   -4.867  -0.542  1.00 24.08  ? 527 ILE A C   1 
ATOM   459  O O   . ILE A 1 94  ? 5.990   -4.108  -1.434  1.00 23.37  ? 527 ILE A O   1 
ATOM   460  C CB  . ILE A 1 94  ? 7.920   -5.459  0.390   1.00 24.93  ? 527 ILE A CB  1 
ATOM   461  C CG1 . ILE A 1 94  ? 8.844   -6.634  0.750   1.00 26.05  ? 527 ILE A CG1 1 
ATOM   462  C CG2 . ILE A 1 94  ? 7.710   -4.506  1.566   1.00 25.30  ? 527 ILE A CG2 1 
ATOM   463  C CD1 . ILE A 1 94  ? 10.303  -6.427  0.348   1.00 32.35  ? 527 ILE A CD1 1 
ATOM   464  N N   . VAL A 1 95  ? 4.454   -4.793  0.040   1.00 20.38  ? 528 VAL A N   1 
ATOM   465  C CA  . VAL A 1 95  ? 3.472   -3.790  -0.369  1.00 19.01  ? 528 VAL A CA  1 
ATOM   466  C C   . VAL A 1 95  ? 3.173   -2.790  0.734   1.00 23.76  ? 528 VAL A C   1 
ATOM   467  O O   . VAL A 1 95  ? 2.740   -3.167  1.821   1.00 22.62  ? 528 VAL A O   1 
ATOM   468  C CB  . VAL A 1 95  ? 2.171   -4.455  -0.862  1.00 22.11  ? 528 VAL A CB  1 
ATOM   469  C CG1 . VAL A 1 95  ? 1.193   -3.414  -1.417  1.00 21.83  ? 528 VAL A CG1 1 
ATOM   470  C CG2 . VAL A 1 95  ? 2.463   -5.547  -1.886  1.00 21.30  ? 528 VAL A CG2 1 
ATOM   471  N N   . LEU A 1 96  ? 3.392   -1.510  0.445   1.00 21.52  ? 529 LEU A N   1 
ATOM   472  C CA  . LEU A 1 96  ? 3.083   -0.457  1.399   1.00 22.23  ? 529 LEU A CA  1 
ATOM   473  C C   . LEU A 1 96  ? 1.690   0.083   1.097   1.00 26.06  ? 529 LEU A C   1 
ATOM   474  O O   . LEU A 1 96  ? 1.383   0.430   -0.042  1.00 24.87  ? 529 LEU A O   1 
ATOM   475  C CB  . LEU A 1 96  ? 4.097   0.679   1.307   1.00 23.17  ? 529 LEU A CB  1 
ATOM   476  C CG  . LEU A 1 96  ? 5.588   0.328   1.281   1.00 29.00  ? 529 LEU A CG  1 
ATOM   477  C CD1 . LEU A 1 96  ? 6.392   1.559   1.716   1.00 30.09  ? 529 LEU A CD1 1 
ATOM   478  C CD2 . LEU A 1 96  ? 5.885   -0.852  2.179   1.00 30.52  ? 529 LEU A CD2 1 
ATOM   479  N N   . MET A 1 97  ? 0.854   0.155   2.123   1.00 25.07  ? 530 MET A N   1 
ATOM   480  C CA  . MET A 1 97  ? -0.506  0.660   1.972   1.00 26.25  ? 530 MET A CA  1 
ATOM   481  C C   . MET A 1 97  ? -0.796  1.714   3.031   1.00 29.24  ? 530 MET A C   1 
ATOM   482  O O   . MET A 1 97  ? -0.732  1.444   4.232   1.00 27.92  ? 530 MET A O   1 
ATOM   483  C CB  . MET A 1 97  ? -1.516  -0.486  2.080   1.00 29.70  ? 530 MET A CB  1 
ATOM   484  C CG  . MET A 1 97  ? -2.942  -0.089  1.739   1.00 35.32  ? 530 MET A CG  1 
ATOM   485  S SD  . MET A 1 97  ? -4.012  -1.535  1.485   1.00 41.60  ? 530 MET A SD  1 
ATOM   486  C CE  . MET A 1 97  ? -3.924  -2.324  3.107   1.00 38.15  ? 530 MET A CE  1 
ATOM   487  N N   . ALA A 1 98  ? -1.111  2.923   2.580   1.00 26.64  ? 531 ALA A N   1 
ATOM   488  C CA  . ALA A 1 98  ? -1.401  4.020   3.493   1.00 27.20  ? 531 ALA A CA  1 
ATOM   489  C C   . ALA A 1 98  ? -2.399  4.992   2.874   1.00 32.01  ? 531 ALA A C   1 
ATOM   490  O O   . ALA A 1 98  ? -2.679  4.928   1.676   1.00 29.99  ? 531 ALA A O   1 
ATOM   491  C CB  . ALA A 1 98  ? -0.128  4.745   3.852   1.00 28.03  ? 531 ALA A CB  1 
ATOM   492  N N   . ASP A 1 99  ? -2.924  5.895   3.700   1.00 30.84  ? 532 ASP A N   1 
ATOM   493  C CA  . ASP A 1 99  ? -3.864  6.912   3.230   1.00 32.17  ? 532 ASP A CA  1 
ATOM   494  C C   . ASP A 1 99  ? -3.140  7.898   2.312   1.00 38.34  ? 532 ASP A C   1 
ATOM   495  O O   . ASP A 1 99  ? -1.945  8.147   2.479   1.00 38.40  ? 532 ASP A O   1 
ATOM   496  C CB  . ASP A 1 99  ? -4.457  7.669   4.422   1.00 34.33  ? 532 ASP A CB  1 
ATOM   497  C CG  . ASP A 1 99  ? -5.417  6.821   5.232   1.00 45.86  ? 532 ASP A CG  1 
ATOM   498  O OD1 . ASP A 1 99  ? -5.627  7.132   6.424   1.00 46.45  ? 532 ASP A OD1 1 
ATOM   499  O OD2 . ASP A 1 99  ? -5.958  5.841   4.675   1.00 51.83  ? 532 ASP A OD2 1 
ATOM   500  N N   . ALA A 1 100 ? -3.865  8.471   1.357   1.00 36.95  ? 533 ALA A N   1 
ATOM   501  C CA  . ALA A 1 100 ? -3.276  9.429   0.423   1.00 37.89  ? 533 ALA A CA  1 
ATOM   502  C C   . ALA A 1 100 ? -3.027  10.819  1.014   1.00 43.46  ? 533 ALA A C   1 
ATOM   503  O O   . ALA A 1 100 ? -2.557  11.714  0.314   1.00 44.47  ? 533 ALA A O   1 
ATOM   504  C CB  . ALA A 1 100 ? -4.106  9.526   -0.851  1.00 38.75  ? 533 ALA A CB  1 
ATOM   505  N N   . ASP A 1 101 ? -3.313  10.991  2.302   1.00 40.01  ? 534 ASP A N   1 
ATOM   506  C CA  . ASP A 1 101 ? -3.100  12.270  2.981   1.00 39.79  ? 534 ASP A CA  1 
ATOM   507  C C   . ASP A 1 101 ? -1.687  12.399  3.573   1.00 43.57  ? 534 ASP A C   1 
ATOM   508  O O   . ASP A 1 101 ? -0.897  11.451  3.542   1.00 42.18  ? 534 ASP A O   1 
ATOM   509  C CB  . ASP A 1 101 ? -4.148  12.466  4.079   1.00 41.64  ? 534 ASP A CB  1 
ATOM   510  C CG  . ASP A 1 101 ? -3.974  11.498  5.231   1.00 53.94  ? 534 ASP A CG  1 
ATOM   511  O OD1 . ASP A 1 101 ? -4.681  11.649  6.249   1.00 56.33  ? 534 ASP A OD1 1 
ATOM   512  O OD2 . ASP A 1 101 ? -3.124  10.591  5.127   1.00 60.23  ? 534 ASP A OD2 1 
ATOM   513  N N   . VAL A 1 102 ? -1.383  13.568  4.131   1.00 40.38  ? 535 VAL A N   1 
ATOM   514  C CA  . VAL A 1 102 ? -0.061  13.821  4.700   1.00 40.63  ? 535 VAL A CA  1 
ATOM   515  C C   . VAL A 1 102 ? 0.385   12.749  5.697   1.00 44.40  ? 535 VAL A C   1 
ATOM   516  O O   . VAL A 1 102 ? 1.508   12.242  5.617   1.00 42.86  ? 535 VAL A O   1 
ATOM   517  C CB  . VAL A 1 102 ? 0.070   15.255  5.274   1.00 44.69  ? 535 VAL A CB  1 
ATOM   518  C CG1 . VAL A 1 102 ? 1.362   15.396  6.062   1.00 44.47  ? 535 VAL A CG1 1 
ATOM   519  C CG2 . VAL A 1 102 ? 0.023   16.288  4.149   1.00 44.46  ? 535 VAL A CG2 1 
ATOM   520  N N   . ASP A 1 103 ? -0.498  12.408  6.631   1.00 41.36  ? 536 ASP A N   1 
ATOM   521  C CA  . ASP A 1 103 ? -0.206  11.384  7.631   1.00 41.54  ? 536 ASP A CA  1 
ATOM   522  C C   . ASP A 1 103 ? 0.205   10.066  6.962   1.00 44.12  ? 536 ASP A C   1 
ATOM   523  O O   . ASP A 1 103 ? 1.113   9.377   7.422   1.00 44.13  ? 536 ASP A O   1 
ATOM   524  C CB  . ASP A 1 103 ? -1.424  11.150  8.534   1.00 44.44  ? 536 ASP A CB  1 
ATOM   525  C CG  . ASP A 1 103 ? -2.340  12.376  8.633   1.00 63.66  ? 536 ASP A CG  1 
ATOM   526  O OD1 . ASP A 1 103 ? -2.090  13.388  7.940   1.00 65.98  ? 536 ASP A OD1 1 
ATOM   527  O OD2 . ASP A 1 103 ? -3.327  12.319  9.399   1.00 70.79  ? 536 ASP A OD2 1 
ATOM   528  N N   . GLY A 1 104 ? -0.476  9.720   5.876   1.00 39.30  ? 537 GLY A N   1 
ATOM   529  C CA  . GLY A 1 104 ? -0.193  8.506   5.132   1.00 38.77  ? 537 GLY A CA  1 
ATOM   530  C C   . GLY A 1 104 ? 1.117   8.609   4.373   1.00 40.78  ? 537 GLY A C   1 
ATOM   531  O O   . GLY A 1 104 ? 1.901   7.661   4.339   1.00 39.65  ? 537 GLY A O   1 
ATOM   532  N N   . GLN A 1 105 ? 1.354   9.773   3.772   1.00 36.43  ? 538 GLN A N   1 
ATOM   533  C CA  . GLN A 1 105 ? 2.581   10.027  3.022   1.00 36.23  ? 538 GLN A CA  1 
ATOM   534  C C   . GLN A 1 105 ? 3.793   9.889   3.932   1.00 40.77  ? 538 GLN A C   1 
ATOM   535  O O   . GLN A 1 105 ? 4.825   9.353   3.531   1.00 39.53  ? 538 GLN A O   1 
ATOM   536  C CB  . GLN A 1 105 ? 2.569   11.440  2.430   1.00 37.16  ? 538 GLN A CB  1 
ATOM   537  C CG  . GLN A 1 105 ? 1.610   11.650  1.271   1.00 45.19  ? 538 GLN A CG  1 
ATOM   538  C CD  . GLN A 1 105 ? 1.313   13.127  1.024   1.00 56.26  ? 538 GLN A CD  1 
ATOM   539  O OE1 . GLN A 1 105 ? 2.060   14.010  1.463   1.00 44.56  ? 538 GLN A OE1 1 
ATOM   540  N NE2 . GLN A 1 105 ? 0.213   13.400  0.327   1.00 48.30  ? 538 GLN A NE2 1 
ATOM   541  N N   . HIS A 1 106 ? 3.667   10.406  5.149   1.00 39.27  ? 539 HIS A N   1 
ATOM   542  C CA  . HIS A 1 106 ? 4.751   10.368  6.121   1.00 40.20  ? 539 HIS A CA  1 
ATOM   543  C C   . HIS A 1 106 ? 5.299   8.964   6.378   1.00 44.65  ? 539 HIS A C   1 
ATOM   544  O O   . HIS A 1 106 ? 6.508   8.750   6.318   1.00 43.93  ? 539 HIS A O   1 
ATOM   545  C CB  . HIS A 1 106 ? 4.336   11.037  7.432   1.00 41.41  ? 539 HIS A CB  1 
ATOM   546  C CG  . HIS A 1 106 ? 4.436   12.532  7.403   1.00 45.41  ? 539 HIS A CG  1 
ATOM   547  N ND1 . HIS A 1 106 ? 4.914   13.226  6.310   1.00 47.58  ? 539 HIS A ND1 1 
ATOM   548  C CD2 . HIS A 1 106 ? 4.122   13.466  8.331   1.00 47.49  ? 539 HIS A CD2 1 
ATOM   549  C CE1 . HIS A 1 106 ? 4.895   14.522  6.570   1.00 47.05  ? 539 HIS A CE1 1 
ATOM   550  N NE2 . HIS A 1 106 ? 4.420   14.695  7.790   1.00 47.38  ? 539 HIS A NE2 1 
ATOM   551  N N   . ILE A 1 107 ? 4.423   8.006   6.668   1.00 41.77  ? 540 ILE A N   1 
ATOM   552  C CA  . ILE A 1 107 ? 4.890   6.642   6.925   1.00 41.44  ? 540 ILE A CA  1 
ATOM   553  C C   . ILE A 1 107 ? 5.454   6.000   5.663   1.00 42.34  ? 540 ILE A C   1 
ATOM   554  O O   . ILE A 1 107 ? 6.478   5.324   5.701   1.00 42.43  ? 540 ILE A O   1 
ATOM   555  C CB  . ILE A 1 107 ? 3.824   5.749   7.622   1.00 45.13  ? 540 ILE A CB  1 
ATOM   556  C CG1 . ILE A 1 107 ? 3.074   4.896   6.596   1.00 46.00  ? 540 ILE A CG1 1 
ATOM   557  C CG2 . ILE A 1 107 ? 2.871   6.589   8.463   1.00 46.20  ? 540 ILE A CG2 1 
ATOM   558  C CD1 . ILE A 1 107 ? 1.988   4.025   7.195   1.00 53.73  ? 540 ILE A CD1 1 
ATOM   559  N N   . SER A 1 108 ? 4.789   6.213   4.540   1.00 36.77  ? 541 SER A N   1 
ATOM   560  C CA  . SER A 1 108 ? 5.286   5.672   3.286   1.00 36.11  ? 541 SER A CA  1 
ATOM   561  C C   . SER A 1 108 ? 6.659   6.290   3.002   1.00 38.75  ? 541 SER A C   1 
ATOM   562  O O   . SER A 1 108 ? 7.547   5.634   2.458   1.00 38.76  ? 541 SER A O   1 
ATOM   563  C CB  . SER A 1 108 ? 4.309   5.972   2.152   1.00 39.82  ? 541 SER A CB  1 
ATOM   564  O OG  . SER A 1 108 ? 4.978   6.547   1.049   1.00 49.35  ? 541 SER A OG  1 
ATOM   565  N N   . THR A 1 109 ? 6.839   7.542   3.418   1.00 32.72  ? 542 THR A N   1 
ATOM   566  C CA  . THR A 1 109 ? 8.104   8.245   3.237   1.00 31.85  ? 542 THR A CA  1 
ATOM   567  C C   . THR A 1 109 ? 9.175   7.612   4.117   1.00 35.27  ? 542 THR A C   1 
ATOM   568  O O   . THR A 1 109 ? 10.257  7.271   3.651   1.00 33.18  ? 542 THR A O   1 
ATOM   569  C CB  . THR A 1 109 ? 7.962   9.749   3.566   1.00 35.34  ? 542 THR A CB  1 
ATOM   570  O OG1 . THR A 1 109 ? 7.306   10.418  2.484   1.00 30.52  ? 542 THR A OG1 1 
ATOM   571  C CG2 . THR A 1 109 ? 9.325   10.377  3.778   1.00 34.26  ? 542 THR A CG2 1 
ATOM   572  N N   . LEU A 1 110 ? 8.862   7.462   5.398   1.00 32.78  ? 543 LEU A N   1 
ATOM   573  C CA  . LEU A 1 110 ? 9.791   6.869   6.348   1.00 33.42  ? 543 LEU A CA  1 
ATOM   574  C C   . LEU A 1 110 ? 10.189  5.442   5.971   1.00 36.55  ? 543 LEU A C   1 
ATOM   575  O O   . LEU A 1 110 ? 11.350  5.056   6.107   1.00 36.02  ? 543 LEU A O   1 
ATOM   576  C CB  . LEU A 1 110 ? 9.195   6.900   7.755   1.00 33.99  ? 543 LEU A CB  1 
ATOM   577  C CG  . LEU A 1 110 ? 9.873   6.016   8.797   1.00 39.56  ? 543 LEU A CG  1 
ATOM   578  C CD1 . LEU A 1 110 ? 11.305  6.482   9.018   1.00 43.13  ? 543 LEU A CD1 1 
ATOM   579  C CD2 . LEU A 1 110 ? 9.082   6.044   10.102  1.00 39.80  ? 543 LEU A CD2 1 
ATOM   580  N N   . LEU A 1 111 ? 9.229   4.665   5.490   1.00 33.10  ? 544 LEU A N   1 
ATOM   581  C CA  . LEU A 1 111 ? 9.486   3.277   5.114   1.00 33.38  ? 544 LEU A CA  1 
ATOM   582  C C   . LEU A 1 111 ? 10.353  3.165   3.868   1.00 35.08  ? 544 LEU A C   1 
ATOM   583  O O   . LEU A 1 111 ? 11.271  2.349   3.811   1.00 34.80  ? 544 LEU A O   1 
ATOM   584  C CB  . LEU A 1 111 ? 8.175   2.519   4.902   1.00 33.85  ? 544 LEU A CB  1 
ATOM   585  C CG  . LEU A 1 111 ? 8.222   1.011   5.151   1.00 39.80  ? 544 LEU A CG  1 
ATOM   586  C CD1 . LEU A 1 111 ? 9.185   0.675   6.280   1.00 40.25  ? 544 LEU A CD1 1 
ATOM   587  C CD2 . LEU A 1 111 ? 6.829   0.472   5.448   1.00 42.64  ? 544 LEU A CD2 1 
ATOM   588  N N   . LEU A 1 112 ? 10.047  3.975   2.863   1.00 29.66  ? 545 LEU A N   1 
ATOM   589  C CA  . LEU A 1 112 ? 10.826  3.971   1.629   1.00 28.68  ? 545 LEU A CA  1 
ATOM   590  C C   . LEU A 1 112 ? 12.287  4.372   1.859   1.00 31.07  ? 545 LEU A C   1 
ATOM   591  O O   . LEU A 1 112 ? 13.185  3.830   1.211   1.00 30.41  ? 545 LEU A O   1 
ATOM   592  C CB  . LEU A 1 112 ? 10.164  4.838   0.552   1.00 28.29  ? 545 LEU A CB  1 
ATOM   593  C CG  . LEU A 1 112 ? 8.933   4.205   -0.107  1.00 31.40  ? 545 LEU A CG  1 
ATOM   594  C CD1 . LEU A 1 112 ? 8.556   4.925   -1.397  1.00 31.27  ? 545 LEU A CD1 1 
ATOM   595  C CD2 . LEU A 1 112 ? 9.189   2.741   -0.379  1.00 31.52  ? 545 LEU A CD2 1 
ATOM   596  N N   . THR A 1 113 ? 12.538  5.280   2.799   1.00 27.23  ? 546 THR A N   1 
ATOM   597  C CA  . THR A 1 113 ? 13.920  5.669   3.069   1.00 27.70  ? 546 THR A CA  1 
ATOM   598  C C   . THR A 1 113 ? 14.712  4.620   3.846   1.00 33.42  ? 546 THR A C   1 
ATOM   599  O O   . THR A 1 113 ? 15.891  4.404   3.583   1.00 33.19  ? 546 THR A O   1 
ATOM   600  C CB  . THR A 1 113 ? 14.118  7.128   3.567   1.00 35.56  ? 546 THR A CB  1 
ATOM   601  O OG1 . THR A 1 113 ? 14.606  7.147   4.914   1.00 43.41  ? 546 THR A OG1 1 
ATOM   602  C CG2 . THR A 1 113 ? 12.867  7.934   3.462   1.00 28.47  ? 546 THR A CG2 1 
ATOM   603  N N   . LEU A 1 114 ? 14.044  3.931   4.763   1.00 31.24  ? 547 LEU A N   1 
ATOM   604  C CA  . LEU A 1 114 ? 14.687  2.858   5.516   1.00 32.08  ? 547 LEU A CA  1 
ATOM   605  C C   . LEU A 1 114 ? 15.160  1.802   4.518   1.00 34.04  ? 547 LEU A C   1 
ATOM   606  O O   . LEU A 1 114 ? 16.287  1.312   4.595   1.00 34.36  ? 547 LEU A O   1 
ATOM   607  C CB  . LEU A 1 114 ? 13.696  2.231   6.499   1.00 32.88  ? 547 LEU A CB  1 
ATOM   608  C CG  . LEU A 1 114 ? 14.087  2.286   7.974   1.00 39.20  ? 547 LEU A CG  1 
ATOM   609  C CD1 . LEU A 1 114 ? 15.134  3.365   8.205   1.00 39.70  ? 547 LEU A CD1 1 
ATOM   610  C CD2 . LEU A 1 114 ? 12.862  2.522   8.845   1.00 43.07  ? 547 LEU A CD2 1 
ATOM   611  N N   . LEU A 1 115 ? 14.300  1.488   3.557   1.00 28.67  ? 548 LEU A N   1 
ATOM   612  C CA  . LEU A 1 115 ? 14.616  0.501   2.533   1.00 28.47  ? 548 LEU A CA  1 
ATOM   613  C C   . LEU A 1 115 ? 15.746  0.969   1.624   1.00 32.39  ? 548 LEU A C   1 
ATOM   614  O O   . LEU A 1 115 ? 16.645  0.204   1.288   1.00 31.68  ? 548 LEU A O   1 
ATOM   615  C CB  . LEU A 1 115 ? 13.369  0.172   1.699   1.00 28.34  ? 548 LEU A CB  1 
ATOM   616  C CG  . LEU A 1 115 ? 12.227  -0.504  2.471   1.00 33.07  ? 548 LEU A CG  1 
ATOM   617  C CD1 . LEU A 1 115 ? 11.085  -0.883  1.541   1.00 32.83  ? 548 LEU A CD1 1 
ATOM   618  C CD2 . LEU A 1 115 ? 12.738  -1.740  3.208   1.00 35.83  ? 548 LEU A CD2 1 
ATOM   619  N N   . PHE A 1 116 ? 15.678  2.230   1.217   1.00 29.04  ? 549 PHE A N   1 
ATOM   620  C CA  . PHE A 1 116 ? 16.668  2.821   0.324   1.00 28.52  ? 549 PHE A CA  1 
ATOM   621  C C   . PHE A 1 116 ? 18.046  2.911   0.977   1.00 32.37  ? 549 PHE A C   1 
ATOM   622  O O   . PHE A 1 116 ? 19.064  2.764   0.311   1.00 30.88  ? 549 PHE A O   1 
ATOM   623  C CB  . PHE A 1 116 ? 16.203  4.220   -0.086  1.00 29.89  ? 549 PHE A CB  1 
ATOM   624  C CG  . PHE A 1 116 ? 17.113  4.909   -1.061  1.00 30.64  ? 549 PHE A CG  1 
ATOM   625  C CD1 . PHE A 1 116 ? 17.134  4.533   -2.390  1.00 33.45  ? 549 PHE A CD1 1 
ATOM   626  C CD2 . PHE A 1 116 ? 17.877  5.993   -0.661  1.00 32.91  ? 549 PHE A CD2 1 
ATOM   627  C CE1 . PHE A 1 116 ? 17.937  5.199   -3.300  1.00 34.45  ? 549 PHE A CE1 1 
ATOM   628  C CE2 . PHE A 1 116 ? 18.684  6.672   -1.568  1.00 35.61  ? 549 PHE A CE2 1 
ATOM   629  C CZ  . PHE A 1 116 ? 18.709  6.276   -2.888  1.00 33.60  ? 549 PHE A CZ  1 
ATOM   630  N N   . ARG A 1 117 ? 18.072  3.174   2.275   1.00 30.93  ? 550 ARG A N   1 
ATOM   631  C CA  . ARG A 1 117 ? 19.334  3.318   2.999   1.00 31.92  ? 550 ARG A CA  1 
ATOM   632  C C   . ARG A 1 117 ? 19.958  2.028   3.527   1.00 37.93  ? 550 ARG A C   1 
ATOM   633  O O   . ARG A 1 117 ? 21.183  1.932   3.612   1.00 38.32  ? 550 ARG A O   1 
ATOM   634  C CB  . ARG A 1 117 ? 19.181  4.311   4.152   1.00 32.16  ? 550 ARG A CB  1 
ATOM   635  C CG  . ARG A 1 117 ? 18.974  5.754   3.705   1.00 42.82  ? 550 ARG A CG  1 
ATOM   636  C CD  . ARG A 1 117 ? 19.028  6.705   4.888   1.00 49.99  ? 550 ARG A CD  1 
ATOM   637  N NE  . ARG A 1 117 ? 18.644  8.062   4.514   1.00 55.80  ? 550 ARG A NE  1 
ATOM   638  C CZ  . ARG A 1 117 ? 18.577  9.082   5.363   1.00 63.87  ? 550 ARG A CZ  1 
ATOM   639  N NH1 . ARG A 1 117 ? 18.870  8.901   6.642   1.00 45.77  ? 550 ARG A NH1 1 
ATOM   640  N NH2 . ARG A 1 117 ? 18.214  10.283  4.933   1.00 51.73  ? 550 ARG A NH2 1 
ATOM   641  N N   . PHE A 1 118 ? 19.130  1.057   3.909   1.00 34.79  ? 551 PHE A N   1 
ATOM   642  C CA  . PHE A 1 118 ? 19.639  -0.175  4.510   1.00 34.74  ? 551 PHE A CA  1 
ATOM   643  C C   . PHE A 1 118 ? 19.270  -1.504  3.857   1.00 35.56  ? 551 PHE A C   1 
ATOM   644  O O   . PHE A 1 118 ? 19.760  -2.548  4.278   1.00 35.04  ? 551 PHE A O   1 
ATOM   645  C CB  . PHE A 1 118 ? 19.279  -0.215  5.993   1.00 37.49  ? 551 PHE A CB  1 
ATOM   646  C CG  . PHE A 1 118 ? 19.573  1.065   6.716   1.00 40.13  ? 551 PHE A CG  1 
ATOM   647  C CD1 . PHE A 1 118 ? 18.568  1.746   7.379   1.00 44.12  ? 551 PHE A CD1 1 
ATOM   648  C CD2 . PHE A 1 118 ? 20.852  1.599   6.714   1.00 43.02  ? 551 PHE A CD2 1 
ATOM   649  C CE1 . PHE A 1 118 ? 18.834  2.939   8.033   1.00 45.28  ? 551 PHE A CE1 1 
ATOM   650  C CE2 . PHE A 1 118 ? 21.126  2.782   7.377   1.00 46.22  ? 551 PHE A CE2 1 
ATOM   651  C CZ  . PHE A 1 118 ? 20.116  3.454   8.034   1.00 44.26  ? 551 PHE A CZ  1 
ATOM   652  N N   . MET A 1 119 ? 18.408  -1.473  2.845   1.00 29.87  ? 552 MET A N   1 
ATOM   653  C CA  . MET A 1 119 ? 17.977  -2.691  2.166   1.00 28.71  ? 552 MET A CA  1 
ATOM   654  C C   . MET A 1 119 ? 17.728  -2.401  0.698   1.00 30.86  ? 552 MET A C   1 
ATOM   655  O O   . MET A 1 119 ? 16.807  -2.954  0.091   1.00 29.40  ? 552 MET A O   1 
ATOM   656  C CB  . MET A 1 119 ? 16.696  -3.233  2.809   1.00 31.10  ? 552 MET A CB  1 
ATOM   657  C CG  . MET A 1 119 ? 16.840  -3.552  4.288   1.00 35.31  ? 552 MET A CG  1 
ATOM   658  S SD  . MET A 1 119 ? 15.274  -3.909  5.128   1.00 39.99  ? 552 MET A SD  1 
ATOM   659  C CE  . MET A 1 119 ? 15.256  -5.684  5.049   1.00 37.01  ? 552 MET A CE  1 
ATOM   660  N N   . ARG A 1 120 ? 18.553  -1.526  0.133   1.00 26.94  ? 553 ARG A N   1 
ATOM   661  C CA  . ARG A 1 120 ? 18.401  -1.095  -1.253  1.00 26.77  ? 553 ARG A CA  1 
ATOM   662  C C   . ARG A 1 120 ? 18.140  -2.155  -2.315  1.00 30.43  ? 553 ARG A C   1 
ATOM   663  O O   . ARG A 1 120 ? 17.373  -1.925  -3.241  1.00 30.88  ? 553 ARG A O   1 
ATOM   664  C CB  . ARG A 1 120 ? 19.545  -0.170  -1.675  1.00 29.21  ? 553 ARG A CB  1 
ATOM   665  C CG  . ARG A 1 120 ? 19.364  0.418   -3.071  1.00 40.22  ? 553 ARG A CG  1 
ATOM   666  C CD  . ARG A 1 120 ? 20.347  1.552   -3.349  1.00 49.12  ? 553 ARG A CD  1 
ATOM   667  N NE  . ARG A 1 120 ? 20.515  2.446   -2.205  1.00 51.43  ? 553 ARG A NE  1 
ATOM   668  C CZ  . ARG A 1 120 ? 21.071  3.652   -2.275  1.00 61.37  ? 553 ARG A CZ  1 
ATOM   669  N NH1 . ARG A 1 120 ? 21.506  4.115   -3.439  1.00 41.94  ? 553 ARG A NH1 1 
ATOM   670  N NH2 . ARG A 1 120 ? 21.195  4.395   -1.183  1.00 50.64  ? 553 ARG A NH2 1 
ATOM   671  N N   . PRO A 1 121 ? 18.789  -3.325  -2.217  1.00 27.31  ? 554 PRO A N   1 
ATOM   672  C CA  . PRO A 1 121 ? 18.502  -4.266  -3.310  1.00 26.85  ? 554 PRO A CA  1 
ATOM   673  C C   . PRO A 1 121 ? 17.040  -4.720  -3.392  1.00 30.40  ? 554 PRO A C   1 
ATOM   674  O O   . PRO A 1 121 ? 16.583  -5.169  -4.446  1.00 30.73  ? 554 PRO A O   1 
ATOM   675  C CB  . PRO A 1 121 ? 19.446  -5.442  -3.014  1.00 28.70  ? 554 PRO A CB  1 
ATOM   676  C CG  . PRO A 1 121 ? 20.587  -4.816  -2.292  1.00 32.88  ? 554 PRO A CG  1 
ATOM   677  C CD  . PRO A 1 121 ? 19.956  -3.755  -1.424  1.00 28.83  ? 554 PRO A CD  1 
ATOM   678  N N   . LEU A 1 122 ? 16.297  -4.588  -2.297  1.00 25.43  ? 555 LEU A N   1 
ATOM   679  C CA  . LEU A 1 122 ? 14.879  -4.939  -2.322  1.00 24.58  ? 555 LEU A CA  1 
ATOM   680  C C   . LEU A 1 122 ? 14.172  -4.027  -3.328  1.00 28.06  ? 555 LEU A C   1 
ATOM   681  O O   . LEU A 1 122 ? 13.270  -4.456  -4.046  1.00 26.42  ? 555 LEU A O   1 
ATOM   682  C CB  . LEU A 1 122 ? 14.248  -4.770  -0.940  1.00 24.28  ? 555 LEU A CB  1 
ATOM   683  C CG  . LEU A 1 122 ? 14.742  -5.722  0.144   1.00 29.04  ? 555 LEU A CG  1 
ATOM   684  C CD1 . LEU A 1 122 ? 13.842  -5.643  1.369   1.00 29.18  ? 555 LEU A CD1 1 
ATOM   685  C CD2 . LEU A 1 122 ? 14.817  -7.148  -0.402  1.00 29.98  ? 555 LEU A CD2 1 
ATOM   686  N N   . ILE A 1 123 ? 14.603  -2.769  -3.388  1.00 25.68  ? 556 ILE A N   1 
ATOM   687  C CA  . ILE A 1 123 ? 14.029  -1.819  -4.340  1.00 25.89  ? 556 ILE A CA  1 
ATOM   688  C C   . ILE A 1 123 ? 14.568  -2.069  -5.749  1.00 30.71  ? 556 ILE A C   1 
ATOM   689  O O   . ILE A 1 123 ? 13.801  -2.292  -6.693  1.00 29.34  ? 556 ILE A O   1 
ATOM   690  C CB  . ILE A 1 123 ? 14.262  -0.355  -3.899  1.00 28.96  ? 556 ILE A CB  1 
ATOM   691  C CG1 . ILE A 1 123 ? 13.533  -0.066  -2.589  1.00 29.07  ? 556 ILE A CG1 1 
ATOM   692  C CG2 . ILE A 1 123 ? 13.777  0.615   -4.980  1.00 29.59  ? 556 ILE A CG2 1 
ATOM   693  C CD1 . ILE A 1 123 ? 14.198  1.000   -1.749  1.00 32.85  ? 556 ILE A CD1 1 
ATOM   694  N N   . GLU A 1 124 ? 15.891  -2.050  -5.894  1.00 28.85  ? 557 GLU A N   1 
ATOM   695  C CA  . GLU A 1 124 ? 16.491  -2.272  -7.206  1.00 28.97  ? 557 GLU A CA  1 
ATOM   696  C C   . GLU A 1 124 ? 16.015  -3.562  -7.852  1.00 32.27  ? 557 GLU A C   1 
ATOM   697  O O   . GLU A 1 124 ? 15.901  -3.640  -9.070  1.00 32.30  ? 557 GLU A O   1 
ATOM   698  C CB  . GLU A 1 124 ? 18.024  -2.267  -7.149  1.00 30.99  ? 557 GLU A CB  1 
ATOM   699  C CG  . GLU A 1 124 ? 18.633  -1.853  -5.827  1.00 44.60  ? 557 GLU A CG  1 
ATOM   700  C CD  . GLU A 1 124 ? 20.120  -2.181  -5.759  1.00 74.02  ? 557 GLU A CD  1 
ATOM   701  O OE1 . GLU A 1 124 ? 20.903  -1.325  -5.291  1.00 69.65  ? 557 GLU A OE1 1 
ATOM   702  O OE2 . GLU A 1 124 ? 20.507  -3.288  -6.200  1.00 69.97  ? 557 GLU A OE2 1 
ATOM   703  N N   . ASN A 1 125 ? 15.756  -4.584  -7.044  1.00 28.72  ? 558 ASN A N   1 
ATOM   704  C CA  . ASN A 1 125 ? 15.311  -5.860  -7.584  1.00 28.61  ? 558 ASN A CA  1 
ATOM   705  C C   . ASN A 1 125 ? 13.804  -5.921  -7.846  1.00 33.05  ? 558 ASN A C   1 
ATOM   706  O O   . ASN A 1 125 ? 13.289  -6.944  -8.306  1.00 33.69  ? 558 ASN A O   1 
ATOM   707  C CB  . ASN A 1 125 ? 15.798  -7.032  -6.719  1.00 29.59  ? 558 ASN A CB  1 
ATOM   708  C CG  . ASN A 1 125 ? 17.311  -7.233  -6.805  1.00 47.52  ? 558 ASN A CG  1 
ATOM   709  O OD1 . ASN A 1 125 ? 18.024  -6.401  -7.360  1.00 41.30  ? 558 ASN A OD1 1 
ATOM   710  N ND2 . ASN A 1 125 ? 17.801  -8.335  -6.252  1.00 36.17  ? 558 ASN A ND2 1 
ATOM   711  N N   . GLY A 1 126 ? 13.103  -4.818  -7.590  1.00 28.21  ? 559 GLY A N   1 
ATOM   712  C CA  . GLY A 1 126 ? 11.674  -4.727  -7.861  1.00 27.31  ? 559 GLY A CA  1 
ATOM   713  C C   . GLY A 1 126 ? 10.742  -5.488  -6.931  1.00 29.86  ? 559 GLY A C   1 
ATOM   714  O O   . GLY A 1 126 ? 9.705   -5.990  -7.364  1.00 29.86  ? 559 GLY A O   1 
ATOM   715  N N   . HIS A 1 127 ? 11.078  -5.542  -5.649  1.00 24.41  ? 560 HIS A N   1 
ATOM   716  C CA  . HIS A 1 127 ? 10.243  -6.238  -4.677  1.00 23.72  ? 560 HIS A CA  1 
ATOM   717  C C   . HIS A 1 127 ? 9.256   -5.320  -3.967  1.00 26.28  ? 560 HIS A C   1 
ATOM   718  O O   . HIS A 1 127 ? 8.328   -5.788  -3.314  1.00 25.88  ? 560 HIS A O   1 
ATOM   719  C CB  . HIS A 1 127 ? 11.118  -6.928  -3.625  1.00 24.36  ? 560 HIS A CB  1 
ATOM   720  C CG  . HIS A 1 127 ? 11.879  -8.101  -4.155  1.00 27.45  ? 560 HIS A CG  1 
ATOM   721  N ND1 . HIS A 1 127 ? 13.251  -8.097  -4.287  1.00 29.02  ? 560 HIS A ND1 1 
ATOM   722  C CD2 . HIS A 1 127 ? 11.457  -9.304  -4.615  1.00 28.86  ? 560 HIS A CD2 1 
ATOM   723  C CE1 . HIS A 1 127 ? 13.642  -9.248  -4.808  1.00 28.22  ? 560 HIS A CE1 1 
ATOM   724  N NE2 . HIS A 1 127 ? 12.573  -9.997  -5.019  1.00 28.63  ? 560 HIS A NE2 1 
ATOM   725  N N   . VAL A 1 128 ? 9.483   -4.017  -4.063  1.00 22.12  ? 561 VAL A N   1 
ATOM   726  C CA  . VAL A 1 128 ? 8.657   -3.048  -3.353  1.00 21.69  ? 561 VAL A CA  1 
ATOM   727  C C   . VAL A 1 128 ? 7.566   -2.431  -4.211  1.00 24.39  ? 561 VAL A C   1 
ATOM   728  O O   . VAL A 1 128 ? 7.823   -1.942  -5.314  1.00 23.89  ? 561 VAL A O   1 
ATOM   729  C CB  . VAL A 1 128 ? 9.528   -1.973  -2.682  1.00 25.84  ? 561 VAL A CB  1 
ATOM   730  C CG1 . VAL A 1 128 ? 8.695   -1.102  -1.768  1.00 25.83  ? 561 VAL A CG1 1 
ATOM   731  C CG2 . VAL A 1 128 ? 10.674  -2.628  -1.915  1.00 25.99  ? 561 VAL A CG2 1 
ATOM   732  N N   . PHE A 1 129 ? 6.350   -2.432  -3.675  1.00 20.66  ? 562 PHE A N   1 
ATOM   733  C CA  . PHE A 1 129 ? 5.192   -1.880  -4.367  1.00 20.26  ? 562 PHE A CA  1 
ATOM   734  C C   . PHE A 1 129 ? 4.382   -1.015  -3.424  1.00 25.96  ? 562 PHE A C   1 
ATOM   735  O O   . PHE A 1 129 ? 4.496   -1.142  -2.206  1.00 25.20  ? 562 PHE A O   1 
ATOM   736  C CB  . PHE A 1 129 ? 4.292   -3.007  -4.870  1.00 21.58  ? 562 PHE A CB  1 
ATOM   737  C CG  . PHE A 1 129 ? 4.942   -3.885  -5.888  1.00 23.19  ? 562 PHE A CG  1 
ATOM   738  C CD1 . PHE A 1 129 ? 4.641   -3.748  -7.233  1.00 25.96  ? 562 PHE A CD1 1 
ATOM   739  C CD2 . PHE A 1 129 ? 5.857   -4.852  -5.503  1.00 25.61  ? 562 PHE A CD2 1 
ATOM   740  C CE1 . PHE A 1 129 ? 5.242   -4.558  -8.178  1.00 26.79  ? 562 PHE A CE1 1 
ATOM   741  C CE2 . PHE A 1 129 ? 6.460   -5.665  -6.445  1.00 28.52  ? 562 PHE A CE2 1 
ATOM   742  C CZ  . PHE A 1 129 ? 6.160   -5.509  -7.785  1.00 26.15  ? 562 PHE A CZ  1 
ATOM   743  N N   . LEU A 1 130 ? 3.560   -0.145  -4.003  1.00 25.07  ? 563 LEU A N   1 
ATOM   744  C CA  . LEU A 1 130 ? 2.638   0.708   -3.254  1.00 26.15  ? 563 LEU A CA  1 
ATOM   745  C C   . LEU A 1 130 ? 1.250   0.273   -3.700  1.00 30.67  ? 563 LEU A C   1 
ATOM   746  O O   . LEU A 1 130 ? 1.013   0.092   -4.890  1.00 30.65  ? 563 LEU A O   1 
ATOM   747  C CB  . LEU A 1 130 ? 2.816   2.180   -3.630  1.00 26.73  ? 563 LEU A CB  1 
ATOM   748  C CG  . LEU A 1 130 ? 4.095   2.927   -3.244  1.00 32.59  ? 563 LEU A CG  1 
ATOM   749  C CD1 . LEU A 1 130 ? 3.961   4.398   -3.643  1.00 33.33  ? 563 LEU A CD1 1 
ATOM   750  C CD2 . LEU A 1 130 ? 4.405   2.814   -1.760  1.00 34.44  ? 563 LEU A CD2 1 
ATOM   751  N N   . ALA A 1 131 ? 0.348   0.062   -2.753  1.00 28.31  ? 564 ALA A N   1 
ATOM   752  C CA  . ALA A 1 131 ? -1.014  -0.339  -3.094  1.00 28.54  ? 564 ALA A CA  1 
ATOM   753  C C   . ALA A 1 131 ? -1.881  0.913   -3.221  1.00 32.78  ? 564 ALA A C   1 
ATOM   754  O O   . ALA A 1 131 ? -1.790  1.824   -2.401  1.00 31.03  ? 564 ALA A O   1 
ATOM   755  C CB  . ALA A 1 131 ? -1.584  -1.257  -2.026  1.00 29.26  ? 564 ALA A CB  1 
ATOM   756  N N   . GLN A 1 132 ? -2.710  0.951   -4.256  1.00 30.79  ? 565 GLN A N   1 
ATOM   757  C CA  . GLN A 1 132 ? -3.619  2.079   -4.452  1.00 30.82  ? 565 GLN A CA  1 
ATOM   758  C C   . GLN A 1 132 ? -4.980  1.674   -3.911  1.00 33.41  ? 565 GLN A C   1 
ATOM   759  O O   . GLN A 1 132 ? -5.649  0.810   -4.469  1.00 32.98  ? 565 GLN A O   1 
ATOM   760  C CB  . GLN A 1 132 ? -3.744  2.430   -5.934  1.00 32.57  ? 565 GLN A CB  1 
ATOM   761  C CG  . GLN A 1 132 ? -3.468  3.895   -6.247  1.00 58.57  ? 565 GLN A CG  1 
ATOM   762  C CD  . GLN A 1 132 ? -4.654  4.802   -5.982  1.00 81.48  ? 565 GLN A CD  1 
ATOM   763  O OE1 . GLN A 1 132 ? -5.328  4.685   -4.958  1.00 76.02  ? 565 GLN A OE1 1 
ATOM   764  N NE2 . GLN A 1 132 ? -4.892  5.738   -6.893  1.00 78.12  ? 565 GLN A NE2 1 
ATOM   765  N N   . PRO A 1 133 ? -5.385  2.260   -2.785  1.00 30.28  ? 566 PRO A N   1 
ATOM   766  C CA  . PRO A 1 133 ? -6.703  1.882   -2.263  1.00 30.49  ? 566 PRO A CA  1 
ATOM   767  C C   . PRO A 1 133 ? -7.797  2.561   -3.093  1.00 33.37  ? 566 PRO A C   1 
ATOM   768  O O   . PRO A 1 133 ? -7.559  3.587   -3.735  1.00 31.72  ? 566 PRO A O   1 
ATOM   769  C CB  . PRO A 1 133 ? -6.697  2.457   -0.837  1.00 32.25  ? 566 PRO A CB  1 
ATOM   770  C CG  . PRO A 1 133 ? -5.306  3.022   -0.621  1.00 36.91  ? 566 PRO A CG  1 
ATOM   771  C CD  . PRO A 1 133 ? -4.762  3.314   -1.977  1.00 32.06  ? 566 PRO A CD  1 
ATOM   772  N N   . PRO A 1 134 ? -9.011  1.991   -3.094  1.00 29.91  ? 567 PRO A N   1 
ATOM   773  C CA  . PRO A 1 134 ? -9.992  2.697   -3.927  1.00 28.84  ? 567 PRO A CA  1 
ATOM   774  C C   . PRO A 1 134 ? -10.365 4.058   -3.350  1.00 28.69  ? 567 PRO A C   1 
ATOM   775  O O   . PRO A 1 134 ? -10.187 4.318   -2.161  1.00 25.44  ? 567 PRO A O   1 
ATOM   776  C CB  . PRO A 1 134 ? -11.191 1.742   -3.954  1.00 30.75  ? 567 PRO A CB  1 
ATOM   777  C CG  . PRO A 1 134 ? -11.038 0.901   -2.743  1.00 35.81  ? 567 PRO A CG  1 
ATOM   778  C CD  . PRO A 1 134 ? -9.558  0.748   -2.524  1.00 31.25  ? 567 PRO A CD  1 
ATOM   779  N N   . LEU A 1 135 ? -10.850 4.937   -4.216  1.00 26.44  ? 568 LEU A N   1 
ATOM   780  C CA  . LEU A 1 135 ? -11.234 6.289   -3.819  1.00 26.59  ? 568 LEU A CA  1 
ATOM   781  C C   . LEU A 1 135 ? -12.739 6.376   -3.586  1.00 27.95  ? 568 LEU A C   1 
ATOM   782  O O   . LEU A 1 135 ? -13.208 7.157   -2.761  1.00 27.21  ? 568 LEU A O   1 
ATOM   783  C CB  . LEU A 1 135 ? -10.852 7.279   -4.930  1.00 27.54  ? 568 LEU A CB  1 
ATOM   784  C CG  . LEU A 1 135 ? -9.703  8.258   -4.652  1.00 33.78  ? 568 LEU A CG  1 
ATOM   785  C CD1 . LEU A 1 135 ? -8.719  7.683   -3.641  1.00 34.36  ? 568 LEU A CD1 1 
ATOM   786  C CD2 . LEU A 1 135 ? -8.997  8.635   -5.941  1.00 36.30  ? 568 LEU A CD2 1 
ATOM   787  N N   . TYR A 1 136 ? -13.491 5.601   -4.357  1.00 23.43  ? 569 TYR A N   1 
ATOM   788  C CA  . TYR A 1 136 ? -14.944 5.609   -4.264  1.00 22.69  ? 569 TYR A CA  1 
ATOM   789  C C   . TYR A 1 136 ? -15.522 4.218   -4.217  1.00 24.46  ? 569 TYR A C   1 
ATOM   790  O O   . TYR A 1 136 ? -14.974 3.279   -4.797  1.00 22.91  ? 569 TYR A O   1 
ATOM   791  C CB  . TYR A 1 136 ? -15.554 6.300   -5.493  1.00 23.60  ? 569 TYR A CB  1 
ATOM   792  C CG  . TYR A 1 136 ? -15.037 7.694   -5.731  1.00 26.20  ? 569 TYR A CG  1 
ATOM   793  C CD1 . TYR A 1 136 ? -13.967 7.924   -6.587  1.00 28.06  ? 569 TYR A CD1 1 
ATOM   794  C CD2 . TYR A 1 136 ? -15.609 8.781   -5.086  1.00 27.61  ? 569 TYR A CD2 1 
ATOM   795  C CE1 . TYR A 1 136 ? -13.481 9.201   -6.792  1.00 28.51  ? 569 TYR A CE1 1 
ATOM   796  C CE2 . TYR A 1 136 ? -15.121 10.058  -5.274  1.00 29.16  ? 569 TYR A CE2 1 
ATOM   797  C CZ  . TYR A 1 136 ? -14.066 10.262  -6.137  1.00 36.64  ? 569 TYR A CZ  1 
ATOM   798  O OH  . TYR A 1 136 ? -13.588 11.535  -6.330  1.00 39.55  ? 569 TYR A OH  1 
ATOM   799  N N   . LYS A 1 137 ? -16.695 4.120   -3.601  1.00 20.27  ? 570 LYS A N   1 
ATOM   800  C CA  . LYS A 1 137 ? -17.467 2.898   -3.619  1.00 19.90  ? 570 LYS A CA  1 
ATOM   801  C C   . LYS A 1 137 ? -18.815 3.280   -4.251  1.00 24.79  ? 570 LYS A C   1 
ATOM   802  O O   . LYS A 1 137 ? -19.459 4.239   -3.822  1.00 24.06  ? 570 LYS A O   1 
ATOM   803  C CB  . LYS A 1 137 ? -17.670 2.356   -2.206  1.00 21.53  ? 570 LYS A CB  1 
ATOM   804  C CG  . LYS A 1 137 ? -18.495 1.079   -2.148  1.00 19.78  ? 570 LYS A CG  1 
ATOM   805  C CD  . LYS A 1 137 ? -18.708 0.652   -0.696  1.00 26.35  ? 570 LYS A CD  1 
ATOM   806  C CE  . LYS A 1 137 ? -19.704 -0.494  -0.595  1.00 39.64  ? 570 LYS A CE  1 
ATOM   807  N NZ  . LYS A 1 137 ? -19.947 -0.891  0.818   1.00 47.06  ? 570 LYS A NZ  1 
ATOM   808  N N   . LEU A 1 138 ? -19.196 2.575   -5.310  1.00 22.45  ? 571 LEU A N   1 
ATOM   809  C CA  . LEU A 1 138 ? -20.464 2.822   -5.993  1.00 22.69  ? 571 LEU A CA  1 
ATOM   810  C C   . LEU A 1 138 ? -21.474 1.808   -5.465  1.00 26.85  ? 571 LEU A C   1 
ATOM   811  O O   . LEU A 1 138 ? -21.345 0.614   -5.704  1.00 25.87  ? 571 LEU A O   1 
ATOM   812  C CB  . LEU A 1 138 ? -20.293 2.653   -7.504  1.00 22.66  ? 571 LEU A CB  1 
ATOM   813  C CG  . LEU A 1 138 ? -19.691 3.835   -8.271  1.00 27.48  ? 571 LEU A CG  1 
ATOM   814  C CD1 . LEU A 1 138 ? -18.252 4.060   -7.870  1.00 28.29  ? 571 LEU A CD1 1 
ATOM   815  C CD2 . LEU A 1 138 ? -19.774 3.584   -9.776  1.00 29.33  ? 571 LEU A CD2 1 
ATOM   816  N N   . LYS A 1 139 ? -22.451 2.291   -4.707  1.00 25.10  ? 572 LYS A N   1 
ATOM   817  C CA  . LYS A 1 139 ? -23.441 1.427   -4.077  1.00 25.48  ? 572 LYS A CA  1 
ATOM   818  C C   . LYS A 1 139 ? -24.661 1.141   -4.936  1.00 30.44  ? 572 LYS A C   1 
ATOM   819  O O   . LYS A 1 139 ? -25.744 1.643   -4.663  1.00 30.78  ? 572 LYS A O   1 
ATOM   820  C CB  . LYS A 1 139 ? -23.870 2.015   -2.733  1.00 27.37  ? 572 LYS A CB  1 
ATOM   821  C CG  . LYS A 1 139 ? -22.710 2.334   -1.806  1.00 35.66  ? 572 LYS A CG  1 
ATOM   822  C CD  . LYS A 1 139 ? -23.135 3.249   -0.670  1.00 44.20  ? 572 LYS A CD  1 
ATOM   823  C CE  . LYS A 1 139 ? -22.092 3.262   0.438   1.00 59.59  ? 572 LYS A CE  1 
ATOM   824  N NZ  . LYS A 1 139 ? -22.356 4.322   1.456   1.00 72.11  ? 572 LYS A NZ  1 
ATOM   825  N N   . TRP A 1 140 ? -24.486 0.323   -5.965  1.00 28.42  ? 573 TRP A N   1 
ATOM   826  C CA  . TRP A 1 140 ? -25.594 -0.054  -6.831  1.00 29.27  ? 573 TRP A CA  1 
ATOM   827  C C   . TRP A 1 140 ? -26.713 -0.650  -5.976  1.00 36.81  ? 573 TRP A C   1 
ATOM   828  O O   . TRP A 1 140 ? -26.458 -1.425  -5.050  1.00 34.97  ? 573 TRP A O   1 
ATOM   829  C CB  . TRP A 1 140 ? -25.125 -1.042  -7.899  1.00 27.81  ? 573 TRP A CB  1 
ATOM   830  C CG  . TRP A 1 140 ? -24.057 -0.472  -8.781  1.00 28.77  ? 573 TRP A CG  1 
ATOM   831  C CD1 . TRP A 1 140 ? -22.745 -0.851  -8.835  1.00 31.38  ? 573 TRP A CD1 1 
ATOM   832  C CD2 . TRP A 1 140 ? -24.197 0.613   -9.713  1.00 28.72  ? 573 TRP A CD2 1 
ATOM   833  N NE1 . TRP A 1 140 ? -22.073 -0.097  -9.765  1.00 30.67  ? 573 TRP A NE1 1 
ATOM   834  C CE2 . TRP A 1 140 ? -22.938 0.814   -10.313 1.00 32.24  ? 573 TRP A CE2 1 
ATOM   835  C CE3 . TRP A 1 140 ? -25.273 1.416   -10.115 1.00 30.12  ? 573 TRP A CE3 1 
ATOM   836  C CZ2 . TRP A 1 140 ? -22.719 1.794   -11.276 1.00 31.59  ? 573 TRP A CZ2 1 
ATOM   837  C CZ3 . TRP A 1 140 ? -25.049 2.398   -11.067 1.00 31.23  ? 573 TRP A CZ3 1 
ATOM   838  C CH2 . TRP A 1 140 ? -23.786 2.569   -11.644 1.00 31.79  ? 573 TRP A CH2 1 
ATOM   839  N N   . GLN A 1 141 ? -27.947 -0.251  -6.268  1.00 36.98  ? 574 GLN A N   1 
ATOM   840  C CA  . GLN A 1 141 ? -29.103 -0.670  -5.484  1.00 38.23  ? 574 GLN A CA  1 
ATOM   841  C C   . GLN A 1 141 ? -29.340 -2.165  -5.361  1.00 45.89  ? 574 GLN A C   1 
ATOM   842  O O   . GLN A 1 141 ? -29.542 -2.672  -4.257  1.00 46.34  ? 574 GLN A O   1 
ATOM   843  C CB  . GLN A 1 141 ? -30.374 0.027   -5.968  1.00 39.80  ? 574 GLN A CB  1 
ATOM   844  C CG  . GLN A 1 141 ? -31.125 0.760   -4.878  1.00 58.10  ? 574 GLN A CG  1 
ATOM   845  C CD  . GLN A 1 141 ? -30.966 2.262   -4.978  1.00 79.24  ? 574 GLN A CD  1 
ATOM   846  O OE1 . GLN A 1 141 ? -31.329 2.871   -5.986  1.00 74.47  ? 574 GLN A OE1 1 
ATOM   847  N NE2 . GLN A 1 141 ? -30.418 2.871   -3.932  1.00 71.63  ? 574 GLN A NE2 1 
ATOM   848  N N   . ARG A 1 142 ? -29.374 -2.872  -6.484  1.00 44.68  ? 575 ARG A N   1 
ATOM   849  C CA  . ARG A 1 142 ? -29.651 -4.305  -6.432  1.00 45.69  ? 575 ARG A CA  1 
ATOM   850  C C   . ARG A 1 142 ? -28.593 -5.184  -7.079  1.00 49.99  ? 575 ARG A C   1 
ATOM   851  O O   . ARG A 1 142 ? -28.912 -6.188  -7.714  1.00 50.05  ? 575 ARG A O   1 
ATOM   852  C CB  . ARG A 1 142 ? -31.036 -4.614  -7.001  1.00 48.20  ? 575 ARG A CB  1 
ATOM   853  C CG  . ARG A 1 142 ? -32.112 -4.766  -5.932  1.00 64.98  ? 575 ARG A CG  1 
ATOM   854  C CD  . ARG A 1 142 ? -33.424 -4.126  -6.358  1.00 80.97  ? 575 ARG A CD  1 
ATOM   855  N NE  . ARG A 1 142 ? -34.405 -4.121  -5.276  1.00 95.01  ? 575 ARG A NE  1 
ATOM   856  C CZ  . ARG A 1 142 ? -35.598 -3.537  -5.352  1.00 113.41 ? 575 ARG A CZ  1 
ATOM   857  N NH1 . ARG A 1 142 ? -35.961 -2.908  -6.462  1.00 101.69 ? 575 ARG A NH1 1 
ATOM   858  N NH2 . ARG A 1 142 ? -36.427 -3.582  -4.317  1.00 102.81 ? 575 ARG A NH2 1 
ATOM   859  N N   . SER A 1 143 ? -27.331 -4.809  -6.894  1.00 45.62  ? 576 SER A N   1 
ATOM   860  C CA  . SER A 1 143 ? -26.214 -5.568  -7.431  1.00 44.71  ? 576 SER A CA  1 
ATOM   861  C C   . SER A 1 143 ? -24.976 -5.338  -6.574  1.00 46.35  ? 576 SER A C   1 
ATOM   862  O O   . SER A 1 143 ? -25.028 -4.623  -5.575  1.00 46.20  ? 576 SER A O   1 
ATOM   863  C CB  . SER A 1 143 ? -25.951 -5.205  -8.896  1.00 48.37  ? 576 SER A CB  1 
ATOM   864  O OG  . SER A 1 143 ? -25.552 -3.857  -9.035  1.00 59.24  ? 576 SER A OG  1 
ATOM   865  N N   . ASP A 1 144 ? -23.874 -5.975  -6.944  1.00 41.38  ? 577 ASP A N   1 
ATOM   866  C CA  . ASP A 1 144 ? -22.637 -5.839  -6.189  1.00 40.07  ? 577 ASP A CA  1 
ATOM   867  C C   . ASP A 1 144 ? -22.110 -4.415  -6.291  1.00 40.01  ? 577 ASP A C   1 
ATOM   868  O O   . ASP A 1 144 ? -22.171 -3.792  -7.352  1.00 39.02  ? 577 ASP A O   1 
ATOM   869  C CB  . ASP A 1 144 ? -21.576 -6.796  -6.735  1.00 42.36  ? 577 ASP A CB  1 
ATOM   870  C CG  . ASP A 1 144 ? -21.649 -8.173  -6.106  1.00 56.11  ? 577 ASP A CG  1 
ATOM   871  O OD1 . ASP A 1 144 ? -22.546 -8.405  -5.268  1.00 56.37  ? 577 ASP A OD1 1 
ATOM   872  O OD2 . ASP A 1 144 ? -20.797 -9.022  -6.447  1.00 64.35  ? 577 ASP A OD2 1 
ATOM   873  N N   . PRO A 1 145 ? -21.550 -3.896  -5.193  1.00 33.90  ? 578 PRO A N   1 
ATOM   874  C CA  . PRO A 1 145 ? -20.978 -2.552  -5.273  1.00 32.64  ? 578 PRO A CA  1 
ATOM   875  C C   . PRO A 1 145 ? -19.706 -2.626  -6.104  1.00 33.82  ? 578 PRO A C   1 
ATOM   876  O O   . PRO A 1 145 ? -19.096 -3.689  -6.213  1.00 33.33  ? 578 PRO A O   1 
ATOM   877  C CB  . PRO A 1 145 ? -20.635 -2.231  -3.818  1.00 34.49  ? 578 PRO A CB  1 
ATOM   878  C CG  . PRO A 1 145 ? -20.428 -3.550  -3.170  1.00 39.41  ? 578 PRO A CG  1 
ATOM   879  C CD  . PRO A 1 145 ? -21.301 -4.539  -3.891  1.00 35.21  ? 578 PRO A CD  1 
ATOM   880  N N   . GLU A 1 146 ? -19.323 -1.505  -6.705  1.00 26.97  ? 579 GLU A N   1 
ATOM   881  C CA  . GLU A 1 146 ? -18.110 -1.448  -7.506  1.00 25.85  ? 579 GLU A CA  1 
ATOM   882  C C   . GLU A 1 146 ? -17.207 -0.393  -6.918  1.00 26.35  ? 579 GLU A C   1 
ATOM   883  O O   . GLU A 1 146 ? -17.674 0.535   -6.250  1.00 25.41  ? 579 GLU A O   1 
ATOM   884  C CB  . GLU A 1 146 ? -18.425 -1.135  -8.971  1.00 27.30  ? 579 GLU A CB  1 
ATOM   885  C CG  . GLU A 1 146 ? -19.096 -2.291  -9.693  1.00 38.31  ? 579 GLU A CG  1 
ATOM   886  C CD  . GLU A 1 146 ? -19.322 -2.015  -11.168 1.00 60.42  ? 579 GLU A CD  1 
ATOM   887  O OE1 . GLU A 1 146 ? -18.921 -2.862  -11.996 1.00 64.27  ? 579 GLU A OE1 1 
ATOM   888  O OE2 . GLU A 1 146 ? -19.910 -0.960  -11.499 1.00 44.78  ? 579 GLU A OE2 1 
ATOM   889  N N   . PHE A 1 147 ? -15.909 -0.554  -7.138  1.00 20.59  ? 580 PHE A N   1 
ATOM   890  C CA  . PHE A 1 147 ? -14.934 0.365   -6.573  1.00 20.40  ? 580 PHE A CA  1 
ATOM   891  C C   . PHE A 1 147 ? -14.156 1.083   -7.655  1.00 25.21  ? 580 PHE A C   1 
ATOM   892  O O   . PHE A 1 147 ? -13.842 0.505   -8.686  1.00 24.85  ? 580 PHE A O   1 
ATOM   893  C CB  . PHE A 1 147 ? -14.000 -0.385  -5.614  1.00 21.58  ? 580 PHE A CB  1 
ATOM   894  C CG  . PHE A 1 147 ? -14.725 -1.068  -4.497  1.00 22.16  ? 580 PHE A CG  1 
ATOM   895  C CD1 . PHE A 1 147 ? -15.296 -2.313  -4.686  1.00 24.22  ? 580 PHE A CD1 1 
ATOM   896  C CD2 . PHE A 1 147 ? -14.919 -0.422  -3.289  1.00 23.69  ? 580 PHE A CD2 1 
ATOM   897  C CE1 . PHE A 1 147 ? -15.993 -2.926  -3.673  1.00 25.02  ? 580 PHE A CE1 1 
ATOM   898  C CE2 . PHE A 1 147 ? -15.636 -1.026  -2.273  1.00 26.17  ? 580 PHE A CE2 1 
ATOM   899  C CZ  . PHE A 1 147 ? -16.170 -2.278  -2.464  1.00 24.33  ? 580 PHE A CZ  1 
ATOM   900  N N   . ALA A 1 148 ? -13.894 2.364   -7.435  1.00 23.24  ? 581 ALA A N   1 
ATOM   901  C CA  . ALA A 1 148 ? -13.173 3.169   -8.410  1.00 23.20  ? 581 ALA A CA  1 
ATOM   902  C C   . ALA A 1 148 ? -11.884 3.664   -7.785  1.00 26.91  ? 581 ALA A C   1 
ATOM   903  O O   . ALA A 1 148 ? -11.870 4.106   -6.633  1.00 24.49  ? 581 ALA A O   1 
ATOM   904  C CB  . ALA A 1 148 ? -14.032 4.350   -8.871  1.00 23.96  ? 581 ALA A CB  1 
ATOM   905  N N   . TYR A 1 149 ? -10.807 3.596   -8.560  1.00 25.16  ? 582 TYR A N   1 
ATOM   906  C CA  . TYR A 1 149 ? -9.489  4.006   -8.088  1.00 26.28  ? 582 TYR A CA  1 
ATOM   907  C C   . TYR A 1 149 ? -9.073  5.388   -8.571  1.00 32.48  ? 582 TYR A C   1 
ATOM   908  O O   . TYR A 1 149 ? -7.967  5.846   -8.296  1.00 32.62  ? 582 TYR A O   1 
ATOM   909  C CB  . TYR A 1 149 ? -8.447  2.956   -8.473  1.00 26.86  ? 582 TYR A CB  1 
ATOM   910  C CG  . TYR A 1 149 ? -8.731  1.616   -7.851  1.00 27.09  ? 582 TYR A CG  1 
ATOM   911  C CD1 . TYR A 1 149 ? -8.170  1.262   -6.630  1.00 28.64  ? 582 TYR A CD1 1 
ATOM   912  C CD2 . TYR A 1 149 ? -9.602  0.727   -8.453  1.00 27.83  ? 582 TYR A CD2 1 
ATOM   913  C CE1 . TYR A 1 149 ? -8.439  0.040   -6.046  1.00 27.62  ? 582 TYR A CE1 1 
ATOM   914  C CE2 . TYR A 1 149 ? -9.880  -0.498  -7.878  1.00 28.64  ? 582 TYR A CE2 1 
ATOM   915  C CZ  . TYR A 1 149 ? -9.302  -0.829  -6.667  1.00 33.76  ? 582 TYR A CZ  1 
ATOM   916  O OH  . TYR A 1 149 ? -9.574  -2.044  -6.087  1.00 34.45  ? 582 TYR A OH  1 
ATOM   917  N N   . SER A 1 150 ? -9.974  6.058   -9.278  1.00 30.40  ? 583 SER A N   1 
ATOM   918  C CA  . SER A 1 150 ? -9.722  7.414   -9.760  1.00 30.40  ? 583 SER A CA  1 
ATOM   919  C C   . SER A 1 150 ? -11.044 8.051   -10.169 1.00 35.29  ? 583 SER A C   1 
ATOM   920  O O   . SER A 1 150 ? -12.047 7.357   -10.350 1.00 33.83  ? 583 SER A O   1 
ATOM   921  C CB  . SER A 1 150 ? -8.742  7.409   -10.943 1.00 31.90  ? 583 SER A CB  1 
ATOM   922  O OG  . SER A 1 150 ? -9.388  7.028   -12.146 1.00 36.10  ? 583 SER A OG  1 
ATOM   923  N N   . ASP A 1 151 ? -11.038 9.373   -10.309 1.00 33.30  ? 584 ASP A N   1 
ATOM   924  C CA  . ASP A 1 151 ? -12.228 10.114  -10.709 1.00 33.50  ? 584 ASP A CA  1 
ATOM   925  C C   . ASP A 1 151 ? -12.721 9.667   -12.081 1.00 36.58  ? 584 ASP A C   1 
ATOM   926  O O   . ASP A 1 151 ? -13.925 9.493   -12.297 1.00 35.78  ? 584 ASP A O   1 
ATOM   927  C CB  . ASP A 1 151 ? -11.940 11.615  -10.704 1.00 35.69  ? 584 ASP A CB  1 
ATOM   928  C CG  . ASP A 1 151 ? -11.692 12.150  -9.305  1.00 50.69  ? 584 ASP A CG  1 
ATOM   929  O OD1 . ASP A 1 151 ? -11.550 11.326  -8.376  1.00 51.23  ? 584 ASP A OD1 1 
ATOM   930  O OD2 . ASP A 1 151 ? -11.634 13.387  -9.133  1.00 59.17  ? 584 ASP A OD2 1 
ATOM   931  N N   . ARG A 1 152 ? -11.785 9.456   -12.997 1.00 33.56  ? 585 ARG A N   1 
ATOM   932  C CA  . ARG A 1 152 ? -12.121 9.016   -14.348 1.00 33.72  ? 585 ARG A CA  1 
ATOM   933  C C   . ARG A 1 152 ? -12.780 7.647   -14.355 1.00 35.03  ? 585 ARG A C   1 
ATOM   934  O O   . ARG A 1 152 ? -13.742 7.413   -15.092 1.00 34.50  ? 585 ARG A O   1 
ATOM   935  C CB  . ARG A 1 152 ? -10.882 9.005   -15.246 1.00 36.84  ? 585 ARG A CB  1 
ATOM   936  C CG  . ARG A 1 152 ? -11.105 9.644   -16.604 1.00 53.45  ? 585 ARG A CG  1 
ATOM   937  C CD  . ARG A 1 152 ? -9.866  9.535   -17.485 1.00 70.73  ? 585 ARG A CD  1 
ATOM   938  N NE  . ARG A 1 152 ? -10.196 9.090   -18.838 1.00 83.67  ? 585 ARG A NE  1 
ATOM   939  C CZ  . ARG A 1 152 ? -10.349 9.905   -19.877 1.00 97.61  ? 585 ARG A CZ  1 
ATOM   940  N NH1 . ARG A 1 152 ? -10.198 11.214  -19.721 1.00 85.47  ? 585 ARG A NH1 1 
ATOM   941  N NH2 . ARG A 1 152 ? -10.657 9.413   -21.072 1.00 82.05  ? 585 ARG A NH2 1 
ATOM   942  N N   . GLU A 1 153 ? -12.253 6.731   -13.550 1.00 29.33  ? 586 GLU A N   1 
ATOM   943  C CA  . GLU A 1 153 ? -12.836 5.398   -13.479 1.00 28.21  ? 586 GLU A CA  1 
ATOM   944  C C   . GLU A 1 153 ? -14.227 5.493   -12.845 1.00 29.25  ? 586 GLU A C   1 
ATOM   945  O O   . GLU A 1 153 ? -15.155 4.807   -13.254 1.00 27.80  ? 586 GLU A O   1 
ATOM   946  C CB  . GLU A 1 153 ? -11.942 4.446   -12.671 1.00 29.48  ? 586 GLU A CB  1 
ATOM   947  C CG  . GLU A 1 153 ? -12.238 2.969   -12.923 1.00 39.70  ? 586 GLU A CG  1 
ATOM   948  C CD  . GLU A 1 153 ? -11.633 2.051   -11.865 1.00 58.71  ? 586 GLU A CD  1 
ATOM   949  O OE1 . GLU A 1 153 ? -11.919 0.835   -11.892 1.00 56.41  ? 586 GLU A OE1 1 
ATOM   950  O OE2 . GLU A 1 153 ? -10.871 2.541   -11.007 1.00 48.72  ? 586 GLU A OE2 1 
ATOM   951  N N   . ARG A 1 154 ? -14.361 6.358   -11.846 1.00 25.99  ? 587 ARG A N   1 
ATOM   952  C CA  . ARG A 1 154 ? -15.648 6.552   -11.184 1.00 26.19  ? 587 ARG A CA  1 
ATOM   953  C C   . ARG A 1 154 ? -16.712 6.922   -12.214 1.00 30.40  ? 587 ARG A C   1 
ATOM   954  O O   . ARG A 1 154 ? -17.781 6.303   -12.276 1.00 28.52  ? 587 ARG A O   1 
ATOM   955  C CB  . ARG A 1 154 ? -15.546 7.653   -10.128 1.00 25.17  ? 587 ARG A CB  1 
ATOM   956  C CG  . ARG A 1 154 ? -16.854 7.899   -9.390  1.00 34.38  ? 587 ARG A CG  1 
ATOM   957  C CD  . ARG A 1 154 ? -16.912 9.304   -8.820  1.00 35.76  ? 587 ARG A CD  1 
ATOM   958  N NE  . ARG A 1 154 ? -16.596 10.312  -9.824  1.00 33.92  ? 587 ARG A NE  1 
ATOM   959  C CZ  . ARG A 1 154 ? -16.082 11.503  -9.549  1.00 52.34  ? 587 ARG A CZ  1 
ATOM   960  N NH1 . ARG A 1 154 ? -15.817 11.839  -8.293  1.00 44.11  ? 587 ARG A NH1 1 
ATOM   961  N NH2 . ARG A 1 154 ? -15.824 12.355  -10.531 1.00 43.38  ? 587 ARG A NH2 1 
ATOM   962  N N   . ASP A 1 155 ? -16.393 7.920   -13.038 1.00 28.31  ? 588 ASP A N   1 
ATOM   963  C CA  . ASP A 1 155 ? -17.300 8.384   -14.085 1.00 28.30  ? 588 ASP A CA  1 
ATOM   964  C C   . ASP A 1 155 ? -17.638 7.283   -15.090 1.00 30.86  ? 588 ASP A C   1 
ATOM   965  O O   . ASP A 1 155 ? -18.794 7.118   -15.474 1.00 30.49  ? 588 ASP A O   1 
ATOM   966  C CB  . ASP A 1 155 ? -16.714 9.599   -14.802 1.00 30.76  ? 588 ASP A CB  1 
ATOM   967  C CG  . ASP A 1 155 ? -16.482 10.779  -13.866 1.00 44.08  ? 588 ASP A CG  1 
ATOM   968  O OD1 . ASP A 1 155 ? -16.810 10.669  -12.662 1.00 44.09  ? 588 ASP A OD1 1 
ATOM   969  O OD2 . ASP A 1 155 ? -15.957 11.815  -14.335 1.00 50.81  ? 588 ASP A OD2 1 
ATOM   970  N N   . GLY A 1 156 ? -16.637 6.517   -15.508 1.00 27.09  ? 589 GLY A N   1 
ATOM   971  C CA  . GLY A 1 156 ? -16.856 5.439   -16.460 1.00 26.49  ? 589 GLY A CA  1 
ATOM   972  C C   . GLY A 1 156 ? -17.722 4.325   -15.905 1.00 31.28  ? 589 GLY A C   1 
ATOM   973  O O   . GLY A 1 156 ? -18.641 3.839   -16.569 1.00 31.33  ? 589 GLY A O   1 
ATOM   974  N N   . LEU A 1 157 ? -17.427 3.905   -14.679 1.00 28.62  ? 590 LEU A N   1 
ATOM   975  C CA  . LEU A 1 157 ? -18.209 2.851   -14.036 1.00 28.60  ? 590 LEU A CA  1 
ATOM   976  C C   . LEU A 1 157 ? -19.666 3.299   -13.859 1.00 30.50  ? 590 LEU A C   1 
ATOM   977  O O   . LEU A 1 157 ? -20.595 2.523   -14.067 1.00 29.45  ? 590 LEU A O   1 
ATOM   978  C CB  . LEU A 1 157 ? -17.598 2.483   -12.677 1.00 28.88  ? 590 LEU A CB  1 
ATOM   979  C CG  . LEU A 1 157 ? -16.741 1.211   -12.568 1.00 34.24  ? 590 LEU A CG  1 
ATOM   980  C CD1 . LEU A 1 157 ? -16.403 0.606   -13.923 1.00 34.50  ? 590 LEU A CD1 1 
ATOM   981  C CD2 . LEU A 1 157 ? -15.483 1.442   -11.732 1.00 35.43  ? 590 LEU A CD2 1 
ATOM   982  N N   . LEU A 1 158 ? -19.851 4.551   -13.448 1.00 27.24  ? 591 LEU A N   1 
ATOM   983  C CA  . LEU A 1 158 ? -21.188 5.114   -13.231 1.00 27.64  ? 591 LEU A CA  1 
ATOM   984  C C   . LEU A 1 158 ? -21.986 5.080   -14.536 1.00 31.73  ? 591 LEU A C   1 
ATOM   985  O O   . LEU A 1 158 ? -23.118 4.598   -14.590 1.00 30.44  ? 591 LEU A O   1 
ATOM   986  C CB  . LEU A 1 158 ? -21.053 6.567   -12.770 1.00 28.29  ? 591 LEU A CB  1 
ATOM   987  C CG  . LEU A 1 158 ? -21.748 7.105   -11.517 1.00 34.58  ? 591 LEU A CG  1 
ATOM   988  C CD1 . LEU A 1 158 ? -22.028 6.020   -10.482 1.00 34.84  ? 591 LEU A CD1 1 
ATOM   989  C CD2 . LEU A 1 158 ? -20.915 8.239   -10.916 1.00 36.09  ? 591 LEU A CD2 1 
ATOM   990  N N   . GLU A 1 159 ? -21.386 5.613   -15.591 1.00 30.41  ? 592 GLU A N   1 
ATOM   991  C CA  . GLU A 1 159 ? -22.040 5.650   -16.892 1.00 31.71  ? 592 GLU A CA  1 
ATOM   992  C C   . GLU A 1 159 ? -22.350 4.242   -17.387 1.00 36.26  ? 592 GLU A C   1 
ATOM   993  O O   . GLU A 1 159 ? -23.465 3.957   -17.827 1.00 35.53  ? 592 GLU A O   1 
ATOM   994  C CB  . GLU A 1 159 ? -21.166 6.398   -17.901 1.00 33.53  ? 592 GLU A CB  1 
ATOM   995  C CG  . GLU A 1 159 ? -21.942 6.987   -19.065 1.00 48.43  ? 592 GLU A CG  1 
ATOM   996  C CD  . GLU A 1 159 ? -21.796 6.170   -20.332 1.00 76.99  ? 592 GLU A CD  1 
ATOM   997  O OE1 . GLU A 1 159 ? -21.686 4.929   -20.229 1.00 73.99  ? 592 GLU A OE1 1 
ATOM   998  O OE2 . GLU A 1 159 ? -21.786 6.770   -21.429 1.00 74.64  ? 592 GLU A OE2 1 
ATOM   999  N N   . ALA A 1 160 ? -21.368 3.352   -17.286 1.00 33.11  ? 593 ALA A N   1 
ATOM   1000 C CA  . ALA A 1 160 ? -21.545 1.977   -17.730 1.00 32.87  ? 593 ALA A CA  1 
ATOM   1001 C C   . ALA A 1 160 ? -22.674 1.271   -16.983 1.00 36.39  ? 593 ALA A C   1 
ATOM   1002 O O   . ALA A 1 160 ? -23.472 0.554   -17.594 1.00 35.48  ? 593 ALA A O   1 
ATOM   1003 C CB  . ALA A 1 160 ? -20.238 1.205   -17.583 1.00 33.96  ? 593 ALA A CB  1 
ATOM   1004 N N   . GLY A 1 161 ? -22.744 1.469   -15.666 1.00 32.23  ? 594 GLY A N   1 
ATOM   1005 C CA  . GLY A 1 161 ? -23.774 0.840   -14.856 1.00 31.88  ? 594 GLY A CA  1 
ATOM   1006 C C   . GLY A 1 161 ? -25.165 1.343   -15.204 1.00 36.50  ? 594 GLY A C   1 
ATOM   1007 O O   . GLY A 1 161 ? -26.112 0.563   -15.366 1.00 35.28  ? 594 GLY A O   1 
ATOM   1008 N N   . LEU A 1 162 ? -25.286 2.659   -15.319 1.00 34.41  ? 595 LEU A N   1 
ATOM   1009 C CA  . LEU A 1 162 ? -26.559 3.283   -15.655 1.00 35.43  ? 595 LEU A CA  1 
ATOM   1010 C C   . LEU A 1 162 ? -27.086 2.771   -16.992 1.00 43.53  ? 595 LEU A C   1 
ATOM   1011 O O   . LEU A 1 162 ? -28.268 2.459   -17.126 1.00 43.58  ? 595 LEU A O   1 
ATOM   1012 C CB  . LEU A 1 162 ? -26.418 4.805   -15.678 1.00 35.00  ? 595 LEU A CB  1 
ATOM   1013 C CG  . LEU A 1 162 ? -26.305 5.411   -14.282 1.00 38.99  ? 595 LEU A CG  1 
ATOM   1014 C CD1 . LEU A 1 162 ? -25.934 6.888   -14.324 1.00 38.41  ? 595 LEU A CD1 1 
ATOM   1015 C CD2 . LEU A 1 162 ? -27.589 5.182   -13.502 1.00 40.34  ? 595 LEU A CD2 1 
ATOM   1016 N N   . LYS A 1 163 ? -26.196 2.659   -17.972 1.00 42.99  ? 596 LYS A N   1 
ATOM   1017 C CA  . LYS A 1 163 ? -26.581 2.172   -19.291 1.00 43.74  ? 596 LYS A CA  1 
ATOM   1018 C C   . LYS A 1 163 ? -26.993 0.702   -19.257 1.00 49.18  ? 596 LYS A C   1 
ATOM   1019 O O   . LYS A 1 163 ? -27.786 0.257   -20.082 1.00 50.04  ? 596 LYS A O   1 
ATOM   1020 C CB  . LYS A 1 163 ? -25.449 2.388   -20.302 1.00 46.49  ? 596 LYS A CB  1 
ATOM   1021 C CG  . LYS A 1 163 ? -25.013 3.843   -20.448 1.00 65.65  ? 596 LYS A CG  1 
ATOM   1022 C CD  . LYS A 1 163 ? -25.984 4.800   -19.758 1.00 75.36  ? 596 LYS A CD  1 
ATOM   1023 C CE  . LYS A 1 163 ? -25.593 6.257   -19.984 1.00 84.64  ? 596 LYS A CE  1 
ATOM   1024 N NZ  . LYS A 1 163 ? -26.779 7.141   -20.168 1.00 91.06  ? 596 LYS A NZ  1 
ATOM   1025 N N   . ALA A 1 164 ? -26.462 -0.048  -18.297 1.00 45.38  ? 597 ALA A N   1 
ATOM   1026 C CA  . ALA A 1 164 ? -26.787 -1.466  -18.176 1.00 45.18  ? 597 ALA A CA  1 
ATOM   1027 C C   . ALA A 1 164 ? -28.116 -1.689  -17.461 1.00 49.59  ? 597 ALA A C   1 
ATOM   1028 O O   . ALA A 1 164 ? -28.647 -2.800  -17.448 1.00 50.02  ? 597 ALA A O   1 
ATOM   1029 C CB  . ALA A 1 164 ? -25.669 -2.212  -17.463 1.00 45.87  ? 597 ALA A CB  1 
ATOM   1030 N N   . GLY A 1 165 ? -28.650 -0.637  -16.854 1.00 45.33  ? 598 GLY A N   1 
ATOM   1031 C CA  . GLY A 1 165 ? -29.911 -0.743  -16.149 1.00 44.33  ? 598 GLY A CA  1 
ATOM   1032 C C   . GLY A 1 165 ? -29.763 -0.757  -14.641 1.00 45.43  ? 598 GLY A C   1 
ATOM   1033 O O   . GLY A 1 165 ? -30.746 -0.931  -13.925 1.00 45.35  ? 598 GLY A O   1 
ATOM   1034 N N   . LYS A 1 166 ? -28.540 -0.565  -14.154 1.00 39.16  ? 599 LYS A N   1 
ATOM   1035 C CA  . LYS A 1 166 ? -28.302 -0.543  -12.714 1.00 37.30  ? 599 LYS A CA  1 
ATOM   1036 C C   . LYS A 1 166 ? -28.830 0.742   -12.098 1.00 38.56  ? 599 LYS A C   1 
ATOM   1037 O O   . LYS A 1 166 ? -28.772 1.804   -12.713 1.00 38.39  ? 599 LYS A O   1 
ATOM   1038 C CB  . LYS A 1 166 ? -26.816 -0.714  -12.401 1.00 39.17  ? 599 LYS A CB  1 
ATOM   1039 C CG  . LYS A 1 166 ? -26.269 -2.095  -12.728 1.00 47.46  ? 599 LYS A CG  1 
ATOM   1040 C CD  . LYS A 1 166 ? -24.817 -2.207  -12.302 1.00 54.17  ? 599 LYS A CD  1 
ATOM   1041 C CE  . LYS A 1 166 ? -24.146 -3.416  -12.916 1.00 60.82  ? 599 LYS A CE  1 
ATOM   1042 N NZ  . LYS A 1 166 ? -22.718 -3.495  -12.511 1.00 69.88  ? 599 LYS A NZ  1 
ATOM   1043 N N   . LYS A 1 167 ? -29.336 0.636   -10.874 1.00 33.78  ? 600 LYS A N   1 
ATOM   1044 C CA  . LYS A 1 167 ? -29.903 1.773   -10.158 1.00 32.95  ? 600 LYS A CA  1 
ATOM   1045 C C   . LYS A 1 167 ? -28.979 2.244   -9.040  1.00 35.06  ? 600 LYS A C   1 
ATOM   1046 O O   . LYS A 1 167 ? -28.365 1.431   -8.350  1.00 34.48  ? 600 LYS A O   1 
ATOM   1047 C CB  . LYS A 1 167 ? -31.256 1.382   -9.551  1.00 35.81  ? 600 LYS A CB  1 
ATOM   1048 C CG  . LYS A 1 167 ? -32.456 1.694   -10.434 1.00 54.39  ? 600 LYS A CG  1 
ATOM   1049 C CD  . LYS A 1 167 ? -32.547 0.732   -11.605 1.00 67.12  ? 600 LYS A CD  1 
ATOM   1050 C CE  . LYS A 1 167 ? -33.620 1.169   -12.591 1.00 80.93  ? 600 LYS A CE  1 
ATOM   1051 N NZ  . LYS A 1 167 ? -33.559 2.633   -12.857 1.00 91.41  ? 600 LYS A NZ  1 
ATOM   1052 N N   . ILE A 1 168 ? -28.916 3.555   -8.836  1.00 30.38  ? 601 ILE A N   1 
ATOM   1053 C CA  . ILE A 1 168 ? -28.075 4.118   -7.787  1.00 29.84  ? 601 ILE A CA  1 
ATOM   1054 C C   . ILE A 1 168 ? -28.719 5.362   -7.184  1.00 34.72  ? 601 ILE A C   1 
ATOM   1055 O O   . ILE A 1 168 ? -29.316 6.166   -7.898  1.00 35.24  ? 601 ILE A O   1 
ATOM   1056 C CB  . ILE A 1 168 ? -26.656 4.432   -8.318  1.00 32.33  ? 601 ILE A CB  1 
ATOM   1057 C CG1 . ILE A 1 168 ? -25.664 4.566   -7.160  1.00 32.33  ? 601 ILE A CG1 1 
ATOM   1058 C CG2 . ILE A 1 168 ? -26.666 5.706   -9.150  1.00 32.82  ? 601 ILE A CG2 1 
ATOM   1059 C CD1 . ILE A 1 168 ? -24.229 4.266   -7.546  1.00 34.02  ? 601 ILE A CD1 1 
ATOM   1060 N N   . ASN A 1 169 ? -28.571 5.527   -5.875  1.00 30.81  ? 602 ASN A N   1 
ATOM   1061 C CA  . ASN A 1 169 ? -29.119 6.685   -5.178  1.00 30.59  ? 602 ASN A CA  1 
ATOM   1062 C C   . ASN A 1 169 ? -28.245 7.897   -5.485  1.00 34.42  ? 602 ASN A C   1 
ATOM   1063 O O   . ASN A 1 169 ? -27.044 7.894   -5.214  1.00 32.87  ? 602 ASN A O   1 
ATOM   1064 C CB  . ASN A 1 169 ? -29.163 6.418   -3.670  1.00 30.22  ? 602 ASN A CB  1 
ATOM   1065 C CG  . ASN A 1 169 ? -29.755 7.569   -2.887  1.00 53.57  ? 602 ASN A CG  1 
ATOM   1066 O OD1 . ASN A 1 169 ? -29.254 8.692   -2.939  1.00 43.92  ? 602 ASN A OD1 1 
ATOM   1067 N ND2 . ASN A 1 169 ? -30.799 7.284   -2.116  1.00 50.01  ? 602 ASN A ND2 1 
ATOM   1068 N N   . LYS A 1 170 ? -28.857 8.928   -6.058  1.00 31.51  ? 603 LYS A N   1 
ATOM   1069 C CA  . LYS A 1 170 ? -28.137 10.123  -6.478  1.00 31.45  ? 603 LYS A CA  1 
ATOM   1070 C C   . LYS A 1 170 ? -27.581 10.979  -5.344  1.00 35.62  ? 603 LYS A C   1 
ATOM   1071 O O   . LYS A 1 170 ? -26.688 11.795  -5.558  1.00 35.58  ? 603 LYS A O   1 
ATOM   1072 C CB  . LYS A 1 170 ? -29.015 10.975  -7.400  1.00 34.32  ? 603 LYS A CB  1 
ATOM   1073 C CG  . LYS A 1 170 ? -28.968 12.464  -7.102  1.00 51.14  ? 603 LYS A CG  1 
ATOM   1074 C CD  . LYS A 1 170 ? -29.522 13.282  -8.260  1.00 61.42  ? 603 LYS A CD  1 
ATOM   1075 C CE  . LYS A 1 170 ? -31.036 13.167  -8.336  1.00 71.97  ? 603 LYS A CE  1 
ATOM   1076 N NZ  . LYS A 1 170 ? -31.554 12.136  -7.395  1.00 80.80  ? 603 LYS A NZ  1 
ATOM   1077 N N   . GLU A 1 171 ? -28.098 10.792  -4.139  1.00 31.66  ? 604 GLU A N   1 
ATOM   1078 C CA  . GLU A 1 171 ? -27.644 11.591  -3.007  1.00 31.66  ? 604 GLU A CA  1 
ATOM   1079 C C   . GLU A 1 171 ? -26.558 10.933  -2.171  1.00 35.76  ? 604 GLU A C   1 
ATOM   1080 O O   . GLU A 1 171 ? -25.695 11.612  -1.617  1.00 35.75  ? 604 GLU A O   1 
ATOM   1081 C CB  . GLU A 1 171 ? -28.823 11.938  -2.104  1.00 32.87  ? 604 GLU A CB  1 
ATOM   1082 C CG  . GLU A 1 171 ? -29.940 12.685  -2.805  1.00 42.92  ? 604 GLU A CG  1 
ATOM   1083 C CD  . GLU A 1 171 ? -30.986 13.161  -1.827  1.00 55.64  ? 604 GLU A CD  1 
ATOM   1084 O OE1 . GLU A 1 171 ? -30.659 14.029  -0.995  1.00 39.34  ? 604 GLU A OE1 1 
ATOM   1085 O OE2 . GLU A 1 171 ? -32.100 12.603  -1.828  1.00 52.03  ? 604 GLU A OE2 1 
ATOM   1086 N N   . ASP A 1 172 ? -26.627 9.616   -2.036  1.00 32.55  ? 605 ASP A N   1 
ATOM   1087 C CA  . ASP A 1 172 ? -25.661 8.911   -1.202  1.00 32.63  ? 605 ASP A CA  1 
ATOM   1088 C C   . ASP A 1 172 ? -25.153 7.615   -1.818  1.00 35.05  ? 605 ASP A C   1 
ATOM   1089 O O   . ASP A 1 172 ? -24.546 6.800   -1.130  1.00 35.74  ? 605 ASP A O   1 
ATOM   1090 C CB  . ASP A 1 172 ? -26.263 8.631   0.182   1.00 34.57  ? 605 ASP A CB  1 
ATOM   1091 C CG  . ASP A 1 172 ? -27.413 7.636   0.128   1.00 48.80  ? 605 ASP A CG  1 
ATOM   1092 O OD1 . ASP A 1 172 ? -27.981 7.320   1.197   1.00 51.74  ? 605 ASP A OD1 1 
ATOM   1093 O OD2 . ASP A 1 172 ? -27.760 7.171   -0.979  1.00 53.99  ? 605 ASP A OD2 1 
ATOM   1094 N N   . GLY A 1 173 ? -25.417 7.410   -3.102  1.00 29.85  ? 606 GLY A N   1 
ATOM   1095 C CA  . GLY A 1 173 ? -24.997 6.193   -3.775  1.00 29.28  ? 606 GLY A CA  1 
ATOM   1096 C C   . GLY A 1 173 ? -23.497 6.049   -4.001  1.00 31.93  ? 606 GLY A C   1 
ATOM   1097 O O   . GLY A 1 173 ? -23.004 4.940   -4.198  1.00 30.87  ? 606 GLY A O   1 
ATOM   1098 N N   . ILE A 1 174 ? -22.774 7.164   -3.995  1.00 27.78  ? 607 ILE A N   1 
ATOM   1099 C CA  . ILE A 1 174 ? -21.335 7.141   -4.240  1.00 28.02  ? 607 ILE A CA  1 
ATOM   1100 C C   . ILE A 1 174 ? -20.576 7.583   -2.997  1.00 30.19  ? 607 ILE A C   1 
ATOM   1101 O O   . ILE A 1 174 ? -20.610 8.751   -2.627  1.00 30.10  ? 607 ILE A O   1 
ATOM   1102 C CB  . ILE A 1 174 ? -20.939 8.027   -5.450  1.00 31.92  ? 607 ILE A CB  1 
ATOM   1103 C CG1 . ILE A 1 174 ? -21.659 7.574   -6.722  1.00 33.09  ? 607 ILE A CG1 1 
ATOM   1104 C CG2 . ILE A 1 174 ? -19.426 7.973   -5.672  1.00 33.32  ? 607 ILE A CG2 1 
ATOM   1105 C CD1 . ILE A 1 174 ? -23.170 7.782   -6.690  1.00 45.45  ? 607 ILE A CD1 1 
ATOM   1106 N N   . GLN A 1 175 ? -19.875 6.653   -2.359  1.00 25.04  ? 608 GLN A N   1 
ATOM   1107 C CA  . GLN A 1 175 ? -19.126 6.994   -1.164  1.00 23.77  ? 608 GLN A CA  1 
ATOM   1108 C C   . GLN A 1 175 ? -17.681 7.325   -1.495  1.00 27.91  ? 608 GLN A C   1 
ATOM   1109 O O   . GLN A 1 175 ? -16.993 6.556   -2.159  1.00 25.82  ? 608 GLN A O   1 
ATOM   1110 C CB  . GLN A 1 175 ? -19.183 5.861   -0.147  1.00 24.93  ? 608 GLN A CB  1 
ATOM   1111 C CG  . GLN A 1 175 ? -18.409 6.156   1.120   1.00 33.92  ? 608 GLN A CG  1 
ATOM   1112 C CD  . GLN A 1 175 ? -18.337 4.963   2.049   1.00 50.60  ? 608 GLN A CD  1 
ATOM   1113 O OE1 . GLN A 1 175 ? -18.924 3.916   1.778   1.00 44.12  ? 608 GLN A OE1 1 
ATOM   1114 N NE2 . GLN A 1 175 ? -17.627 5.121   3.160   1.00 42.62  ? 608 GLN A NE2 1 
ATOM   1115 N N   . ARG A 1 176 ? -17.243 8.489   -1.035  1.00 26.95  ? 609 ARG A N   1 
ATOM   1116 C CA  . ARG A 1 176 ? -15.881 8.946   -1.225  1.00 27.58  ? 609 ARG A CA  1 
ATOM   1117 C C   . ARG A 1 176 ? -15.129 8.622   0.054   1.00 32.35  ? 609 ARG A C   1 
ATOM   1118 O O   . ARG A 1 176 ? -15.421 9.181   1.110   1.00 32.80  ? 609 ARG A O   1 
ATOM   1119 C CB  . ARG A 1 176 ? -15.861 10.455  -1.476  1.00 29.54  ? 609 ARG A CB  1 
ATOM   1120 C CG  . ARG A 1 176 ? -14.573 11.143  -1.043  1.00 42.00  ? 609 ARG A CG  1 
ATOM   1121 C CD  . ARG A 1 176 ? -13.634 11.358  -2.216  1.00 56.42  ? 609 ARG A CD  1 
ATOM   1122 N NE  . ARG A 1 176 ? -14.246 12.126  -3.298  1.00 70.74  ? 609 ARG A NE  1 
ATOM   1123 C CZ  . ARG A 1 176 ? -14.968 13.229  -3.124  1.00 84.00  ? 609 ARG A CZ  1 
ATOM   1124 N NH1 . ARG A 1 176 ? -15.179 13.704  -1.904  1.00 73.99  ? 609 ARG A NH1 1 
ATOM   1125 N NH2 . ARG A 1 176 ? -15.485 13.857  -4.173  1.00 66.69  ? 609 ARG A NH2 1 
ATOM   1126 N N   . TYR A 1 177 ? -14.194 7.682   -0.025  1.00 28.76  ? 610 TYR A N   1 
ATOM   1127 C CA  . TYR A 1 177 ? -13.436 7.271   1.154   1.00 28.34  ? 610 TYR A CA  1 
ATOM   1128 C C   . TYR A 1 177 ? -12.499 8.357   1.660   1.00 35.44  ? 610 TYR A C   1 
ATOM   1129 O O   . TYR A 1 177 ? -11.783 8.985   0.882   1.00 35.50  ? 610 TYR A O   1 
ATOM   1130 C CB  . TYR A 1 177 ? -12.629 6.011   0.852   1.00 28.12  ? 610 TYR A CB  1 
ATOM   1131 C CG  . TYR A 1 177 ? -13.463 4.764   0.697   1.00 27.71  ? 610 TYR A CG  1 
ATOM   1132 C CD1 . TYR A 1 177 ? -13.385 3.995   -0.459  1.00 29.18  ? 610 TYR A CD1 1 
ATOM   1133 C CD2 . TYR A 1 177 ? -14.308 4.338   1.715   1.00 27.97  ? 610 TYR A CD2 1 
ATOM   1134 C CE1 . TYR A 1 177 ? -14.130 2.851   -0.602  1.00 29.15  ? 610 TYR A CE1 1 
ATOM   1135 C CE2 . TYR A 1 177 ? -15.050 3.177   1.585   1.00 28.62  ? 610 TYR A CE2 1 
ATOM   1136 C CZ  . TYR A 1 177 ? -14.958 2.441   0.425   1.00 34.09  ? 610 TYR A CZ  1 
ATOM   1137 O OH  . TYR A 1 177 ? -15.695 1.291   0.280   1.00 34.44  ? 610 TYR A OH  1 
ATOM   1138 N N   . LYS A 1 178 ? -12.475 8.541   2.975   1.00 34.48  ? 611 LYS A N   1 
ATOM   1139 C CA  . LYS A 1 178 ? -11.601 9.531   3.596   1.00 35.90  ? 611 LYS A CA  1 
ATOM   1140 C C   . LYS A 1 178 ? -10.284 8.879   4.002   1.00 41.60  ? 611 LYS A C   1 
ATOM   1141 O O   . LYS A 1 178 ? -9.238  9.530   4.047   1.00 42.63  ? 611 LYS A O   1 
ATOM   1142 C CB  . LYS A 1 178 ? -12.284 10.139  4.828   1.00 39.74  ? 611 LYS A CB  1 
ATOM   1143 C CG  . LYS A 1 178 ? -13.074 11.409  4.536   1.00 63.71  ? 611 LYS A CG  1 
ATOM   1144 C CD  . LYS A 1 178 ? -12.260 12.378  3.686   1.00 77.67  ? 611 LYS A CD  1 
ATOM   1145 C CE  . LYS A 1 178 ? -10.830 12.502  4.198   1.00 92.16  ? 611 LYS A CE  1 
ATOM   1146 N NZ  . LYS A 1 178 ? -9.828  12.399  3.099   1.00 103.25 ? 611 LYS A NZ  1 
ATOM   1147 N N   . GLY A 1 179 ? -10.337 7.581   4.277   1.00 37.37  ? 612 GLY A N   1 
ATOM   1148 C CA  . GLY A 1 179 ? -9.162  6.820   4.656   1.00 36.77  ? 612 GLY A CA  1 
ATOM   1149 C C   . GLY A 1 179 ? -9.435  5.330   4.663   1.00 39.36  ? 612 GLY A C   1 
ATOM   1150 O O   . GLY A 1 179 ? -10.571 4.893   4.476   1.00 38.15  ? 612 GLY A O   1 
ATOM   1151 N N   . LEU A 1 180 ? -8.385  4.550   4.896   1.00 35.57  ? 613 LEU A N   1 
ATOM   1152 C CA  . LEU A 1 180 ? -8.490  3.100   4.938   1.00 35.41  ? 613 LEU A CA  1 
ATOM   1153 C C   . LEU A 1 180 ? -9.392  2.626   6.080   1.00 40.10  ? 613 LEU A C   1 
ATOM   1154 O O   . LEU A 1 180 ? -10.104 1.625   5.949   1.00 39.17  ? 613 LEU A O   1 
ATOM   1155 C CB  . LEU A 1 180 ? -7.097  2.484   5.071   1.00 35.40  ? 613 LEU A CB  1 
ATOM   1156 C CG  . LEU A 1 180 ? -6.184  2.693   3.860   1.00 40.07  ? 613 LEU A CG  1 
ATOM   1157 C CD1 . LEU A 1 180 ? -4.721  2.452   4.234   1.00 40.43  ? 613 LEU A CD1 1 
ATOM   1158 C CD2 . LEU A 1 180 ? -6.612  1.784   2.709   1.00 42.11  ? 613 LEU A CD2 1 
ATOM   1159 N N   . GLY A 1 181 ? -9.363  3.347   7.195   1.00 37.56  ? 614 GLY A N   1 
ATOM   1160 C CA  . GLY A 1 181 ? -10.157 3.013   8.366   1.00 37.83  ? 614 GLY A CA  1 
ATOM   1161 C C   . GLY A 1 181 ? -11.656 3.106   8.150   1.00 42.46  ? 614 GLY A C   1 
ATOM   1162 O O   . GLY A 1 181 ? -12.440 2.642   8.971   1.00 42.71  ? 614 GLY A O   1 
ATOM   1163 N N   . GLU A 1 182 ? -12.058 3.710   7.041   1.00 39.13  ? 615 GLU A N   1 
ATOM   1164 C CA  . GLU A 1 182 ? -13.473 3.874   6.726   1.00 38.93  ? 615 GLU A CA  1 
ATOM   1165 C C   . GLU A 1 182 ? -13.984 2.663   5.944   1.00 41.84  ? 615 GLU A C   1 
ATOM   1166 O O   . GLU A 1 182 ? -15.187 2.475   5.777   1.00 41.67  ? 615 GLU A O   1 
ATOM   1167 C CB  . GLU A 1 182 ? -13.671 5.167   5.920   1.00 40.52  ? 615 GLU A CB  1 
ATOM   1168 C CG  . GLU A 1 182 ? -15.118 5.516   5.598   1.00 53.11  ? 615 GLU A CG  1 
ATOM   1169 C CD  . GLU A 1 182 ? -15.230 6.776   4.750   1.00 76.93  ? 615 GLU A CD  1 
ATOM   1170 O OE1 . GLU A 1 182 ? -14.360 7.664   4.891   1.00 68.17  ? 615 GLU A OE1 1 
ATOM   1171 O OE2 . GLU A 1 182 ? -16.170 6.866   3.925   1.00 70.18  ? 615 GLU A OE2 1 
ATOM   1172 N N   . MET A 1 183 ? -13.057 1.831   5.484   1.00 37.48  ? 616 MET A N   1 
ATOM   1173 C CA  . MET A 1 183 ? -13.412 0.644   4.716   1.00 37.05  ? 616 MET A CA  1 
ATOM   1174 C C   . MET A 1 183 ? -13.824 -0.525  5.595   1.00 41.36  ? 616 MET A C   1 
ATOM   1175 O O   . MET A 1 183 ? -13.401 -0.642  6.741   1.00 40.27  ? 616 MET A O   1 
ATOM   1176 C CB  . MET A 1 183 ? -12.233 0.194   3.849   1.00 39.14  ? 616 MET A CB  1 
ATOM   1177 C CG  . MET A 1 183 ? -11.780 1.205   2.813   1.00 42.69  ? 616 MET A CG  1 
ATOM   1178 S SD  . MET A 1 183 ? -10.961 0.398   1.431   1.00 46.49  ? 616 MET A SD  1 
ATOM   1179 C CE  . MET A 1 183 ? -12.337 -0.489  0.709   1.00 42.70  ? 616 MET A CE  1 
ATOM   1180 N N   . ASP A 1 184 ? -14.628 -1.408  5.018   1.00 39.01  ? 617 ASP A N   1 
ATOM   1181 C CA  . ASP A 1 184 ? -15.053 -2.637  5.669   1.00 38.88  ? 617 ASP A CA  1 
ATOM   1182 C C   . ASP A 1 184 ? -13.889 -3.608  5.448   1.00 39.37  ? 617 ASP A C   1 
ATOM   1183 O O   . ASP A 1 184 ? -13.292 -3.625  4.369   1.00 38.54  ? 617 ASP A O   1 
ATOM   1184 C CB  . ASP A 1 184 ? -16.326 -3.140  4.975   1.00 41.82  ? 617 ASP A CB  1 
ATOM   1185 C CG  . ASP A 1 184 ? -16.487 -4.643  5.045   1.00 56.96  ? 617 ASP A CG  1 
ATOM   1186 O OD1 . ASP A 1 184 ? -16.232 -5.320  4.023   1.00 57.52  ? 617 ASP A OD1 1 
ATOM   1187 O OD2 . ASP A 1 184 ? -16.964 -5.135  6.088   1.00 65.69  ? 617 ASP A OD2 1 
ATOM   1188 N N   . ALA A 1 185 ? -13.523 -4.357  6.484   1.00 33.28  ? 618 ALA A N   1 
ATOM   1189 C CA  . ALA A 1 185 ? -12.395 -5.285  6.401   1.00 31.45  ? 618 ALA A CA  1 
ATOM   1190 C C   . ALA A 1 185 ? -12.411 -6.158  5.158   1.00 31.80  ? 618 ALA A C   1 
ATOM   1191 O O   . ALA A 1 185 ? -11.390 -6.330  4.501   1.00 29.91  ? 618 ALA A O   1 
ATOM   1192 C CB  . ALA A 1 185 ? -12.305 -6.140  7.648   1.00 32.20  ? 618 ALA A CB  1 
ATOM   1193 N N   . LYS A 1 186 ? -13.569 -6.718  4.835   1.00 28.01  ? 619 LYS A N   1 
ATOM   1194 C CA  . LYS A 1 186 ? -13.674 -7.573  3.659   1.00 27.39  ? 619 LYS A CA  1 
ATOM   1195 C C   . LYS A 1 186 ? -13.450 -6.798  2.360   1.00 31.12  ? 619 LYS A C   1 
ATOM   1196 O O   . LYS A 1 186 ? -12.803 -7.297  1.437   1.00 30.74  ? 619 LYS A O   1 
ATOM   1197 C CB  . LYS A 1 186 ? -15.014 -8.309  3.639   1.00 29.77  ? 619 LYS A CB  1 
ATOM   1198 C CG  . LYS A 1 186 ? -15.176 -9.259  2.463   1.00 45.98  ? 619 LYS A CG  1 
ATOM   1199 C CD  . LYS A 1 186 ? -16.633 -9.372  2.051   1.00 58.85  ? 619 LYS A CD  1 
ATOM   1200 C CE  . LYS A 1 186 ? -17.327 -10.507 2.787   1.00 72.40  ? 619 LYS A CE  1 
ATOM   1201 N NZ  . LYS A 1 186 ? -18.544 -10.974 2.065   1.00 84.58  ? 619 LYS A NZ  1 
ATOM   1202 N N   . GLU A 1 187 ? -13.975 -5.576  2.292   1.00 28.29  ? 620 GLU A N   1 
ATOM   1203 C CA  . GLU A 1 187 ? -13.819 -4.736  1.101   1.00 28.67  ? 620 GLU A CA  1 
ATOM   1204 C C   . GLU A 1 187 ? -12.369 -4.268  0.951   1.00 32.48  ? 620 GLU A C   1 
ATOM   1205 O O   . GLU A 1 187 ? -11.847 -4.177  -0.160  1.00 32.56  ? 620 GLU A O   1 
ATOM   1206 C CB  . GLU A 1 187 ? -14.795 -3.551  1.131   1.00 30.31  ? 620 GLU A CB  1 
ATOM   1207 C CG  . GLU A 1 187 ? -16.195 -3.948  1.607   1.00 44.49  ? 620 GLU A CG  1 
ATOM   1208 C CD  . GLU A 1 187 ? -17.307 -3.054  1.073   1.00 59.04  ? 620 GLU A CD  1 
ATOM   1209 O OE1 . GLU A 1 187 ? -17.331 -1.863  1.431   1.00 52.93  ? 620 GLU A OE1 1 
ATOM   1210 O OE2 . GLU A 1 187 ? -18.214 -3.567  0.379   1.00 44.67  ? 620 GLU A OE2 1 
ATOM   1211 N N   . LEU A 1 188 ? -11.698 -4.030  2.070   1.00 28.93  ? 621 LEU A N   1 
ATOM   1212 C CA  . LEU A 1 188 ? -10.299 -3.634  2.012   1.00 28.90  ? 621 LEU A CA  1 
ATOM   1213 C C   . LEU A 1 188 ? -9.489  -4.760  1.359   1.00 32.13  ? 621 LEU A C   1 
ATOM   1214 O O   . LEU A 1 188 ? -8.665  -4.518  0.468   1.00 29.63  ? 621 LEU A O   1 
ATOM   1215 C CB  . LEU A 1 188 ? -9.758  -3.333  3.407   1.00 29.33  ? 621 LEU A CB  1 
ATOM   1216 C CG  . LEU A 1 188 ? -8.297  -2.870  3.399   1.00 34.99  ? 621 LEU A CG  1 
ATOM   1217 C CD1 . LEU A 1 188 ? -8.153  -1.626  2.540   1.00 35.98  ? 621 LEU A CD1 1 
ATOM   1218 C CD2 . LEU A 1 188 ? -7.785  -2.610  4.801   1.00 37.29  ? 621 LEU A CD2 1 
ATOM   1219 N N   . TRP A 1 189 ? -9.749  -5.998  1.776   1.00 29.31  ? 622 TRP A N   1 
ATOM   1220 C CA  . TRP A 1 189 ? -9.045  -7.130  1.187   1.00 29.48  ? 622 TRP A CA  1 
ATOM   1221 C C   . TRP A 1 189 ? -9.357  -7.305  -0.302  1.00 32.72  ? 622 TRP A C   1 
ATOM   1222 O O   . TRP A 1 189 ? -8.461  -7.519  -1.116  1.00 31.17  ? 622 TRP A O   1 
ATOM   1223 C CB  . TRP A 1 189 ? -9.338  -8.442  1.937   1.00 28.68  ? 622 TRP A CB  1 
ATOM   1224 C CG  . TRP A 1 189 ? -8.540  -9.580  1.358   1.00 29.93  ? 622 TRP A CG  1 
ATOM   1225 C CD1 . TRP A 1 189 ? -7.256  -9.924  1.681   1.00 33.02  ? 622 TRP A CD1 1 
ATOM   1226 C CD2 . TRP A 1 189 ? -8.895  -10.386 0.227   1.00 30.03  ? 622 TRP A CD2 1 
ATOM   1227 N NE1 . TRP A 1 189 ? -6.813  -10.930 0.857   1.00 32.44  ? 622 TRP A NE1 1 
ATOM   1228 C CE2 . TRP A 1 189 ? -7.802  -11.237 -0.039  1.00 33.98  ? 622 TRP A CE2 1 
ATOM   1229 C CE3 . TRP A 1 189 ? -10.051 -10.511 -0.551  1.00 31.30  ? 622 TRP A CE3 1 
ATOM   1230 C CZ2 . TRP A 1 189 ? -7.820  -12.175 -1.071  1.00 33.39  ? 622 TRP A CZ2 1 
ATOM   1231 C CZ3 . TRP A 1 189 ? -10.071 -11.451 -1.567  1.00 32.77  ? 622 TRP A CZ3 1 
ATOM   1232 C CH2 . TRP A 1 189 ? -8.957  -12.259 -1.827  1.00 33.48  ? 622 TRP A CH2 1 
ATOM   1233 N N   . GLU A 1 190 ? -10.635 -7.234  -0.653  1.00 30.36  ? 623 GLU A N   1 
ATOM   1234 C CA  . GLU A 1 190 ? -11.054 -7.436  -2.036  1.00 30.20  ? 623 GLU A CA  1 
ATOM   1235 C C   . GLU A 1 190 ? -10.494 -6.415  -3.021  1.00 33.12  ? 623 GLU A C   1 
ATOM   1236 O O   . GLU A 1 190 ? -10.307 -6.715  -4.201  1.00 33.26  ? 623 GLU A O   1 
ATOM   1237 C CB  . GLU A 1 190 ? -12.584 -7.432  -2.133  1.00 31.70  ? 623 GLU A CB  1 
ATOM   1238 C CG  . GLU A 1 190 ? -13.275 -8.321  -1.120  1.00 44.18  ? 623 GLU A CG  1 
ATOM   1239 C CD  . GLU A 1 190 ? -14.790 -8.275  -1.243  1.00 64.76  ? 623 GLU A CD  1 
ATOM   1240 O OE1 . GLU A 1 190 ? -15.356 -7.162  -1.247  1.00 53.87  ? 623 GLU A OE1 1 
ATOM   1241 O OE2 . GLU A 1 190 ? -15.411 -9.352  -1.344  1.00 59.86  ? 623 GLU A OE2 1 
ATOM   1242 N N   . THR A 1 191 ? -10.266 -5.201  -2.542  1.00 27.78  ? 624 THR A N   1 
ATOM   1243 C CA  . THR A 1 191 ? -9.824  -4.126  -3.404  1.00 27.72  ? 624 THR A CA  1 
ATOM   1244 C C   . THR A 1 191 ? -8.327  -3.807  -3.389  1.00 32.22  ? 624 THR A C   1 
ATOM   1245 O O   . THR A 1 191 ? -7.816  -3.185  -4.324  1.00 31.96  ? 624 THR A O   1 
ATOM   1246 C CB  . THR A 1 191 ? -10.685 -2.868  -3.170  1.00 34.58  ? 624 THR A CB  1 
ATOM   1247 O OG1 . THR A 1 191 ? -10.428 -2.356  -1.858  1.00 29.61  ? 624 THR A OG1 1 
ATOM   1248 C CG2 . THR A 1 191 ? -12.176 -3.231  -3.272  1.00 32.63  ? 624 THR A CG2 1 
ATOM   1249 N N   . THR A 1 192 ? -7.620  -4.223  -2.341  1.00 27.81  ? 625 THR A N   1 
ATOM   1250 C CA  . THR A 1 192 ? -6.194  -3.909  -2.250  1.00 27.17  ? 625 THR A CA  1 
ATOM   1251 C C   . THR A 1 192 ? -5.273  -5.109  -2.103  1.00 29.41  ? 625 THR A C   1 
ATOM   1252 O O   . THR A 1 192 ? -4.074  -4.990  -2.309  1.00 28.08  ? 625 THR A O   1 
ATOM   1253 C CB  . THR A 1 192 ? -5.914  -2.892  -1.142  1.00 34.64  ? 625 THR A CB  1 
ATOM   1254 O OG1 . THR A 1 192 ? -6.057  -3.536  0.132   1.00 34.91  ? 625 THR A OG1 1 
ATOM   1255 C CG2 . THR A 1 192 ? -6.883  -1.720  -1.240  1.00 33.37  ? 625 THR A CG2 1 
ATOM   1256 N N   . MET A 1 193 ? -5.832  -6.250  -1.716  1.00 26.16  ? 626 MET A N   1 
ATOM   1257 C CA  . MET A 1 193 ? -5.039  -7.450  -1.490  1.00 25.77  ? 626 MET A CA  1 
ATOM   1258 C C   . MET A 1 193 ? -5.356  -8.584  -2.449  1.00 32.75  ? 626 MET A C   1 
ATOM   1259 O O   . MET A 1 193 ? -4.475  -9.361  -2.803  1.00 32.76  ? 626 MET A O   1 
ATOM   1260 C CB  . MET A 1 193 ? -5.132  -7.886  -0.033  1.00 27.19  ? 626 MET A CB  1 
ATOM   1261 C CG  . MET A 1 193 ? -4.732  -6.789  0.939   1.00 30.36  ? 626 MET A CG  1 
ATOM   1262 S SD  . MET A 1 193 ? -4.748  -7.312  2.669   1.00 34.28  ? 626 MET A SD  1 
ATOM   1263 C CE  . MET A 1 193 ? -3.434  -8.563  2.632   1.00 31.14  ? 626 MET A CE  1 
ATOM   1264 N N   . ASP A 1 194 ? -6.597  -8.648  -2.920  1.00 31.63  ? 627 ASP A N   1 
ATOM   1265 C CA  . ASP A 1 194 ? -6.958  -9.667  -3.898  1.00 32.47  ? 627 ASP A CA  1 
ATOM   1266 C C   . ASP A 1 194 ? -6.072  -9.453  -5.119  1.00 38.59  ? 627 ASP A C   1 
ATOM   1267 O O   . ASP A 1 194 ? -6.134  -8.412  -5.768  1.00 38.39  ? 627 ASP A O   1 
ATOM   1268 C CB  . ASP A 1 194 ? -8.434  -9.549  -4.297  1.00 34.14  ? 627 ASP A CB  1 
ATOM   1269 C CG  . ASP A 1 194 ? -8.846  -10.599 -5.319  1.00 44.13  ? 627 ASP A CG  1 
ATOM   1270 O OD1 . ASP A 1 194 ? -7.975  -11.379 -5.756  1.00 44.84  ? 627 ASP A OD1 1 
ATOM   1271 O OD2 . ASP A 1 194 ? -10.042 -10.661 -5.671  1.00 51.39  ? 627 ASP A OD2 1 
ATOM   1272 N N   . PRO A 1 195 ? -5.234  -10.442 -5.448  1.00 37.35  ? 628 PRO A N   1 
ATOM   1273 C CA  . PRO A 1 195 ? -4.300  -10.329 -6.577  1.00 37.69  ? 628 PRO A CA  1 
ATOM   1274 C C   . PRO A 1 195 ? -4.949  -10.081 -7.939  1.00 43.64  ? 628 PRO A C   1 
ATOM   1275 O O   . PRO A 1 195 ? -4.366  -9.414  -8.795  1.00 42.73  ? 628 PRO A O   1 
ATOM   1276 C CB  . PRO A 1 195 ? -3.571  -11.672 -6.560  1.00 39.25  ? 628 PRO A CB  1 
ATOM   1277 C CG  . PRO A 1 195 ? -3.670  -12.129 -5.141  1.00 43.79  ? 628 PRO A CG  1 
ATOM   1278 C CD  . PRO A 1 195 ? -5.017  -11.671 -4.671  1.00 39.14  ? 628 PRO A CD  1 
ATOM   1279 N N   . SER A 1 196 ? -6.147  -10.620 -8.145  1.00 42.29  ? 629 SER A N   1 
ATOM   1280 C CA  . SER A 1 196 ? -6.836  -10.459 -9.428  1.00 42.77  ? 629 SER A CA  1 
ATOM   1281 C C   . SER A 1 196 ? -7.563  -9.129  -9.620  1.00 46.73  ? 629 SER A C   1 
ATOM   1282 O O   . SER A 1 196 ? -8.141  -8.896  -10.679 1.00 47.40  ? 629 SER A O   1 
ATOM   1283 C CB  . SER A 1 196 ? -7.791  -11.624 -9.692  1.00 47.05  ? 629 SER A CB  1 
ATOM   1284 O OG  . SER A 1 196 ? -8.746  -11.744 -8.653  1.00 58.42  ? 629 SER A OG  1 
ATOM   1285 N N   . VAL A 1 197 ? -7.525  -8.252  -8.617  1.00 41.36  ? 630 VAL A N   1 
ATOM   1286 C CA  . VAL A 1 197 ? -8.193  -6.956  -8.738  1.00 39.99  ? 630 VAL A CA  1 
ATOM   1287 C C   . VAL A 1 197 ? -7.389  -5.762  -8.224  1.00 40.74  ? 630 VAL A C   1 
ATOM   1288 O O   . VAL A 1 197 ? -7.552  -4.643  -8.709  1.00 40.20  ? 630 VAL A O   1 
ATOM   1289 C CB  . VAL A 1 197 ? -9.638  -6.980  -8.178  1.00 44.25  ? 630 VAL A CB  1 
ATOM   1290 C CG1 . VAL A 1 197 ? -10.081 -8.405  -7.870  1.00 44.29  ? 630 VAL A CG1 1 
ATOM   1291 C CG2 . VAL A 1 197 ? -9.762  -6.089  -6.953  1.00 43.94  ? 630 VAL A CG2 1 
ATOM   1292 N N   . ARG A 1 198 ? -6.527  -5.999  -7.241  1.00 34.59  ? 631 ARG A N   1 
ATOM   1293 C CA  . ARG A 1 198 ? -5.721  -4.929  -6.654  1.00 33.03  ? 631 ARG A CA  1 
ATOM   1294 C C   . ARG A 1 198 ? -4.956  -4.094  -7.681  1.00 34.34  ? 631 ARG A C   1 
ATOM   1295 O O   . ARG A 1 198 ? -4.573  -4.587  -8.743  1.00 33.36  ? 631 ARG A O   1 
ATOM   1296 C CB  . ARG A 1 198 ? -4.738  -5.507  -5.632  1.00 31.43  ? 631 ARG A CB  1 
ATOM   1297 C CG  . ARG A 1 198 ? -3.522  -6.163  -6.262  1.00 30.80  ? 631 ARG A CG  1 
ATOM   1298 C CD  . ARG A 1 198 ? -2.633  -6.794  -5.202  1.00 28.03  ? 631 ARG A CD  1 
ATOM   1299 N NE  . ARG A 1 198 ? -1.725  -7.777  -5.783  1.00 24.68  ? 631 ARG A NE  1 
ATOM   1300 C CZ  . ARG A 1 198 ? -1.020  -8.651  -5.076  1.00 38.73  ? 631 ARG A CZ  1 
ATOM   1301 N NH1 . ARG A 1 198 ? -1.116  -8.672  -3.752  1.00 27.62  ? 631 ARG A NH1 1 
ATOM   1302 N NH2 . ARG A 1 198 ? -0.225  -9.510  -5.693  1.00 26.05  ? 631 ARG A NH2 1 
ATOM   1303 N N   . VAL A 1 199 ? -4.691  -2.841  -7.323  1.00 30.35  ? 632 VAL A N   1 
ATOM   1304 C CA  . VAL A 1 199 ? -3.942  -1.919  -8.180  1.00 30.08  ? 632 VAL A CA  1 
ATOM   1305 C C   . VAL A 1 199 ? -2.609  -1.587  -7.506  1.00 33.26  ? 632 VAL A C   1 
ATOM   1306 O O   . VAL A 1 199 ? -2.559  -0.844  -6.528  1.00 33.01  ? 632 VAL A O   1 
ATOM   1307 C CB  . VAL A 1 199 ? -4.773  -0.648  -8.487  1.00 33.74  ? 632 VAL A CB  1 
ATOM   1308 C CG1 . VAL A 1 199 ? -3.978  0.321   -9.342  1.00 33.72  ? 632 VAL A CG1 1 
ATOM   1309 C CG2 . VAL A 1 199 ? -6.082  -1.025  -9.165  1.00 33.28  ? 632 VAL A CG2 1 
ATOM   1310 N N   . LEU A 1 200 ? -1.536  -2.174  -8.020  1.00 30.20  ? 633 LEU A N   1 
ATOM   1311 C CA  . LEU A 1 200 ? -0.202  -2.027  -7.438  1.00 30.04  ? 633 LEU A CA  1 
ATOM   1312 C C   . LEU A 1 200 ? 0.740   -1.208  -8.313  1.00 34.35  ? 633 LEU A C   1 
ATOM   1313 O O   . LEU A 1 200 ? 0.751   -1.366  -9.529  1.00 34.19  ? 633 LEU A O   1 
ATOM   1314 C CB  . LEU A 1 200 ? 0.414   -3.420  -7.250  1.00 29.71  ? 633 LEU A CB  1 
ATOM   1315 C CG  . LEU A 1 200 ? 0.463   -4.068  -5.864  1.00 34.23  ? 633 LEU A CG  1 
ATOM   1316 C CD1 . LEU A 1 200 ? -0.781  -3.808  -5.035  1.00 33.86  ? 633 LEU A CD1 1 
ATOM   1317 C CD2 . LEU A 1 200 ? 0.755   -5.564  -5.987  1.00 36.15  ? 633 LEU A CD2 1 
ATOM   1318 N N   . ARG A 1 201 ? 1.577   -0.388  -7.682  1.00 30.61  ? 634 ARG A N   1 
ATOM   1319 C CA  . ARG A 1 201 ? 2.570   0.397   -8.405  1.00 30.37  ? 634 ARG A CA  1 
ATOM   1320 C C   . ARG A 1 201 ? 3.984   0.061   -7.938  1.00 32.85  ? 634 ARG A C   1 
ATOM   1321 O O   . ARG A 1 201 ? 4.324   0.236   -6.770  1.00 30.89  ? 634 ARG A O   1 
ATOM   1322 C CB  . ARG A 1 201 ? 2.306   1.891   -8.250  1.00 32.28  ? 634 ARG A CB  1 
ATOM   1323 C CG  . ARG A 1 201 ? 1.479   2.476   -9.397  1.00 50.00  ? 634 ARG A CG  1 
ATOM   1324 C CD  . ARG A 1 201 ? 1.160   3.941   -9.160  1.00 65.51  ? 634 ARG A CD  1 
ATOM   1325 N NE  . ARG A 1 201 ? 0.772   4.180   -7.775  1.00 78.77  ? 634 ARG A NE  1 
ATOM   1326 C CZ  . ARG A 1 201 ? -0.458  4.005   -7.306  1.00 93.04  ? 634 ARG A CZ  1 
ATOM   1327 N NH1 . ARG A 1 201 ? -1.428  3.603   -8.120  1.00 78.29  ? 634 ARG A NH1 1 
ATOM   1328 N NH2 . ARG A 1 201 ? -0.719  4.237   -6.026  1.00 78.71  ? 634 ARG A NH2 1 
ATOM   1329 N N   . GLN A 1 202 ? 4.808   -0.415  -8.863  1.00 29.64  ? 635 GLN A N   1 
ATOM   1330 C CA  . GLN A 1 202 ? 6.180   -0.775  -8.539  1.00 29.31  ? 635 GLN A CA  1 
ATOM   1331 C C   . GLN A 1 202 ? 6.994   0.446   -8.141  1.00 32.28  ? 635 GLN A C   1 
ATOM   1332 O O   . GLN A 1 202 ? 7.004   1.449   -8.845  1.00 33.89  ? 635 GLN A O   1 
ATOM   1333 C CB  . GLN A 1 202 ? 6.838   -1.488  -9.720  1.00 30.61  ? 635 GLN A CB  1 
ATOM   1334 C CG  . GLN A 1 202 ? 8.111   -2.235  -9.356  1.00 47.14  ? 635 GLN A CG  1 
ATOM   1335 C CD  . GLN A 1 202 ? 8.430   -3.357  -10.324 1.00 66.32  ? 635 GLN A CD  1 
ATOM   1336 O OE1 . GLN A 1 202 ? 9.064   -4.342  -9.956  1.00 63.34  ? 635 GLN A OE1 1 
ATOM   1337 N NE2 . GLN A 1 202 ? 7.983   -3.215  -11.566 1.00 61.27  ? 635 GLN A NE2 1 
ATOM   1338 N N   . VAL A 1 203 ? 7.667   0.365   -7.001  1.00 26.69  ? 636 VAL A N   1 
ATOM   1339 C CA  . VAL A 1 203 ? 8.518   1.451   -6.546  1.00 26.00  ? 636 VAL A CA  1 
ATOM   1340 C C   . VAL A 1 203 ? 9.849   1.301   -7.267  1.00 30.84  ? 636 VAL A C   1 
ATOM   1341 O O   . VAL A 1 203 ? 10.448  0.232   -7.257  1.00 30.52  ? 636 VAL A O   1 
ATOM   1342 C CB  . VAL A 1 203 ? 8.726   1.410   -5.020  1.00 28.92  ? 636 VAL A CB  1 
ATOM   1343 C CG1 . VAL A 1 203 ? 9.749   2.443   -4.596  1.00 28.10  ? 636 VAL A CG1 1 
ATOM   1344 C CG2 . VAL A 1 203 ? 7.405   1.620   -4.293  1.00 28.57  ? 636 VAL A CG2 1 
ATOM   1345 N N   . THR A 1 204 ? 10.295  2.365   -7.921  1.00 27.95  ? 637 THR A N   1 
ATOM   1346 C CA  . THR A 1 204 ? 11.554  2.331   -8.652  1.00 27.57  ? 637 THR A CA  1 
ATOM   1347 C C   . THR A 1 204 ? 12.648  2.889   -7.759  1.00 30.49  ? 637 THR A C   1 
ATOM   1348 O O   . THR A 1 204 ? 12.370  3.474   -6.717  1.00 27.84  ? 637 THR A O   1 
ATOM   1349 C CB  . THR A 1 204 ? 11.462  3.161   -9.942  1.00 36.00  ? 637 THR A CB  1 
ATOM   1350 O OG1 . THR A 1 204 ? 11.392  4.548   -9.599  1.00 35.77  ? 637 THR A OG1 1 
ATOM   1351 C CG2 . THR A 1 204 ? 10.225  2.783   -10.737 1.00 35.36  ? 637 THR A CG2 1 
ATOM   1352 N N   . LEU A 1 205 ? 13.895  2.734   -8.184  1.00 29.57  ? 638 LEU A N   1 
ATOM   1353 C CA  . LEU A 1 205 ? 15.009  3.282   -7.427  1.00 30.53  ? 638 LEU A CA  1 
ATOM   1354 C C   . LEU A 1 205 ? 14.842  4.805   -7.329  1.00 32.97  ? 638 LEU A C   1 
ATOM   1355 O O   . LEU A 1 205 ? 15.080  5.397   -6.281  1.00 31.95  ? 638 LEU A O   1 
ATOM   1356 C CB  . LEU A 1 205 ? 16.333  2.939   -8.113  1.00 31.72  ? 638 LEU A CB  1 
ATOM   1357 C CG  . LEU A 1 205 ? 17.279  2.015   -7.344  1.00 38.38  ? 638 LEU A CG  1 
ATOM   1358 C CD1 . LEU A 1 205 ? 18.701  2.166   -7.856  1.00 39.42  ? 638 LEU A CD1 1 
ATOM   1359 C CD2 . LEU A 1 205 ? 17.208  2.293   -5.846  1.00 42.52  ? 638 LEU A CD2 1 
ATOM   1360 N N   . ASP A 1 206 ? 14.422  5.426   -8.428  1.00 29.95  ? 639 ASP A N   1 
ATOM   1361 C CA  . ASP A 1 206 ? 14.209  6.875   -8.470  1.00 30.84  ? 639 ASP A CA  1 
ATOM   1362 C C   . ASP A 1 206 ? 13.123  7.316   -7.488  1.00 34.79  ? 639 ASP A C   1 
ATOM   1363 O O   . ASP A 1 206 ? 13.257  8.342   -6.823  1.00 34.43  ? 639 ASP A O   1 
ATOM   1364 C CB  . ASP A 1 206 ? 13.831  7.319   -9.885  1.00 33.41  ? 639 ASP A CB  1 
ATOM   1365 C CG  . ASP A 1 206 ? 15.041  7.518   -10.778 1.00 49.05  ? 639 ASP A CG  1 
ATOM   1366 O OD1 . ASP A 1 206 ? 14.850  7.925   -11.945 1.00 51.89  ? 639 ASP A OD1 1 
ATOM   1367 O OD2 . ASP A 1 206 ? 16.179  7.277   -10.315 1.00 53.04  ? 639 ASP A OD2 1 
ATOM   1368 N N   . ASP A 1 207 ? 12.042  6.544   -7.404  1.00 31.08  ? 640 ASP A N   1 
ATOM   1369 C CA  . ASP A 1 207 ? 10.961  6.859   -6.468  1.00 30.20  ? 640 ASP A CA  1 
ATOM   1370 C C   . ASP A 1 207 ? 11.514  6.878   -5.051  1.00 32.82  ? 640 ASP A C   1 
ATOM   1371 O O   . ASP A 1 207 ? 11.283  7.819   -4.287  1.00 31.58  ? 640 ASP A O   1 
ATOM   1372 C CB  . ASP A 1 207 ? 9.865   5.794   -6.528  1.00 32.18  ? 640 ASP A CB  1 
ATOM   1373 C CG  . ASP A 1 207 ? 9.112   5.803   -7.835  1.00 43.54  ? 640 ASP A CG  1 
ATOM   1374 O OD1 . ASP A 1 207 ? 8.553   4.745   -8.205  1.00 45.33  ? 640 ASP A OD1 1 
ATOM   1375 O OD2 . ASP A 1 207 ? 9.070   6.865   -8.490  1.00 49.33  ? 640 ASP A OD2 1 
ATOM   1376 N N   . ALA A 1 208 ? 12.220  5.811   -4.692  1.00 29.26  ? 641 ALA A N   1 
ATOM   1377 C CA  . ALA A 1 208 ? 12.779  5.691   -3.352  1.00 28.98  ? 641 ALA A CA  1 
ATOM   1378 C C   . ALA A 1 208 ? 13.770  6.805   -3.054  1.00 31.73  ? 641 ALA A C   1 
ATOM   1379 O O   . ALA A 1 208 ? 13.861  7.274   -1.920  1.00 31.63  ? 641 ALA A O   1 
ATOM   1380 C CB  . ALA A 1 208 ? 13.430  4.320   -3.159  1.00 29.74  ? 641 ALA A CB  1 
ATOM   1381 N N   . ALA A 1 209 ? 14.514  7.232   -4.068  1.00 27.86  ? 642 ALA A N   1 
ATOM   1382 C CA  . ALA A 1 209 ? 15.480  8.314   -3.875  1.00 28.01  ? 642 ALA A CA  1 
ATOM   1383 C C   . ALA A 1 209 ? 14.705  9.595   -3.592  1.00 30.45  ? 642 ALA A C   1 
ATOM   1384 O O   . ALA A 1 209 ? 15.097  10.402  -2.749  1.00 30.61  ? 642 ALA A O   1 
ATOM   1385 C CB  . ALA A 1 209 ? 16.371  8.480   -5.105  1.00 28.93  ? 642 ALA A CB  1 
ATOM   1386 N N   . ALA A 1 210 ? 13.580  9.758   -4.280  1.00 26.42  ? 643 ALA A N   1 
ATOM   1387 C CA  . ALA A 1 210 ? 12.721  10.921  -4.066  1.00 26.64  ? 643 ALA A CA  1 
ATOM   1388 C C   . ALA A 1 210 ? 12.147  10.932  -2.650  1.00 30.59  ? 643 ALA A C   1 
ATOM   1389 O O   . ALA A 1 210 ? 12.030  11.989  -2.022  1.00 30.55  ? 643 ALA A O   1 
ATOM   1390 C CB  . ALA A 1 210 ? 11.601  10.944  -5.097  1.00 27.51  ? 643 ALA A CB  1 
ATOM   1391 N N   . ALA A 1 211 ? 11.788  9.754   -2.142  1.00 26.94  ? 644 ALA A N   1 
ATOM   1392 C CA  . ALA A 1 211 ? 11.246  9.643   -0.786  1.00 26.53  ? 644 ALA A CA  1 
ATOM   1393 C C   . ALA A 1 211 ? 12.328  9.984   0.240   1.00 29.60  ? 644 ALA A C   1 
ATOM   1394 O O   . ALA A 1 211 ? 12.070  10.636  1.255   1.00 27.39  ? 644 ALA A O   1 
ATOM   1395 C CB  . ALA A 1 211 ? 10.711  8.239   -0.542  1.00 27.20  ? 644 ALA A CB  1 
ATOM   1396 N N   . ASP A 1 212 ? 13.542  9.525   -0.028  1.00 27.55  ? 645 ASP A N   1 
ATOM   1397 C CA  . ASP A 1 212 ? 14.667  9.781   0.863   1.00 28.19  ? 645 ASP A CA  1 
ATOM   1398 C C   . ASP A 1 212 ? 14.988  11.277  0.937   1.00 31.43  ? 645 ASP A C   1 
ATOM   1399 O O   . ASP A 1 212 ? 15.299  11.797  2.009   1.00 30.24  ? 645 ASP A O   1 
ATOM   1400 C CB  . ASP A 1 212 ? 15.905  8.998   0.412   1.00 30.42  ? 645 ASP A CB  1 
ATOM   1401 C CG  . ASP A 1 212 ? 17.167  9.456   1.115   1.00 45.44  ? 645 ASP A CG  1 
ATOM   1402 O OD1 . ASP A 1 212 ? 18.049  10.032  0.443   1.00 47.72  ? 645 ASP A OD1 1 
ATOM   1403 O OD2 . ASP A 1 212 ? 17.264  9.271   2.347   1.00 52.44  ? 645 ASP A OD2 1 
ATOM   1404 N N   . GLU A 1 213 ? 14.902  11.974  -0.194  1.00 29.06  ? 646 GLU A N   1 
ATOM   1405 C CA  . GLU A 1 213 ? 15.160  13.418  -0.192  1.00 29.18  ? 646 GLU A CA  1 
ATOM   1406 C C   . GLU A 1 213 ? 14.056  14.109  0.600   1.00 33.49  ? 646 GLU A C   1 
ATOM   1407 O O   . GLU A 1 213 ? 14.301  15.046  1.365   1.00 33.07  ? 646 GLU A O   1 
ATOM   1408 C CB  . GLU A 1 213 ? 15.190  13.994  -1.610  1.00 30.63  ? 646 GLU A CB  1 
ATOM   1409 C CG  . GLU A 1 213 ? 14.860  15.491  -1.624  1.00 41.18  ? 646 GLU A CG  1 
ATOM   1410 C CD  . GLU A 1 213 ? 15.211  16.181  -2.930  1.00 57.37  ? 646 GLU A CD  1 
ATOM   1411 O OE1 . GLU A 1 213 ? 15.667  17.344  -2.884  1.00 51.28  ? 646 GLU A OE1 1 
ATOM   1412 O OE2 . GLU A 1 213 ? 14.988  15.585  -4.002  1.00 50.92  ? 646 GLU A OE2 1 
ATOM   1413 N N   . LEU A 1 214 ? 12.832  13.638  0.405   1.00 30.21  ? 647 LEU A N   1 
ATOM   1414 C CA  . LEU A 1 214 ? 11.693  14.200  1.113   1.00 30.25  ? 647 LEU A CA  1 
ATOM   1415 C C   . LEU A 1 214 ? 11.904  14.026  2.611   1.00 33.67  ? 647 LEU A C   1 
ATOM   1416 O O   . LEU A 1 214 ? 11.701  14.954  3.391   1.00 33.16  ? 647 LEU A O   1 
ATOM   1417 C CB  . LEU A 1 214 ? 10.401  13.511  0.668   1.00 30.64  ? 647 LEU A CB  1 
ATOM   1418 C CG  . LEU A 1 214 ? 9.114   13.973  1.355   1.00 36.43  ? 647 LEU A CG  1 
ATOM   1419 C CD1 . LEU A 1 214 ? 9.183   15.445  1.725   1.00 36.84  ? 647 LEU A CD1 1 
ATOM   1420 C CD2 . LEU A 1 214 ? 7.928   13.695  0.455   1.00 41.07  ? 647 LEU A CD2 1 
ATOM   1421 N N   . PHE A 1 215 ? 12.345  12.838  3.004   1.00 30.21  ? 648 PHE A N   1 
ATOM   1422 C CA  . PHE A 1 215 ? 12.605  12.557  4.408   1.00 30.30  ? 648 PHE A CA  1 
ATOM   1423 C C   . PHE A 1 215 ? 13.666  13.516  4.941   1.00 34.78  ? 648 PHE A C   1 
ATOM   1424 O O   . PHE A 1 215 ? 13.558  14.025  6.052   1.00 34.28  ? 648 PHE A O   1 
ATOM   1425 C CB  . PHE A 1 215 ? 13.066  11.105  4.586   1.00 32.35  ? 648 PHE A CB  1 
ATOM   1426 C CG  . PHE A 1 215 ? 13.400  10.748  6.007   1.00 34.38  ? 648 PHE A CG  1 
ATOM   1427 C CD1 . PHE A 1 215 ? 12.415  10.283  6.867   1.00 38.03  ? 648 PHE A CD1 1 
ATOM   1428 C CD2 . PHE A 1 215 ? 14.688  10.911  6.494   1.00 36.38  ? 648 PHE A CD2 1 
ATOM   1429 C CE1 . PHE A 1 215 ? 12.715  9.968   8.187   1.00 38.80  ? 648 PHE A CE1 1 
ATOM   1430 C CE2 . PHE A 1 215 ? 14.993  10.594  7.803   1.00 39.53  ? 648 PHE A CE2 1 
ATOM   1431 C CZ  . PHE A 1 215 ? 14.001  10.122  8.652   1.00 37.65  ? 648 PHE A CZ  1 
ATOM   1432 N N   . SER A 1 216 ? 14.690  13.769  4.136   1.00 32.57  ? 649 SER A N   1 
ATOM   1433 C CA  . SER A 1 216 ? 15.758  14.674  4.541   1.00 33.26  ? 649 SER A CA  1 
ATOM   1434 C C   . SER A 1 216 ? 15.280  16.111  4.728   1.00 37.48  ? 649 SER A C   1 
ATOM   1435 O O   . SER A 1 216 ? 15.600  16.755  5.727   1.00 36.76  ? 649 SER A O   1 
ATOM   1436 C CB  . SER A 1 216 ? 16.918  14.618  3.550   1.00 37.40  ? 649 SER A CB  1 
ATOM   1437 O OG  . SER A 1 216 ? 17.767  13.523  3.853   1.00 49.52  ? 649 SER A OG  1 
ATOM   1438 N N   . ILE A 1 217 ? 14.522  16.613  3.760   1.00 34.74  ? 650 ILE A N   1 
ATOM   1439 C CA  . ILE A 1 217 ? 14.017  17.977  3.832   1.00 34.43  ? 650 ILE A CA  1 
ATOM   1440 C C   . ILE A 1 217 ? 13.175  18.156  5.083   1.00 40.39  ? 650 ILE A C   1 
ATOM   1441 O O   . ILE A 1 217 ? 13.409  19.063  5.876   1.00 40.29  ? 650 ILE A O   1 
ATOM   1442 C CB  . ILE A 1 217 ? 13.215  18.352  2.570   1.00 37.10  ? 650 ILE A CB  1 
ATOM   1443 C CG1 . ILE A 1 217 ? 14.124  18.365  1.338   1.00 36.72  ? 650 ILE A CG1 1 
ATOM   1444 C CG2 . ILE A 1 217 ? 12.531  19.707  2.756   1.00 37.26  ? 650 ILE A CG2 1 
ATOM   1445 C CD1 . ILE A 1 217 ? 13.369  18.492  0.026   1.00 36.14  ? 650 ILE A CD1 1 
ATOM   1446 N N   . LEU A 1 218 ? 12.225  17.270  5.279   1.00 38.49  ? 651 LEU A N   1 
ATOM   1447 C CA  . LEU A 1 218 ? 11.331  17.384  6.391   1.00 39.04  ? 651 LEU A CA  1 
ATOM   1448 C C   . LEU A 1 218 ? 12.020  17.239  7.713   1.00 45.37  ? 651 LEU A C   1 
ATOM   1449 O O   . LEU A 1 218 ? 11.633  17.864  8.648   1.00 44.87  ? 651 LEU A O   1 
ATOM   1450 C CB  . LEU A 1 218 ? 10.182  16.406  6.280   1.00 39.21  ? 651 LEU A CB  1 
ATOM   1451 C CG  . LEU A 1 218 ? 9.293   16.552  5.059   1.00 44.15  ? 651 LEU A CG  1 
ATOM   1452 C CD1 . LEU A 1 218 ? 8.093   15.767  5.209   1.00 44.30  ? 651 LEU A CD1 1 
ATOM   1453 C CD2 . LEU A 1 218 ? 8.941   17.942  4.796   1.00 46.97  ? 651 LEU A CD2 1 
ATOM   1454 N N   . MET A 1 219 ? 13.049  16.424  7.798   1.00 44.25  ? 652 MET A N   1 
ATOM   1455 C CA  . MET A 1 219 ? 13.768  16.304  9.053   1.00 45.34  ? 652 MET A CA  1 
ATOM   1456 C C   . MET A 1 219 ? 14.530  17.588  9.337   1.00 50.04  ? 652 MET A C   1 
ATOM   1457 O O   . MET A 1 219 ? 14.540  18.055  10.447  1.00 49.90  ? 652 MET A O   1 
ATOM   1458 C CB  . MET A 1 219 ? 14.690  15.089  9.081   1.00 48.25  ? 652 MET A CB  1 
ATOM   1459 C CG  . MET A 1 219 ? 13.986  13.750  9.045   1.00 52.64  ? 652 MET A CG  1 
ATOM   1460 S SD  . MET A 1 219 ? 12.826  13.504  10.368  1.00 57.71  ? 652 MET A SD  1 
ATOM   1461 C CE  . MET A 1 219 ? 13.773  14.087  11.709  1.00 54.44  ? 652 MET A CE  1 
ATOM   1462 N N   . GLY A 1 220 ? 15.155  18.158  8.321   1.00 46.91  ? 653 GLY A N   1 
ATOM   1463 C CA  . GLY A 1 220 ? 15.782  19.458  8.448   1.00 46.92  ? 653 GLY A CA  1 
ATOM   1464 C C   . GLY A 1 220 ? 14.832  20.466  9.055   1.00 51.26  ? 653 GLY A C   1 
ATOM   1465 O O   . GLY A 1 220 ? 15.209  21.540  9.419   1.00 50.52  ? 653 GLY A O   1 
ATOM   1466 N N   . GLU A 1 221 ? 13.579  20.070  9.170   1.00 48.39  ? 654 GLU A N   1 
ATOM   1467 C CA  . GLU A 1 221 ? 12.558  20.796  9.902   1.00 79.94  ? 654 GLU A CA  1 
ATOM   1468 C C   . GLU A 1 221 ? 12.052  21.898  9.047   1.00 105.45 ? 654 GLU A C   1 
ATOM   1469 O O   . GLU A 1 221 ? 11.983  21.728  7.850   1.00 67.82  ? 654 GLU A O   1 
ATOM   1470 C CB  . GLU A 1 221 ? 13.109  21.350  11.198  1.00 20.00  ? 654 GLU A CB  1 
ATOM   1471 C CG  . GLU A 1 221 ? 13.010  20.414  12.386  1.00 20.00  ? 654 GLU A CG  1 
ATOM   1472 C CD  . GLU A 1 221 ? 13.845  20.895  13.532  1.00 20.00  ? 654 GLU A CD  1 
ATOM   1473 O OE1 . GLU A 1 221 ? 13.290  21.554  14.426  1.00 20.00  ? 654 GLU A OE1 1 
ATOM   1474 O OE2 . GLU A 1 221 ? 15.061  20.628  13.531  1.00 20.00  ? 654 GLU A OE2 1 
HETATM 1475 O O   . HOH B 2 .   ? -5.467  -1.646  -4.792  1.00 37.02  ? 1   HOH A O   1 
HETATM 1476 O O   . HOH B 2 .   ? 5.027   -3.868  12.539  1.00 14.35  ? 2   HOH A O   1 
HETATM 1477 O O   . HOH B 2 .   ? 21.080  -0.546  1.346   1.00 43.37  ? 3   HOH A O   1 
HETATM 1478 O O   . HOH B 2 .   ? 10.828  -2.438  -6.258  1.00 22.06  ? 4   HOH A O   1 
HETATM 1479 O O   . HOH B 2 .   ? 5.994   0.292   18.749  1.00 46.69  ? 5   HOH A O   1 
HETATM 1480 O O   . HOH B 2 .   ? -20.309 -0.297  -13.988 1.00 29.78  ? 6   HOH A O   1 
HETATM 1481 O O   . HOH B 2 .   ? 16.060  -8.877  8.727   1.00 31.84  ? 7   HOH A O   1 
HETATM 1482 O O   . HOH B 2 .   ? 14.931  -14.319 -3.779  1.00 56.81  ? 8   HOH A O   1 
HETATM 1483 O O   . HOH B 2 .   ? 10.629  10.199  -9.653  1.00 61.63  ? 9   HOH A O   1 
HETATM 1484 O O   . HOH B 2 .   ? 7.801   -13.534 8.827   1.00 21.75  ? 10  HOH A O   1 
HETATM 1485 O O   . HOH B 2 .   ? 11.988  -1.327  -9.362  1.00 49.67  ? 11  HOH A O   1 
HETATM 1486 O O   . HOH B 2 .   ? -24.099 -2.241  -3.945  1.00 32.57  ? 12  HOH A O   1 
HETATM 1487 O O   . HOH B 2 .   ? 10.586  -14.039 8.414   1.00 25.75  ? 13  HOH A O   1 
HETATM 1488 O O   . HOH B 2 .   ? 17.742  11.052  -2.205  1.00 39.74  ? 14  HOH A O   1 
HETATM 1489 O O   . HOH B 2 .   ? -1.142  -7.502  -8.673  1.00 46.70  ? 15  HOH A O   1 
HETATM 1490 O O   . HOH B 2 .   ? 19.246  -12.211 8.058   1.00 42.19  ? 16  HOH A O   1 
HETATM 1491 O O   . HOH B 2 .   ? -0.215  3.192   -0.135  1.00 42.00  ? 19  HOH A O   1 
HETATM 1492 O O   . HOH B 2 .   ? 20.778  -9.281  -6.203  1.00 42.15  ? 20  HOH A O   1 
HETATM 1493 O O   . HOH B 2 .   ? -22.575 -4.338  -10.167 1.00 40.87  ? 21  HOH A O   1 
HETATM 1494 O O   . HOH B 2 .   ? 5.233   3.331   14.672  1.00 46.20  ? 22  HOH A O   1 
HETATM 1495 O O   . HOH B 2 .   ? 14.918  17.067  -6.221  1.00 35.63  ? 23  HOH A O   1 
HETATM 1496 O O   . HOH B 2 .   ? 21.696  -11.194 7.351   1.00 38.66  ? 24  HOH A O   1 
HETATM 1497 O O   . HOH B 2 .   ? -9.633  4.273   0.909   1.00 45.99  ? 25  HOH A O   1 
HETATM 1498 O O   . HOH B 2 .   ? -3.052  5.469   -0.870  1.00 54.88  ? 26  HOH A O   1 
HETATM 1499 O O   . HOH B 2 .   ? 0.208   2.696   21.895  1.00 44.57  ? 27  HOH A O   1 
HETATM 1500 O O   . HOH B 2 .   ? 18.198  4.749   -11.361 1.00 65.58  ? 28  HOH A O   1 
HETATM 1501 O O   . HOH B 2 .   ? 0.406   7.884   0.814   1.00 47.62  ? 29  HOH A O   1 
HETATM 1502 O O   . HOH B 2 .   ? -8.465  11.016  -9.431  1.00 66.47  ? 32  HOH A O   1 
HETATM 1503 O O   . HOH B 2 .   ? -8.919  10.632  -12.621 1.00 45.21  ? 33  HOH A O   1 
HETATM 1504 O O   . HOH B 2 .   ? 14.741  4.215   -11.309 1.00 46.44  ? 34  HOH A O   1 
HETATM 1505 O O   . HOH B 2 .   ? -15.229 -2.910  -8.548  1.00 41.31  ? 35  HOH A O   1 
HETATM 1506 O O   . HOH B 2 .   ? -28.774 -2.170  -9.399  1.00 33.52  ? 36  HOH A O   1 
HETATM 1507 O O   . HOH B 2 .   ? -27.363 3.605   -3.938  1.00 29.38  ? 37  HOH A O   1 
HETATM 1508 O O   . HOH B 2 .   ? -21.391 9.437   0.383   1.00 55.82  ? 38  HOH A O   1 
HETATM 1509 O O   . HOH B 2 .   ? -18.337 -1.271  -15.730 1.00 53.71  ? 39  HOH A O   1 
HETATM 1510 O O   . HOH B 2 .   ? -7.050  8.877   -14.419 1.00 60.34  ? 43  HOH A O   1 
HETATM 1511 O O   . HOH B 2 .   ? 11.999  -14.664 -2.904  1.00 46.67  ? 44  HOH A O   1 
HETATM 1512 O O   . HOH B 2 .   ? -15.807 11.854  1.878   1.00 52.99  ? 46  HOH A O   1 
HETATM 1513 O O   . HOH B 2 .   ? -21.010 0.368   -21.099 1.00 59.98  ? 47  HOH A O   1 
HETATM 1514 O O   . HOH B 2 .   ? 10.576  6.494   -11.413 1.00 48.83  ? 48  HOH A O   1 
HETATM 1515 O O   . HOH B 2 .   ? -11.396 6.893   -20.464 1.00 54.86  ? 49  HOH A O   1 
HETATM 1516 O O   . HOH B 2 .   ? 4.106   -0.536  -11.796 1.00 39.78  ? 51  HOH A O   1 
HETATM 1517 O O   . HOH B 2 .   ? -27.153 7.638   -22.638 1.00 64.95  ? 52  HOH A O   1 
HETATM 1518 O O   . HOH B 2 .   ? -7.047  7.640   1.241   1.00 55.79  ? 54  HOH A O   1 
HETATM 1519 O O   . HOH B 2 .   ? 6.076   12.513  3.544   1.00 39.68  ? 55  HOH A O   1 
HETATM 1520 O O   . HOH B 2 .   ? -30.287 3.029   -15.239 1.00 46.87  ? 56  HOH A O   1 
HETATM 1521 O O   . HOH B 2 .   ? -18.734 -1.135  -20.296 1.00 71.45  ? 57  HOH A O   1 
HETATM 1522 O O   . HOH B 2 .   ? -18.833 -10.467 -0.935  1.00 56.99  ? 58  HOH A O   1 
HETATM 1523 O O   . HOH B 2 .   ? 7.514   1.001   -12.468 1.00 61.79  ? 60  HOH A O   1 
HETATM 1524 O O   . HOH B 2 .   ? 8.620   18.804  9.795   1.00 55.88  ? 61  HOH A O   1 
HETATM 1525 O O   . HOH B 2 .   ? -21.819 -2.433  0.540   1.00 54.49  ? 62  HOH A O   1 
HETATM 1526 O O   . HOH B 2 .   ? -21.770 -5.067  0.043   1.00 48.67  ? 63  HOH A O   1 
HETATM 1527 O O   . HOH B 2 .   ? 22.995  7.283   -2.322  1.00 63.99  ? 64  HOH A O   1 
HETATM 1528 O O   . HOH B 2 .   ? 0.142   -9.892  -8.342  1.00 66.70  ? 65  HOH A O   1 
HETATM 1529 O O   . HOH B 2 .   ? -17.878 13.619  0.381   1.00 68.24  ? 66  HOH A O   1 
HETATM 1530 O O   . HOH B 2 .   ? 3.178   -13.523 -9.486  1.00 66.34  ? 67  HOH A O   1 
HETATM 1531 O O   . HOH B 2 .   ? -29.355 -5.275  -12.491 1.00 60.74  ? 68  HOH A O   1 
HETATM 1532 O O   . HOH B 2 .   ? -23.344 -1.661  -1.636  1.00 39.85  ? 69  HOH A O   1 
HETATM 1533 O O   . HOH B 2 .   ? 23.270  -1.769  -2.827  1.00 49.90  ? 70  HOH A O   1 
HETATM 1534 O O   . HOH B 2 .   ? -10.352 13.679  -13.721 1.00 56.36  ? 71  HOH A O   1 
HETATM 1535 O O   . HOH B 2 .   ? 2.053   -10.523 -10.095 1.00 64.19  ? 73  HOH A O   1 
HETATM 1536 O O   . HOH B 2 .   ? 24.797  6.596   -1.050  1.00 60.36  ? 74  HOH A O   1 
HETATM 1537 O O   . HOH B 2 .   ? -20.440 -5.577  -10.492 1.00 49.16  ? 75  HOH A O   1 
HETATM 1538 O O   . HOH B 2 .   ? -11.650 8.949   -1.762  1.00 35.97  ? 76  HOH A O   1 
HETATM 1539 O O   . HOH B 2 .   ? -18.846 10.218  0.631   1.00 45.74  ? 77  HOH A O   1 
HETATM 1540 O O   . HOH B 2 .   ? -5.977  -13.310 -12.474 1.00 61.40  ? 78  HOH A O   1 
HETATM 1541 O O   . HOH B 2 .   ? -6.050  8.287   -8.462  1.00 63.26  ? 79  HOH A O   1 
HETATM 1542 O O   . HOH B 2 .   ? -7.697  6.734   -19.740 1.00 57.38  ? 81  HOH A O   1 
HETATM 1543 O O   . HOH B 2 .   ? -27.190 4.190   -1.109  1.00 51.41  ? 84  HOH A O   1 
HETATM 1544 O O   . HOH B 2 .   ? -4.996  -13.079 -10.292 1.00 56.08  ? 85  HOH A O   1 
HETATM 1545 O O   . HOH B 2 .   ? 25.114  -7.384  12.975  1.00 60.55  ? 86  HOH A O   1 
HETATM 1546 O O   . HOH B 2 .   ? -24.278 10.966  -4.909  1.00 50.49  ? 87  HOH A O   1 
HETATM 1547 O O   . HOH B 2 .   ? -19.016 11.092  -3.211  1.00 49.41  ? 88  HOH A O   1 
HETATM 1548 O O   . HOH B 2 .   ? 8.625   1.079   20.224  1.00 45.56  ? 89  HOH A O   1 
HETATM 1549 O O   . HOH B 2 .   ? 9.486   14.133  20.133  1.00 56.11  ? 93  HOH A O   1 
HETATM 1550 O O   . HOH B 2 .   ? 21.262  12.464  5.116   1.00 67.31  ? 94  HOH A O   1 
HETATM 1551 O O   . HOH B 2 .   ? 16.618  6.524   -13.596 1.00 56.33  ? 95  HOH A O   1 
HETATM 1552 O O   . HOH B 2 .   ? 6.335   -25.926 0.796   1.00 67.63  ? 96  HOH A O   1 
HETATM 1553 O O   . HOH B 2 .   ? 1.988   0.399   -12.593 1.00 66.42  ? 98  HOH A O   1 
HETATM 1554 O O   . HOH B 2 .   ? -5.313  9.619   -5.546  1.00 63.98  ? 100 HOH A O   1 
HETATM 1555 O O   . HOH B 2 .   ? 22.077  -16.860 1.777   1.00 58.29  ? 102 HOH A O   1 
HETATM 1556 O O   . HOH B 2 .   ? -32.886 6.111   -4.984  1.00 69.55  ? 103 HOH A O   1 
HETATM 1557 O O   . HOH B 2 .   ? -36.726 -4.885  -11.293 1.00 62.77  ? 104 HOH A O   1 
HETATM 1558 O O   . HOH B 2 .   ? 12.127  9.122   16.655  1.00 63.25  ? 106 HOH A O   1 
HETATM 1559 O O   . HOH B 2 .   ? 21.930  -8.403  -3.382  1.00 49.45  ? 107 HOH A O   1 
HETATM 1560 O O   . HOH B 2 .   ? 10.171  9.812   17.948  1.00 68.90  ? 108 HOH A O   1 
HETATM 1561 O O   . HOH B 2 .   ? -2.692  -19.397 -4.551  1.00 53.61  ? 110 HOH A O   1 
HETATM 1562 O O   . HOH B 2 .   ? -21.333 -3.705  -23.145 1.00 57.29  ? 111 HOH A O   1 
HETATM 1563 O O   . HOH B 2 .   ? -26.908 14.679  -6.693  1.00 58.49  ? 113 HOH A O   1 
HETATM 1564 O O   . HOH B 2 .   ? 5.144   14.925  17.955  1.00 63.10  ? 115 HOH A O   1 
HETATM 1565 O O   . HOH B 2 .   ? -15.658 -6.895  6.755   1.00 37.70  ? 117 HOH A O   1 
HETATM 1566 O O   . HOH B 2 .   ? -16.062 -0.358  2.580   1.00 44.46  ? 118 HOH A O   1 
HETATM 1567 O O   . HOH B 2 .   ? 12.478  -15.925 7.745   1.00 38.49  ? 121 HOH A O   1 
HETATM 1568 O O   . HOH B 2 .   ? -9.598  -1.242  9.649   1.00 55.02  ? 124 HOH A O   1 
HETATM 1569 O O   . HOH B 2 .   ? 4.614   5.267   -7.814  1.00 78.97  ? 125 HOH A O   1 
HETATM 1570 O O   . HOH B 2 .   ? -7.678  -0.323  8.802   1.00 87.69  ? 126 HOH A O   1 
HETATM 1571 O O   . HOH B 2 .   ? 7.472   -4.610  -13.722 1.00 65.57  ? 128 HOH A O   1 
HETATM 1572 O O   . HOH B 2 .   ? 13.104  -17.175 4.599   1.00 66.32  ? 130 HOH A O   1 
HETATM 1573 O O   . HOH B 2 .   ? -6.363  -1.905  -18.291 1.00 62.07  ? 131 HOH A O   1 
HETATM 1574 O O   . HOH B 2 .   ? 25.817  -11.024 5.668   1.00 57.49  ? 133 HOH A O   1 
HETATM 1575 O O   . HOH B 2 .   ? -18.105 -2.167  -23.783 1.00 70.89  ? 134 HOH A O   1 
HETATM 1576 O O   . HOH B 2 .   ? -17.954 18.257  3.923   1.00 54.36  ? 138 HOH A O   1 
HETATM 1577 O O   . HOH B 2 .   ? 18.409  15.612  6.696   1.00 73.18  ? 139 HOH A O   1 
HETATM 1578 O O   . HOH B 2 .   ? -5.318  1.959   9.842   1.00 75.89  ? 140 HOH A O   1 
HETATM 1579 O O   . HOH B 2 .   ? 5.161   -12.220 -9.446  1.00 69.11  ? 142 HOH A O   1 
HETATM 1580 O O   . HOH B 2 .   ? -4.788  -13.388 2.168   1.00 28.13  ? 144 HOH A O   1 
HETATM 1581 O O   . HOH B 2 .   ? 22.523  -9.848  -0.671  1.00 41.75  ? 145 HOH A O   1 
# 
loop_
_pdbx_poly_seq_scheme.asym_id 
_pdbx_poly_seq_scheme.entity_id 
_pdbx_poly_seq_scheme.seq_id 
_pdbx_poly_seq_scheme.mon_id 
_pdbx_poly_seq_scheme.ndb_seq_num 
_pdbx_poly_seq_scheme.pdb_seq_num 
_pdbx_poly_seq_scheme.auth_seq_num 
_pdbx_poly_seq_scheme.pdb_mon_id 
_pdbx_poly_seq_scheme.auth_mon_id 
_pdbx_poly_seq_scheme.pdb_strand_id 
_pdbx_poly_seq_scheme.pdb_ins_code 
_pdbx_poly_seq_scheme.hetero 
A 1 1   MET 1   434 ?   ?   ?   A . n 
A 1 2   ALA 2   435 ?   ?   ?   A . n 
A 1 3   HIS 3   436 ?   ?   ?   A . n 
A 1 4   HIS 4   437 ?   ?   ?   A . n 
A 1 5   HIS 5   438 ?   ?   ?   A . n 
A 1 6   HIS 6   439 ?   ?   ?   A . n 
A 1 7   HIS 7   440 ?   ?   ?   A . n 
A 1 8   HIS 8   441 ?   ?   ?   A . n 
A 1 9   VAL 9   442 ?   ?   ?   A . n 
A 1 10  ASP 10  443 ?   ?   ?   A . n 
A 1 11  ASP 11  444 ?   ?   ?   A . n 
A 1 12  ASP 12  445 ?   ?   ?   A . n 
A 1 13  ASP 13  446 ?   ?   ?   A . n 
A 1 14  LYS 14  447 ?   ?   ?   A . n 
A 1 15  THR 15  448 448 THR THR A . n 
A 1 16  ASP 16  449 449 ASP ASP A . n 
A 1 17  PRO 17  450 450 PRO PRO A . n 
A 1 18  ARG 18  451 451 ARG ARG A . n 
A 1 19  LYS 19  452 452 LYS LYS A . n 
A 1 20  SER 20  453 453 SER SER A . n 
A 1 21  GLU 21  454 454 GLU GLU A . n 
A 1 22  LEU 22  455 455 LEU LEU A . n 
A 1 23  TYR 23  456 456 TYR TYR A . n 
A 1 24  VAL 24  457 457 VAL VAL A . n 
A 1 25  VAL 25  458 458 VAL VAL A . n 
A 1 26  GLU 26  459 459 GLU GLU A . n 
A 1 27  GLY 27  460 460 GLY GLY A . n 
A 1 28  ASP 28  461 ?   ?   ?   A . n 
A 1 29  SER 29  462 ?   ?   ?   A . n 
A 1 30  ALA 30  463 ?   ?   ?   A . n 
A 1 31  GLY 31  464 ?   ?   ?   A . n 
A 1 32  GLY 32  465 ?   ?   ?   A . n 
A 1 33  SER 33  466 ?   ?   ?   A . n 
A 1 34  ALA 34  467 ?   ?   ?   A . n 
A 1 35  LYS 35  468 ?   ?   ?   A . n 
A 1 36  SER 36  469 ?   ?   ?   A . n 
A 1 37  GLY 37  470 ?   ?   ?   A . n 
A 1 38  ARG 38  471 ?   ?   ?   A . n 
A 1 39  ASP 39  472 ?   ?   ?   A . n 
A 1 40  SER 40  473 ?   ?   ?   A . n 
A 1 41  MET 41  474 474 MET MET A . n 
A 1 42  PHE 42  475 475 PHE PHE A . n 
A 1 43  GLN 43  476 476 GLN GLN A . n 
A 1 44  ALA 44  477 477 ALA ALA A . n 
A 1 45  ILE 45  478 478 ILE ILE A . n 
A 1 46  LEU 46  479 479 LEU LEU A . n 
A 1 47  PRO 47  480 480 PRO PRO A . n 
A 1 48  LEU 48  481 481 LEU LEU A . n 
A 1 49  ARG 49  482 482 ARG ARG A . n 
A 1 50  GLY 50  483 483 GLY GLY A . n 
A 1 51  LYS 51  484 ?   ?   ?   A . n 
A 1 52  ILE 52  485 ?   ?   ?   A . n 
A 1 53  ILE 53  486 ?   ?   ?   A . n 
A 1 54  ASN 54  487 ?   ?   ?   A . n 
A 1 55  VAL 55  488 ?   ?   ?   A . n 
A 1 56  GLU 56  489 ?   ?   ?   A . n 
A 1 57  LYS 57  490 ?   ?   ?   A . n 
A 1 58  ALA 58  491 ?   ?   ?   A . n 
A 1 59  ARG 59  492 ?   ?   ?   A . n 
A 1 60  ILE 60  493 493 ILE ILE A . n 
A 1 61  ASP 61  494 494 ASP ASP A . n 
A 1 62  ARG 62  495 495 ARG ARG A . n 
A 1 63  VAL 63  496 496 VAL VAL A . n 
A 1 64  LEU 64  497 497 LEU LEU A . n 
A 1 65  LYS 65  498 498 LYS LYS A . n 
A 1 66  ASN 66  499 499 ASN ASN A . n 
A 1 67  THR 67  500 500 THR THR A . n 
A 1 68  GLU 68  501 501 GLU GLU A . n 
A 1 69  VAL 69  502 502 VAL VAL A . n 
A 1 70  GLN 70  503 503 GLN GLN A . n 
A 1 71  ALA 71  504 504 ALA ALA A . n 
A 1 72  ILE 72  505 505 ILE ILE A . n 
A 1 73  ILE 73  506 506 ILE ILE A . n 
A 1 74  THR 74  507 507 THR THR A . n 
A 1 75  ALA 75  508 508 ALA ALA A . n 
A 1 76  LEU 76  509 509 LEU LEU A . n 
A 1 77  GLY 77  510 510 GLY GLY A . n 
A 1 78  THR 78  511 511 THR THR A . n 
A 1 79  GLY 79  512 512 GLY GLY A . n 
A 1 80  ILE 80  513 513 ILE ILE A . n 
A 1 81  HIS 81  514 514 HIS HIS A . n 
A 1 82  ASP 82  515 515 ASP ASP A . n 
A 1 83  GLU 83  516 516 GLU GLU A . n 
A 1 84  PHE 84  517 517 PHE PHE A . n 
A 1 85  ASP 85  518 518 ASP ASP A . n 
A 1 86  ILE 86  519 519 ILE ILE A . n 
A 1 87  GLY 87  520 520 GLY GLY A . n 
A 1 88  LYS 88  521 521 LYS LYS A . n 
A 1 89  LEU 89  522 522 LEU LEU A . n 
A 1 90  ARG 90  523 523 ARG ARG A . n 
A 1 91  TYR 91  524 524 TYR TYR A . n 
A 1 92  HIS 92  525 525 HIS HIS A . n 
A 1 93  LYS 93  526 526 LYS LYS A . n 
A 1 94  ILE 94  527 527 ILE ILE A . n 
A 1 95  VAL 95  528 528 VAL VAL A . n 
A 1 96  LEU 96  529 529 LEU LEU A . n 
A 1 97  MET 97  530 530 MET MET A . n 
A 1 98  ALA 98  531 531 ALA ALA A . n 
A 1 99  ASP 99  532 532 ASP ASP A . n 
A 1 100 ALA 100 533 533 ALA ALA A . n 
A 1 101 ASP 101 534 534 ASP ASP A . n 
A 1 102 VAL 102 535 535 VAL VAL A . n 
A 1 103 ASP 103 536 536 ASP ASP A . n 
A 1 104 GLY 104 537 537 GLY GLY A . n 
A 1 105 GLN 105 538 538 GLN GLN A . n 
A 1 106 HIS 106 539 539 HIS HIS A . n 
A 1 107 ILE 107 540 540 ILE ILE A . n 
A 1 108 SER 108 541 541 SER SER A . n 
A 1 109 THR 109 542 542 THR THR A . n 
A 1 110 LEU 110 543 543 LEU LEU A . n 
A 1 111 LEU 111 544 544 LEU LEU A . n 
A 1 112 LEU 112 545 545 LEU LEU A . n 
A 1 113 THR 113 546 546 THR THR A . n 
A 1 114 LEU 114 547 547 LEU LEU A . n 
A 1 115 LEU 115 548 548 LEU LEU A . n 
A 1 116 PHE 116 549 549 PHE PHE A . n 
A 1 117 ARG 117 550 550 ARG ARG A . n 
A 1 118 PHE 118 551 551 PHE PHE A . n 
A 1 119 MET 119 552 552 MET MET A . n 
A 1 120 ARG 120 553 553 ARG ARG A . n 
A 1 121 PRO 121 554 554 PRO PRO A . n 
A 1 122 LEU 122 555 555 LEU LEU A . n 
A 1 123 ILE 123 556 556 ILE ILE A . n 
A 1 124 GLU 124 557 557 GLU GLU A . n 
A 1 125 ASN 125 558 558 ASN ASN A . n 
A 1 126 GLY 126 559 559 GLY GLY A . n 
A 1 127 HIS 127 560 560 HIS HIS A . n 
A 1 128 VAL 128 561 561 VAL VAL A . n 
A 1 129 PHE 129 562 562 PHE PHE A . n 
A 1 130 LEU 130 563 563 LEU LEU A . n 
A 1 131 ALA 131 564 564 ALA ALA A . n 
A 1 132 GLN 132 565 565 GLN GLN A . n 
A 1 133 PRO 133 566 566 PRO PRO A . n 
A 1 134 PRO 134 567 567 PRO PRO A . n 
A 1 135 LEU 135 568 568 LEU LEU A . n 
A 1 136 TYR 136 569 569 TYR TYR A . n 
A 1 137 LYS 137 570 570 LYS LYS A . n 
A 1 138 LEU 138 571 571 LEU LEU A . n 
A 1 139 LYS 139 572 572 LYS LYS A . n 
A 1 140 TRP 140 573 573 TRP TRP A . n 
A 1 141 GLN 141 574 574 GLN GLN A . n 
A 1 142 ARG 142 575 575 ARG ARG A . n 
A 1 143 SER 143 576 576 SER SER A . n 
A 1 144 ASP 144 577 577 ASP ASP A . n 
A 1 145 PRO 145 578 578 PRO PRO A . n 
A 1 146 GLU 146 579 579 GLU GLU A . n 
A 1 147 PHE 147 580 580 PHE PHE A . n 
A 1 148 ALA 148 581 581 ALA ALA A . n 
A 1 149 TYR 149 582 582 TYR TYR A . n 
A 1 150 SER 150 583 583 SER SER A . n 
A 1 151 ASP 151 584 584 ASP ASP A . n 
A 1 152 ARG 152 585 585 ARG ARG A . n 
A 1 153 GLU 153 586 586 GLU GLU A . n 
A 1 154 ARG 154 587 587 ARG ARG A . n 
A 1 155 ASP 155 588 588 ASP ASP A . n 
A 1 156 GLY 156 589 589 GLY GLY A . n 
A 1 157 LEU 157 590 590 LEU LEU A . n 
A 1 158 LEU 158 591 591 LEU LEU A . n 
A 1 159 GLU 159 592 592 GLU GLU A . n 
A 1 160 ALA 160 593 593 ALA ALA A . n 
A 1 161 GLY 161 594 594 GLY GLY A . n 
A 1 162 LEU 162 595 595 LEU LEU A . n 
A 1 163 LYS 163 596 596 LYS LYS A . n 
A 1 164 ALA 164 597 597 ALA ALA A . n 
A 1 165 GLY 165 598 598 GLY GLY A . n 
A 1 166 LYS 166 599 599 LYS LYS A . n 
A 1 167 LYS 167 600 600 LYS LYS A . n 
A 1 168 ILE 168 601 601 ILE ILE A . n 
A 1 169 ASN 169 602 602 ASN ASN A . n 
A 1 170 LYS 170 603 603 LYS LYS A . n 
A 1 171 GLU 171 604 604 GLU GLU A . n 
A 1 172 ASP 172 605 605 ASP ASP A . n 
A 1 173 GLY 173 606 606 GLY GLY A . n 
A 1 174 ILE 174 607 607 ILE ILE A . n 
A 1 175 GLN 175 608 608 GLN GLN A . n 
A 1 176 ARG 176 609 609 ARG ARG A . n 
A 1 177 TYR 177 610 610 TYR TYR A . n 
A 1 178 LYS 178 611 611 LYS LYS A . n 
A 1 179 GLY 179 612 612 GLY GLY A . n 
A 1 180 LEU 180 613 613 LEU LEU A . n 
A 1 181 GLY 181 614 614 GLY GLY A . n 
A 1 182 GLU 182 615 615 GLU GLU A . n 
A 1 183 MET 183 616 616 MET MET A . n 
A 1 184 ASP 184 617 617 ASP ASP A . n 
A 1 185 ALA 185 618 618 ALA ALA A . n 
A 1 186 LYS 186 619 619 LYS LYS A . n 
A 1 187 GLU 187 620 620 GLU GLU A . n 
A 1 188 LEU 188 621 621 LEU LEU A . n 
A 1 189 TRP 189 622 622 TRP TRP A . n 
A 1 190 GLU 190 623 623 GLU GLU A . n 
A 1 191 THR 191 624 624 THR THR A . n 
A 1 192 THR 192 625 625 THR THR A . n 
A 1 193 MET 193 626 626 MET MET A . n 
A 1 194 ASP 194 627 627 ASP ASP A . n 
A 1 195 PRO 195 628 628 PRO PRO A . n 
A 1 196 SER 196 629 629 SER SER A . n 
A 1 197 VAL 197 630 630 VAL VAL A . n 
A 1 198 ARG 198 631 631 ARG ARG A . n 
A 1 199 VAL 199 632 632 VAL VAL A . n 
A 1 200 LEU 200 633 633 LEU LEU A . n 
A 1 201 ARG 201 634 634 ARG ARG A . n 
A 1 202 GLN 202 635 635 GLN GLN A . n 
A 1 203 VAL 203 636 636 VAL VAL A . n 
A 1 204 THR 204 637 637 THR THR A . n 
A 1 205 LEU 205 638 638 LEU LEU A . n 
A 1 206 ASP 206 639 639 ASP ASP A . n 
A 1 207 ASP 207 640 640 ASP ASP A . n 
A 1 208 ALA 208 641 641 ALA ALA A . n 
A 1 209 ALA 209 642 642 ALA ALA A . n 
A 1 210 ALA 210 643 643 ALA ALA A . n 
A 1 211 ALA 211 644 644 ALA ALA A . n 
A 1 212 ASP 212 645 645 ASP ASP A . n 
A 1 213 GLU 213 646 646 GLU GLU A . n 
A 1 214 LEU 214 647 647 LEU LEU A . n 
A 1 215 PHE 215 648 648 PHE PHE A . n 
A 1 216 SER 216 649 649 SER SER A . n 
A 1 217 ILE 217 650 650 ILE ILE A . n 
A 1 218 LEU 218 651 651 LEU LEU A . n 
A 1 219 MET 219 652 652 MET MET A . n 
A 1 220 GLY 220 653 653 GLY GLY A . n 
A 1 221 GLU 221 654 654 GLU GLU A . n 
A 1 222 ASP 222 655 ?   ?   ?   A . n 
A 1 223 VAL 223 656 ?   ?   ?   A . n 
A 1 224 ASP 224 657 ?   ?   ?   A . n 
A 1 225 ALA 225 658 ?   ?   ?   A . n 
A 1 226 ARG 226 659 ?   ?   ?   A . n 
A 1 227 ARG 227 660 ?   ?   ?   A . n 
A 1 228 SER 228 661 ?   ?   ?   A . n 
A 1 229 PHE 229 662 ?   ?   ?   A . n 
A 1 230 ILE 230 663 ?   ?   ?   A . n 
A 1 231 THR 231 664 ?   ?   ?   A . n 
A 1 232 ARG 232 665 ?   ?   ?   A . n 
A 1 233 ASN 233 666 ?   ?   ?   A . n 
A 1 234 ALA 234 667 ?   ?   ?   A . n 
A 1 235 LYS 235 668 ?   ?   ?   A . n 
A 1 236 ASP 236 669 ?   ?   ?   A . n 
A 1 237 VAL 237 670 ?   ?   ?   A . n 
A 1 238 ARG 238 671 ?   ?   ?   A . n 
A 1 239 PHE 239 672 ?   ?   ?   A . n 
A 1 240 LEU 240 673 ?   ?   ?   A . n 
A 1 241 ASP 241 674 ?   ?   ?   A . n 
A 1 242 VAL 242 675 ?   ?   ?   A . n 
# 
loop_
_pdbx_nonpoly_scheme.asym_id 
_pdbx_nonpoly_scheme.entity_id 
_pdbx_nonpoly_scheme.mon_id 
_pdbx_nonpoly_scheme.ndb_seq_num 
_pdbx_nonpoly_scheme.pdb_seq_num 
_pdbx_nonpoly_scheme.auth_seq_num 
_pdbx_nonpoly_scheme.pdb_mon_id 
_pdbx_nonpoly_scheme.auth_mon_id 
_pdbx_nonpoly_scheme.pdb_strand_id 
_pdbx_nonpoly_scheme.pdb_ins_code 
B 2 HOH 1   1   1   HOH HOH A . 
B 2 HOH 2   2   2   HOH HOH A . 
B 2 HOH 3   3   3   HOH HOH A . 
B 2 HOH 4   4   4   HOH HOH A . 
B 2 HOH 5   5   5   HOH HOH A . 
B 2 HOH 6   6   6   HOH HOH A . 
B 2 HOH 7   7   7   HOH HOH A . 
B 2 HOH 8   8   8   HOH HOH A . 
B 2 HOH 9   9   9   HOH HOH A . 
B 2 HOH 10  10  10  HOH HOH A . 
B 2 HOH 11  11  11  HOH HOH A . 
B 2 HOH 12  12  12  HOH HOH A . 
B 2 HOH 13  13  13  HOH HOH A . 
B 2 HOH 14  14  14  HOH HOH A . 
B 2 HOH 15  15  15  HOH HOH A . 
B 2 HOH 16  16  16  HOH HOH A . 
B 2 HOH 17  19  19  HOH HOH A . 
B 2 HOH 18  20  20  HOH HOH A . 
B 2 HOH 19  21  21  HOH HOH A . 
B 2 HOH 20  22  22  HOH HOH A . 
B 2 HOH 21  23  23  HOH HOH A . 
B 2 HOH 22  24  24  HOH HOH A . 
B 2 HOH 23  25  25  HOH HOH A . 
B 2 HOH 24  26  26  HOH HOH A . 
B 2 HOH 25  27  27  HOH HOH A . 
B 2 HOH 26  28  28  HOH HOH A . 
B 2 HOH 27  29  29  HOH HOH A . 
B 2 HOH 28  32  32  HOH HOH A . 
B 2 HOH 29  33  33  HOH HOH A . 
B 2 HOH 30  34  34  HOH HOH A . 
B 2 HOH 31  35  35  HOH HOH A . 
B 2 HOH 32  36  36  HOH HOH A . 
B 2 HOH 33  37  37  HOH HOH A . 
B 2 HOH 34  38  38  HOH HOH A . 
B 2 HOH 35  39  39  HOH HOH A . 
B 2 HOH 36  43  43  HOH HOH A . 
B 2 HOH 37  44  44  HOH HOH A . 
B 2 HOH 38  46  46  HOH HOH A . 
B 2 HOH 39  47  47  HOH HOH A . 
B 2 HOH 40  48  48  HOH HOH A . 
B 2 HOH 41  49  49  HOH HOH A . 
B 2 HOH 42  51  51  HOH HOH A . 
B 2 HOH 43  52  52  HOH HOH A . 
B 2 HOH 44  54  54  HOH HOH A . 
B 2 HOH 45  55  55  HOH HOH A . 
B 2 HOH 46  56  56  HOH HOH A . 
B 2 HOH 47  57  57  HOH HOH A . 
B 2 HOH 48  58  58  HOH HOH A . 
B 2 HOH 49  60  60  HOH HOH A . 
B 2 HOH 50  61  61  HOH HOH A . 
B 2 HOH 51  62  62  HOH HOH A . 
B 2 HOH 52  63  63  HOH HOH A . 
B 2 HOH 53  64  64  HOH HOH A . 
B 2 HOH 54  65  65  HOH HOH A . 
B 2 HOH 55  66  66  HOH HOH A . 
B 2 HOH 56  67  67  HOH HOH A . 
B 2 HOH 57  68  68  HOH HOH A . 
B 2 HOH 58  69  69  HOH HOH A . 
B 2 HOH 59  70  70  HOH HOH A . 
B 2 HOH 60  71  71  HOH HOH A . 
B 2 HOH 61  73  73  HOH HOH A . 
B 2 HOH 62  74  74  HOH HOH A . 
B 2 HOH 63  75  75  HOH HOH A . 
B 2 HOH 64  76  76  HOH HOH A . 
B 2 HOH 65  77  77  HOH HOH A . 
B 2 HOH 66  78  78  HOH HOH A . 
B 2 HOH 67  79  79  HOH HOH A . 
B 2 HOH 68  81  81  HOH HOH A . 
B 2 HOH 69  84  84  HOH HOH A . 
B 2 HOH 70  85  85  HOH HOH A . 
B 2 HOH 71  86  86  HOH HOH A . 
B 2 HOH 72  87  87  HOH HOH A . 
B 2 HOH 73  88  88  HOH HOH A . 
B 2 HOH 74  89  89  HOH HOH A . 
B 2 HOH 75  93  93  HOH HOH A . 
B 2 HOH 76  94  94  HOH HOH A . 
B 2 HOH 77  95  95  HOH HOH A . 
B 2 HOH 78  96  96  HOH HOH A . 
B 2 HOH 79  98  98  HOH HOH A . 
B 2 HOH 80  100 100 HOH HOH A . 
B 2 HOH 81  102 102 HOH HOH A . 
B 2 HOH 82  103 103 HOH HOH A . 
B 2 HOH 83  104 104 HOH HOH A . 
B 2 HOH 84  106 106 HOH HOH A . 
B 2 HOH 85  107 107 HOH HOH A . 
B 2 HOH 86  108 108 HOH HOH A . 
B 2 HOH 87  110 110 HOH HOH A . 
B 2 HOH 88  111 111 HOH HOH A . 
B 2 HOH 89  113 113 HOH HOH A . 
B 2 HOH 90  115 115 HOH HOH A . 
B 2 HOH 91  117 117 HOH HOH A . 
B 2 HOH 92  118 118 HOH HOH A . 
B 2 HOH 93  121 121 HOH HOH A . 
B 2 HOH 94  124 124 HOH HOH A . 
B 2 HOH 95  125 125 HOH HOH A . 
B 2 HOH 96  126 126 HOH HOH A . 
B 2 HOH 97  128 128 HOH HOH A . 
B 2 HOH 98  130 130 HOH HOH A . 
B 2 HOH 99  131 131 HOH HOH A . 
B 2 HOH 100 133 133 HOH HOH A . 
B 2 HOH 101 134 134 HOH HOH A . 
B 2 HOH 102 138 138 HOH HOH A . 
B 2 HOH 103 139 139 HOH HOH A . 
B 2 HOH 104 140 140 HOH HOH A . 
B 2 HOH 105 142 142 HOH HOH A . 
B 2 HOH 106 144 144 HOH HOH A . 
B 2 HOH 107 145 145 HOH HOH A . 
# 
_pdbx_struct_assembly.id                   1 
_pdbx_struct_assembly.details              author_defined_assembly 
_pdbx_struct_assembly.method_details       ? 
_pdbx_struct_assembly.oligomeric_details   monomeric 
_pdbx_struct_assembly.oligomeric_count     1 
# 
_pdbx_struct_assembly_gen.assembly_id       1 
_pdbx_struct_assembly_gen.oper_expression   1 
_pdbx_struct_assembly_gen.asym_id_list      A,B 
# 
_pdbx_struct_oper_list.id                   1 
_pdbx_struct_oper_list.type                 'identity operation' 
_pdbx_struct_oper_list.name                 1_555 
_pdbx_struct_oper_list.symmetry_operation   x,y,z 
_pdbx_struct_oper_list.matrix[1][1]         1.0000000000 
_pdbx_struct_oper_list.matrix[1][2]         0.0000000000 
_pdbx_struct_oper_list.matrix[1][3]         0.0000000000 
_pdbx_struct_oper_list.vector[1]            0.0000000000 
_pdbx_struct_oper_list.matrix[2][1]         0.0000000000 
_pdbx_struct_oper_list.matrix[2][2]         1.0000000000 
_pdbx_struct_oper_list.matrix[2][3]         0.0000000000 
_pdbx_struct_oper_list.vector[2]            0.0000000000 
_pdbx_struct_oper_list.matrix[3][1]         0.0000000000 
_pdbx_struct_oper_list.matrix[3][2]         0.0000000000 
_pdbx_struct_oper_list.matrix[3][3]         1.0000000000 
_pdbx_struct_oper_list.vector[3]            0.0000000000 
# 
loop_
_pdbx_audit_revision_history.ordinal 
_pdbx_audit_revision_history.data_content_type 
_pdbx_audit_revision_history.major_revision 
_pdbx_audit_revision_history.minor_revision 
_pdbx_audit_revision_history.revision_date 
1 'Structure model' 1 0 2010-07-28 
2 'Structure model' 1 1 2011-07-13 
3 'Structure model' 1 2 2017-11-01 
4 'Structure model' 1 3 2023-11-01 
# 
_pdbx_audit_revision_details.ordinal             1 
_pdbx_audit_revision_details.revision_ordinal    1 
_pdbx_audit_revision_details.data_content_type   'Structure model' 
_pdbx_audit_revision_details.provider            repository 
_pdbx_audit_revision_details.type                'Initial release' 
_pdbx_audit_revision_details.description         ? 
_pdbx_audit_revision_details.details             ? 
# 
loop_
_pdbx_audit_revision_group.ordinal 
_pdbx_audit_revision_group.revision_ordinal 
_pdbx_audit_revision_group.data_content_type 
_pdbx_audit_revision_group.group 
1 2 'Structure model' 'Version format compliance' 
2 3 'Structure model' 'Refinement description'    
3 4 'Structure model' 'Data collection'           
4 4 'Structure model' 'Database references'       
5 4 'Structure model' 'Refinement description'    
# 
loop_
_pdbx_audit_revision_category.ordinal 
_pdbx_audit_revision_category.revision_ordinal 
_pdbx_audit_revision_category.data_content_type 
_pdbx_audit_revision_category.category 
1 3 'Structure model' software                      
2 4 'Structure model' chem_comp_atom                
3 4 'Structure model' chem_comp_bond                
4 4 'Structure model' database_2                    
5 4 'Structure model' pdbx_initial_refinement_model 
6 4 'Structure model' struct_ref_seq_dif            
# 
loop_
_pdbx_audit_revision_item.ordinal 
_pdbx_audit_revision_item.revision_ordinal 
_pdbx_audit_revision_item.data_content_type 
_pdbx_audit_revision_item.item 
1 3 'Structure model' '_software.classification'            
2 4 'Structure model' '_database_2.pdbx_DOI'                
3 4 'Structure model' '_database_2.pdbx_database_accession' 
4 4 'Structure model' '_struct_ref_seq_dif.details'         
# 
loop_
_software.name 
_software.classification 
_software.version 
_software.citation_id 
_software.pdbx_ordinal 
Adxv       'data processing' .     ? 1 
AMoRE      phasing           .     ? 2 
BUSTER-TNT refinement        2.5.1 ? 3 
XDS        'data reduction'  .     ? 4 
XSCALE     'data scaling'    .     ? 5 
# 
loop_
_pdbx_validate_torsion.id 
_pdbx_validate_torsion.PDB_model_num 
_pdbx_validate_torsion.auth_comp_id 
_pdbx_validate_torsion.auth_asym_id 
_pdbx_validate_torsion.auth_seq_id 
_pdbx_validate_torsion.PDB_ins_code 
_pdbx_validate_torsion.label_alt_id 
_pdbx_validate_torsion.phi 
_pdbx_validate_torsion.psi 
1 1 HIS A 514 ? ? 46.97   -114.34 
2 1 MET A 552 ? ? -146.77 36.29   
# 
loop_
_pdbx_unobs_or_zero_occ_residues.id 
_pdbx_unobs_or_zero_occ_residues.PDB_model_num 
_pdbx_unobs_or_zero_occ_residues.polymer_flag 
_pdbx_unobs_or_zero_occ_residues.occupancy_flag 
_pdbx_unobs_or_zero_occ_residues.auth_asym_id 
_pdbx_unobs_or_zero_occ_residues.auth_comp_id 
_pdbx_unobs_or_zero_occ_residues.auth_seq_id 
_pdbx_unobs_or_zero_occ_residues.PDB_ins_code 
_pdbx_unobs_or_zero_occ_residues.label_asym_id 
_pdbx_unobs_or_zero_occ_residues.label_comp_id 
_pdbx_unobs_or_zero_occ_residues.label_seq_id 
1  1 Y 1 A MET 434 ? A MET 1   
2  1 Y 1 A ALA 435 ? A ALA 2   
3  1 Y 1 A HIS 436 ? A HIS 3   
4  1 Y 1 A HIS 437 ? A HIS 4   
5  1 Y 1 A HIS 438 ? A HIS 5   
6  1 Y 1 A HIS 439 ? A HIS 6   
7  1 Y 1 A HIS 440 ? A HIS 7   
8  1 Y 1 A HIS 441 ? A HIS 8   
9  1 Y 1 A VAL 442 ? A VAL 9   
10 1 Y 1 A ASP 443 ? A ASP 10  
11 1 Y 1 A ASP 444 ? A ASP 11  
12 1 Y 1 A ASP 445 ? A ASP 12  
13 1 Y 1 A ASP 446 ? A ASP 13  
14 1 Y 1 A LYS 447 ? A LYS 14  
15 1 Y 1 A ASP 461 ? A ASP 28  
16 1 Y 1 A SER 462 ? A SER 29  
17 1 Y 1 A ALA 463 ? A ALA 30  
18 1 Y 1 A GLY 464 ? A GLY 31  
19 1 Y 1 A GLY 465 ? A GLY 32  
20 1 Y 1 A SER 466 ? A SER 33  
21 1 Y 1 A ALA 467 ? A ALA 34  
22 1 Y 1 A LYS 468 ? A LYS 35  
23 1 Y 1 A SER 469 ? A SER 36  
24 1 Y 1 A GLY 470 ? A GLY 37  
25 1 Y 1 A ARG 471 ? A ARG 38  
26 1 Y 1 A ASP 472 ? A ASP 39  
27 1 Y 1 A SER 473 ? A SER 40  
28 1 Y 1 A LYS 484 ? A LYS 51  
29 1 Y 1 A ILE 485 ? A ILE 52  
30 1 Y 1 A ILE 486 ? A ILE 53  
31 1 Y 1 A ASN 487 ? A ASN 54  
32 1 Y 1 A VAL 488 ? A VAL 55  
33 1 Y 1 A GLU 489 ? A GLU 56  
34 1 Y 1 A LYS 490 ? A LYS 57  
35 1 Y 1 A ALA 491 ? A ALA 58  
36 1 Y 1 A ARG 492 ? A ARG 59  
37 1 Y 1 A ASP 655 ? A ASP 222 
38 1 Y 1 A VAL 656 ? A VAL 223 
39 1 Y 1 A ASP 657 ? A ASP 224 
40 1 Y 1 A ALA 658 ? A ALA 225 
41 1 Y 1 A ARG 659 ? A ARG 226 
42 1 Y 1 A ARG 660 ? A ARG 227 
43 1 Y 1 A SER 661 ? A SER 228 
44 1 Y 1 A PHE 662 ? A PHE 229 
45 1 Y 1 A ILE 663 ? A ILE 230 
46 1 Y 1 A THR 664 ? A THR 231 
47 1 Y 1 A ARG 665 ? A ARG 232 
48 1 Y 1 A ASN 666 ? A ASN 233 
49 1 Y 1 A ALA 667 ? A ALA 234 
50 1 Y 1 A LYS 668 ? A LYS 235 
51 1 Y 1 A ASP 669 ? A ASP 236 
52 1 Y 1 A VAL 670 ? A VAL 237 
53 1 Y 1 A ARG 671 ? A ARG 238 
54 1 Y 1 A PHE 672 ? A PHE 239 
55 1 Y 1 A LEU 673 ? A LEU 240 
56 1 Y 1 A ASP 674 ? A ASP 241 
57 1 Y 1 A VAL 675 ? A VAL 242 
# 
loop_
_chem_comp_atom.comp_id 
_chem_comp_atom.atom_id 
_chem_comp_atom.type_symbol 
_chem_comp_atom.pdbx_aromatic_flag 
_chem_comp_atom.pdbx_stereo_config 
_chem_comp_atom.pdbx_ordinal 
ALA N    N N N 1   
ALA CA   C N S 2   
ALA C    C N N 3   
ALA O    O N N 4   
ALA CB   C N N 5   
ALA OXT  O N N 6   
ALA H    H N N 7   
ALA H2   H N N 8   
ALA HA   H N N 9   
ALA HB1  H N N 10  
ALA HB2  H N N 11  
ALA HB3  H N N 12  
ALA HXT  H N N 13  
ARG N    N N N 14  
ARG CA   C N S 15  
ARG C    C N N 16  
ARG O    O N N 17  
ARG CB   C N N 18  
ARG CG   C N N 19  
ARG CD   C N N 20  
ARG NE   N N N 21  
ARG CZ   C N N 22  
ARG NH1  N N N 23  
ARG NH2  N N N 24  
ARG OXT  O N N 25  
ARG H    H N N 26  
ARG H2   H N N 27  
ARG HA   H N N 28  
ARG HB2  H N N 29  
ARG HB3  H N N 30  
ARG HG2  H N N 31  
ARG HG3  H N N 32  
ARG HD2  H N N 33  
ARG HD3  H N N 34  
ARG HE   H N N 35  
ARG HH11 H N N 36  
ARG HH12 H N N 37  
ARG HH21 H N N 38  
ARG HH22 H N N 39  
ARG HXT  H N N 40  
ASN N    N N N 41  
ASN CA   C N S 42  
ASN C    C N N 43  
ASN O    O N N 44  
ASN CB   C N N 45  
ASN CG   C N N 46  
ASN OD1  O N N 47  
ASN ND2  N N N 48  
ASN OXT  O N N 49  
ASN H    H N N 50  
ASN H2   H N N 51  
ASN HA   H N N 52  
ASN HB2  H N N 53  
ASN HB3  H N N 54  
ASN HD21 H N N 55  
ASN HD22 H N N 56  
ASN HXT  H N N 57  
ASP N    N N N 58  
ASP CA   C N S 59  
ASP C    C N N 60  
ASP O    O N N 61  
ASP CB   C N N 62  
ASP CG   C N N 63  
ASP OD1  O N N 64  
ASP OD2  O N N 65  
ASP OXT  O N N 66  
ASP H    H N N 67  
ASP H2   H N N 68  
ASP HA   H N N 69  
ASP HB2  H N N 70  
ASP HB3  H N N 71  
ASP HD2  H N N 72  
ASP HXT  H N N 73  
GLN N    N N N 74  
GLN CA   C N S 75  
GLN C    C N N 76  
GLN O    O N N 77  
GLN CB   C N N 78  
GLN CG   C N N 79  
GLN CD   C N N 80  
GLN OE1  O N N 81  
GLN NE2  N N N 82  
GLN OXT  O N N 83  
GLN H    H N N 84  
GLN H2   H N N 85  
GLN HA   H N N 86  
GLN HB2  H N N 87  
GLN HB3  H N N 88  
GLN HG2  H N N 89  
GLN HG3  H N N 90  
GLN HE21 H N N 91  
GLN HE22 H N N 92  
GLN HXT  H N N 93  
GLU N    N N N 94  
GLU CA   C N S 95  
GLU C    C N N 96  
GLU O    O N N 97  
GLU CB   C N N 98  
GLU CG   C N N 99  
GLU CD   C N N 100 
GLU OE1  O N N 101 
GLU OE2  O N N 102 
GLU OXT  O N N 103 
GLU H    H N N 104 
GLU H2   H N N 105 
GLU HA   H N N 106 
GLU HB2  H N N 107 
GLU HB3  H N N 108 
GLU HG2  H N N 109 
GLU HG3  H N N 110 
GLU HE2  H N N 111 
GLU HXT  H N N 112 
GLY N    N N N 113 
GLY CA   C N N 114 
GLY C    C N N 115 
GLY O    O N N 116 
GLY OXT  O N N 117 
GLY H    H N N 118 
GLY H2   H N N 119 
GLY HA2  H N N 120 
GLY HA3  H N N 121 
GLY HXT  H N N 122 
HIS N    N N N 123 
HIS CA   C N S 124 
HIS C    C N N 125 
HIS O    O N N 126 
HIS CB   C N N 127 
HIS CG   C Y N 128 
HIS ND1  N Y N 129 
HIS CD2  C Y N 130 
HIS CE1  C Y N 131 
HIS NE2  N Y N 132 
HIS OXT  O N N 133 
HIS H    H N N 134 
HIS H2   H N N 135 
HIS HA   H N N 136 
HIS HB2  H N N 137 
HIS HB3  H N N 138 
HIS HD1  H N N 139 
HIS HD2  H N N 140 
HIS HE1  H N N 141 
HIS HE2  H N N 142 
HIS HXT  H N N 143 
HOH O    O N N 144 
HOH H1   H N N 145 
HOH H2   H N N 146 
ILE N    N N N 147 
ILE CA   C N S 148 
ILE C    C N N 149 
ILE O    O N N 150 
ILE CB   C N S 151 
ILE CG1  C N N 152 
ILE CG2  C N N 153 
ILE CD1  C N N 154 
ILE OXT  O N N 155 
ILE H    H N N 156 
ILE H2   H N N 157 
ILE HA   H N N 158 
ILE HB   H N N 159 
ILE HG12 H N N 160 
ILE HG13 H N N 161 
ILE HG21 H N N 162 
ILE HG22 H N N 163 
ILE HG23 H N N 164 
ILE HD11 H N N 165 
ILE HD12 H N N 166 
ILE HD13 H N N 167 
ILE HXT  H N N 168 
LEU N    N N N 169 
LEU CA   C N S 170 
LEU C    C N N 171 
LEU O    O N N 172 
LEU CB   C N N 173 
LEU CG   C N N 174 
LEU CD1  C N N 175 
LEU CD2  C N N 176 
LEU OXT  O N N 177 
LEU H    H N N 178 
LEU H2   H N N 179 
LEU HA   H N N 180 
LEU HB2  H N N 181 
LEU HB3  H N N 182 
LEU HG   H N N 183 
LEU HD11 H N N 184 
LEU HD12 H N N 185 
LEU HD13 H N N 186 
LEU HD21 H N N 187 
LEU HD22 H N N 188 
LEU HD23 H N N 189 
LEU HXT  H N N 190 
LYS N    N N N 191 
LYS CA   C N S 192 
LYS C    C N N 193 
LYS O    O N N 194 
LYS CB   C N N 195 
LYS CG   C N N 196 
LYS CD   C N N 197 
LYS CE   C N N 198 
LYS NZ   N N N 199 
LYS OXT  O N N 200 
LYS H    H N N 201 
LYS H2   H N N 202 
LYS HA   H N N 203 
LYS HB2  H N N 204 
LYS HB3  H N N 205 
LYS HG2  H N N 206 
LYS HG3  H N N 207 
LYS HD2  H N N 208 
LYS HD3  H N N 209 
LYS HE2  H N N 210 
LYS HE3  H N N 211 
LYS HZ1  H N N 212 
LYS HZ2  H N N 213 
LYS HZ3  H N N 214 
LYS HXT  H N N 215 
MET N    N N N 216 
MET CA   C N S 217 
MET C    C N N 218 
MET O    O N N 219 
MET CB   C N N 220 
MET CG   C N N 221 
MET SD   S N N 222 
MET CE   C N N 223 
MET OXT  O N N 224 
MET H    H N N 225 
MET H2   H N N 226 
MET HA   H N N 227 
MET HB2  H N N 228 
MET HB3  H N N 229 
MET HG2  H N N 230 
MET HG3  H N N 231 
MET HE1  H N N 232 
MET HE2  H N N 233 
MET HE3  H N N 234 
MET HXT  H N N 235 
PHE N    N N N 236 
PHE CA   C N S 237 
PHE C    C N N 238 
PHE O    O N N 239 
PHE CB   C N N 240 
PHE CG   C Y N 241 
PHE CD1  C Y N 242 
PHE CD2  C Y N 243 
PHE CE1  C Y N 244 
PHE CE2  C Y N 245 
PHE CZ   C Y N 246 
PHE OXT  O N N 247 
PHE H    H N N 248 
PHE H2   H N N 249 
PHE HA   H N N 250 
PHE HB2  H N N 251 
PHE HB3  H N N 252 
PHE HD1  H N N 253 
PHE HD2  H N N 254 
PHE HE1  H N N 255 
PHE HE2  H N N 256 
PHE HZ   H N N 257 
PHE HXT  H N N 258 
PRO N    N N N 259 
PRO CA   C N S 260 
PRO C    C N N 261 
PRO O    O N N 262 
PRO CB   C N N 263 
PRO CG   C N N 264 
PRO CD   C N N 265 
PRO OXT  O N N 266 
PRO H    H N N 267 
PRO HA   H N N 268 
PRO HB2  H N N 269 
PRO HB3  H N N 270 
PRO HG2  H N N 271 
PRO HG3  H N N 272 
PRO HD2  H N N 273 
PRO HD3  H N N 274 
PRO HXT  H N N 275 
SER N    N N N 276 
SER CA   C N S 277 
SER C    C N N 278 
SER O    O N N 279 
SER CB   C N N 280 
SER OG   O N N 281 
SER OXT  O N N 282 
SER H    H N N 283 
SER H2   H N N 284 
SER HA   H N N 285 
SER HB2  H N N 286 
SER HB3  H N N 287 
SER HG   H N N 288 
SER HXT  H N N 289 
THR N    N N N 290 
THR CA   C N S 291 
THR C    C N N 292 
THR O    O N N 293 
THR CB   C N R 294 
THR OG1  O N N 295 
THR CG2  C N N 296 
THR OXT  O N N 297 
THR H    H N N 298 
THR H2   H N N 299 
THR HA   H N N 300 
THR HB   H N N 301 
THR HG1  H N N 302 
THR HG21 H N N 303 
THR HG22 H N N 304 
THR HG23 H N N 305 
THR HXT  H N N 306 
TRP N    N N N 307 
TRP CA   C N S 308 
TRP C    C N N 309 
TRP O    O N N 310 
TRP CB   C N N 311 
TRP CG   C Y N 312 
TRP CD1  C Y N 313 
TRP CD2  C Y N 314 
TRP NE1  N Y N 315 
TRP CE2  C Y N 316 
TRP CE3  C Y N 317 
TRP CZ2  C Y N 318 
TRP CZ3  C Y N 319 
TRP CH2  C Y N 320 
TRP OXT  O N N 321 
TRP H    H N N 322 
TRP H2   H N N 323 
TRP HA   H N N 324 
TRP HB2  H N N 325 
TRP HB3  H N N 326 
TRP HD1  H N N 327 
TRP HE1  H N N 328 
TRP HE3  H N N 329 
TRP HZ2  H N N 330 
TRP HZ3  H N N 331 
TRP HH2  H N N 332 
TRP HXT  H N N 333 
TYR N    N N N 334 
TYR CA   C N S 335 
TYR C    C N N 336 
TYR O    O N N 337 
TYR CB   C N N 338 
TYR CG   C Y N 339 
TYR CD1  C Y N 340 
TYR CD2  C Y N 341 
TYR CE1  C Y N 342 
TYR CE2  C Y N 343 
TYR CZ   C Y N 344 
TYR OH   O N N 345 
TYR OXT  O N N 346 
TYR H    H N N 347 
TYR H2   H N N 348 
TYR HA   H N N 349 
TYR HB2  H N N 350 
TYR HB3  H N N 351 
TYR HD1  H N N 352 
TYR HD2  H N N 353 
TYR HE1  H N N 354 
TYR HE2  H N N 355 
TYR HH   H N N 356 
TYR HXT  H N N 357 
VAL N    N N N 358 
VAL CA   C N S 359 
VAL C    C N N 360 
VAL O    O N N 361 
VAL CB   C N N 362 
VAL CG1  C N N 363 
VAL CG2  C N N 364 
VAL OXT  O N N 365 
VAL H    H N N 366 
VAL H2   H N N 367 
VAL HA   H N N 368 
VAL HB   H N N 369 
VAL HG11 H N N 370 
VAL HG12 H N N 371 
VAL HG13 H N N 372 
VAL HG21 H N N 373 
VAL HG22 H N N 374 
VAL HG23 H N N 375 
VAL HXT  H N N 376 
# 
loop_
_chem_comp_bond.comp_id 
_chem_comp_bond.atom_id_1 
_chem_comp_bond.atom_id_2 
_chem_comp_bond.value_order 
_chem_comp_bond.pdbx_aromatic_flag 
_chem_comp_bond.pdbx_stereo_config 
_chem_comp_bond.pdbx_ordinal 
ALA N   CA   sing N N 1   
ALA N   H    sing N N 2   
ALA N   H2   sing N N 3   
ALA CA  C    sing N N 4   
ALA CA  CB   sing N N 5   
ALA CA  HA   sing N N 6   
ALA C   O    doub N N 7   
ALA C   OXT  sing N N 8   
ALA CB  HB1  sing N N 9   
ALA CB  HB2  sing N N 10  
ALA CB  HB3  sing N N 11  
ALA OXT HXT  sing N N 12  
ARG N   CA   sing N N 13  
ARG N   H    sing N N 14  
ARG N   H2   sing N N 15  
ARG CA  C    sing N N 16  
ARG CA  CB   sing N N 17  
ARG CA  HA   sing N N 18  
ARG C   O    doub N N 19  
ARG C   OXT  sing N N 20  
ARG CB  CG   sing N N 21  
ARG CB  HB2  sing N N 22  
ARG CB  HB3  sing N N 23  
ARG CG  CD   sing N N 24  
ARG CG  HG2  sing N N 25  
ARG CG  HG3  sing N N 26  
ARG CD  NE   sing N N 27  
ARG CD  HD2  sing N N 28  
ARG CD  HD3  sing N N 29  
ARG NE  CZ   sing N N 30  
ARG NE  HE   sing N N 31  
ARG CZ  NH1  sing N N 32  
ARG CZ  NH2  doub N N 33  
ARG NH1 HH11 sing N N 34  
ARG NH1 HH12 sing N N 35  
ARG NH2 HH21 sing N N 36  
ARG NH2 HH22 sing N N 37  
ARG OXT HXT  sing N N 38  
ASN N   CA   sing N N 39  
ASN N   H    sing N N 40  
ASN N   H2   sing N N 41  
ASN CA  C    sing N N 42  
ASN CA  CB   sing N N 43  
ASN CA  HA   sing N N 44  
ASN C   O    doub N N 45  
ASN C   OXT  sing N N 46  
ASN CB  CG   sing N N 47  
ASN CB  HB2  sing N N 48  
ASN CB  HB3  sing N N 49  
ASN CG  OD1  doub N N 50  
ASN CG  ND2  sing N N 51  
ASN ND2 HD21 sing N N 52  
ASN ND2 HD22 sing N N 53  
ASN OXT HXT  sing N N 54  
ASP N   CA   sing N N 55  
ASP N   H    sing N N 56  
ASP N   H2   sing N N 57  
ASP CA  C    sing N N 58  
ASP CA  CB   sing N N 59  
ASP CA  HA   sing N N 60  
ASP C   O    doub N N 61  
ASP C   OXT  sing N N 62  
ASP CB  CG   sing N N 63  
ASP CB  HB2  sing N N 64  
ASP CB  HB3  sing N N 65  
ASP CG  OD1  doub N N 66  
ASP CG  OD2  sing N N 67  
ASP OD2 HD2  sing N N 68  
ASP OXT HXT  sing N N 69  
GLN N   CA   sing N N 70  
GLN N   H    sing N N 71  
GLN N   H2   sing N N 72  
GLN CA  C    sing N N 73  
GLN CA  CB   sing N N 74  
GLN CA  HA   sing N N 75  
GLN C   O    doub N N 76  
GLN C   OXT  sing N N 77  
GLN CB  CG   sing N N 78  
GLN CB  HB2  sing N N 79  
GLN CB  HB3  sing N N 80  
GLN CG  CD   sing N N 81  
GLN CG  HG2  sing N N 82  
GLN CG  HG3  sing N N 83  
GLN CD  OE1  doub N N 84  
GLN CD  NE2  sing N N 85  
GLN NE2 HE21 sing N N 86  
GLN NE2 HE22 sing N N 87  
GLN OXT HXT  sing N N 88  
GLU N   CA   sing N N 89  
GLU N   H    sing N N 90  
GLU N   H2   sing N N 91  
GLU CA  C    sing N N 92  
GLU CA  CB   sing N N 93  
GLU CA  HA   sing N N 94  
GLU C   O    doub N N 95  
GLU C   OXT  sing N N 96  
GLU CB  CG   sing N N 97  
GLU CB  HB2  sing N N 98  
GLU CB  HB3  sing N N 99  
GLU CG  CD   sing N N 100 
GLU CG  HG2  sing N N 101 
GLU CG  HG3  sing N N 102 
GLU CD  OE1  doub N N 103 
GLU CD  OE2  sing N N 104 
GLU OE2 HE2  sing N N 105 
GLU OXT HXT  sing N N 106 
GLY N   CA   sing N N 107 
GLY N   H    sing N N 108 
GLY N   H2   sing N N 109 
GLY CA  C    sing N N 110 
GLY CA  HA2  sing N N 111 
GLY CA  HA3  sing N N 112 
GLY C   O    doub N N 113 
GLY C   OXT  sing N N 114 
GLY OXT HXT  sing N N 115 
HIS N   CA   sing N N 116 
HIS N   H    sing N N 117 
HIS N   H2   sing N N 118 
HIS CA  C    sing N N 119 
HIS CA  CB   sing N N 120 
HIS CA  HA   sing N N 121 
HIS C   O    doub N N 122 
HIS C   OXT  sing N N 123 
HIS CB  CG   sing N N 124 
HIS CB  HB2  sing N N 125 
HIS CB  HB3  sing N N 126 
HIS CG  ND1  sing Y N 127 
HIS CG  CD2  doub Y N 128 
HIS ND1 CE1  doub Y N 129 
HIS ND1 HD1  sing N N 130 
HIS CD2 NE2  sing Y N 131 
HIS CD2 HD2  sing N N 132 
HIS CE1 NE2  sing Y N 133 
HIS CE1 HE1  sing N N 134 
HIS NE2 HE2  sing N N 135 
HIS OXT HXT  sing N N 136 
HOH O   H1   sing N N 137 
HOH O   H2   sing N N 138 
ILE N   CA   sing N N 139 
ILE N   H    sing N N 140 
ILE N   H2   sing N N 141 
ILE CA  C    sing N N 142 
ILE CA  CB   sing N N 143 
ILE CA  HA   sing N N 144 
ILE C   O    doub N N 145 
ILE C   OXT  sing N N 146 
ILE CB  CG1  sing N N 147 
ILE CB  CG2  sing N N 148 
ILE CB  HB   sing N N 149 
ILE CG1 CD1  sing N N 150 
ILE CG1 HG12 sing N N 151 
ILE CG1 HG13 sing N N 152 
ILE CG2 HG21 sing N N 153 
ILE CG2 HG22 sing N N 154 
ILE CG2 HG23 sing N N 155 
ILE CD1 HD11 sing N N 156 
ILE CD1 HD12 sing N N 157 
ILE CD1 HD13 sing N N 158 
ILE OXT HXT  sing N N 159 
LEU N   CA   sing N N 160 
LEU N   H    sing N N 161 
LEU N   H2   sing N N 162 
LEU CA  C    sing N N 163 
LEU CA  CB   sing N N 164 
LEU CA  HA   sing N N 165 
LEU C   O    doub N N 166 
LEU C   OXT  sing N N 167 
LEU CB  CG   sing N N 168 
LEU CB  HB2  sing N N 169 
LEU CB  HB3  sing N N 170 
LEU CG  CD1  sing N N 171 
LEU CG  CD2  sing N N 172 
LEU CG  HG   sing N N 173 
LEU CD1 HD11 sing N N 174 
LEU CD1 HD12 sing N N 175 
LEU CD1 HD13 sing N N 176 
LEU CD2 HD21 sing N N 177 
LEU CD2 HD22 sing N N 178 
LEU CD2 HD23 sing N N 179 
LEU OXT HXT  sing N N 180 
LYS N   CA   sing N N 181 
LYS N   H    sing N N 182 
LYS N   H2   sing N N 183 
LYS CA  C    sing N N 184 
LYS CA  CB   sing N N 185 
LYS CA  HA   sing N N 186 
LYS C   O    doub N N 187 
LYS C   OXT  sing N N 188 
LYS CB  CG   sing N N 189 
LYS CB  HB2  sing N N 190 
LYS CB  HB3  sing N N 191 
LYS CG  CD   sing N N 192 
LYS CG  HG2  sing N N 193 
LYS CG  HG3  sing N N 194 
LYS CD  CE   sing N N 195 
LYS CD  HD2  sing N N 196 
LYS CD  HD3  sing N N 197 
LYS CE  NZ   sing N N 198 
LYS CE  HE2  sing N N 199 
LYS CE  HE3  sing N N 200 
LYS NZ  HZ1  sing N N 201 
LYS NZ  HZ2  sing N N 202 
LYS NZ  HZ3  sing N N 203 
LYS OXT HXT  sing N N 204 
MET N   CA   sing N N 205 
MET N   H    sing N N 206 
MET N   H2   sing N N 207 
MET CA  C    sing N N 208 
MET CA  CB   sing N N 209 
MET CA  HA   sing N N 210 
MET C   O    doub N N 211 
MET C   OXT  sing N N 212 
MET CB  CG   sing N N 213 
MET CB  HB2  sing N N 214 
MET CB  HB3  sing N N 215 
MET CG  SD   sing N N 216 
MET CG  HG2  sing N N 217 
MET CG  HG3  sing N N 218 
MET SD  CE   sing N N 219 
MET CE  HE1  sing N N 220 
MET CE  HE2  sing N N 221 
MET CE  HE3  sing N N 222 
MET OXT HXT  sing N N 223 
PHE N   CA   sing N N 224 
PHE N   H    sing N N 225 
PHE N   H2   sing N N 226 
PHE CA  C    sing N N 227 
PHE CA  CB   sing N N 228 
PHE CA  HA   sing N N 229 
PHE C   O    doub N N 230 
PHE C   OXT  sing N N 231 
PHE CB  CG   sing N N 232 
PHE CB  HB2  sing N N 233 
PHE CB  HB3  sing N N 234 
PHE CG  CD1  doub Y N 235 
PHE CG  CD2  sing Y N 236 
PHE CD1 CE1  sing Y N 237 
PHE CD1 HD1  sing N N 238 
PHE CD2 CE2  doub Y N 239 
PHE CD2 HD2  sing N N 240 
PHE CE1 CZ   doub Y N 241 
PHE CE1 HE1  sing N N 242 
PHE CE2 CZ   sing Y N 243 
PHE CE2 HE2  sing N N 244 
PHE CZ  HZ   sing N N 245 
PHE OXT HXT  sing N N 246 
PRO N   CA   sing N N 247 
PRO N   CD   sing N N 248 
PRO N   H    sing N N 249 
PRO CA  C    sing N N 250 
PRO CA  CB   sing N N 251 
PRO CA  HA   sing N N 252 
PRO C   O    doub N N 253 
PRO C   OXT  sing N N 254 
PRO CB  CG   sing N N 255 
PRO CB  HB2  sing N N 256 
PRO CB  HB3  sing N N 257 
PRO CG  CD   sing N N 258 
PRO CG  HG2  sing N N 259 
PRO CG  HG3  sing N N 260 
PRO CD  HD2  sing N N 261 
PRO CD  HD3  sing N N 262 
PRO OXT HXT  sing N N 263 
SER N   CA   sing N N 264 
SER N   H    sing N N 265 
SER N   H2   sing N N 266 
SER CA  C    sing N N 267 
SER CA  CB   sing N N 268 
SER CA  HA   sing N N 269 
SER C   O    doub N N 270 
SER C   OXT  sing N N 271 
SER CB  OG   sing N N 272 
SER CB  HB2  sing N N 273 
SER CB  HB3  sing N N 274 
SER OG  HG   sing N N 275 
SER OXT HXT  sing N N 276 
THR N   CA   sing N N 277 
THR N   H    sing N N 278 
THR N   H2   sing N N 279 
THR CA  C    sing N N 280 
THR CA  CB   sing N N 281 
THR CA  HA   sing N N 282 
THR C   O    doub N N 283 
THR C   OXT  sing N N 284 
THR CB  OG1  sing N N 285 
THR CB  CG2  sing N N 286 
THR CB  HB   sing N N 287 
THR OG1 HG1  sing N N 288 
THR CG2 HG21 sing N N 289 
THR CG2 HG22 sing N N 290 
THR CG2 HG23 sing N N 291 
THR OXT HXT  sing N N 292 
TRP N   CA   sing N N 293 
TRP N   H    sing N N 294 
TRP N   H2   sing N N 295 
TRP CA  C    sing N N 296 
TRP CA  CB   sing N N 297 
TRP CA  HA   sing N N 298 
TRP C   O    doub N N 299 
TRP C   OXT  sing N N 300 
TRP CB  CG   sing N N 301 
TRP CB  HB2  sing N N 302 
TRP CB  HB3  sing N N 303 
TRP CG  CD1  doub Y N 304 
TRP CG  CD2  sing Y N 305 
TRP CD1 NE1  sing Y N 306 
TRP CD1 HD1  sing N N 307 
TRP CD2 CE2  doub Y N 308 
TRP CD2 CE3  sing Y N 309 
TRP NE1 CE2  sing Y N 310 
TRP NE1 HE1  sing N N 311 
TRP CE2 CZ2  sing Y N 312 
TRP CE3 CZ3  doub Y N 313 
TRP CE3 HE3  sing N N 314 
TRP CZ2 CH2  doub Y N 315 
TRP CZ2 HZ2  sing N N 316 
TRP CZ3 CH2  sing Y N 317 
TRP CZ3 HZ3  sing N N 318 
TRP CH2 HH2  sing N N 319 
TRP OXT HXT  sing N N 320 
TYR N   CA   sing N N 321 
TYR N   H    sing N N 322 
TYR N   H2   sing N N 323 
TYR CA  C    sing N N 324 
TYR CA  CB   sing N N 325 
TYR CA  HA   sing N N 326 
TYR C   O    doub N N 327 
TYR C   OXT  sing N N 328 
TYR CB  CG   sing N N 329 
TYR CB  HB2  sing N N 330 
TYR CB  HB3  sing N N 331 
TYR CG  CD1  doub Y N 332 
TYR CG  CD2  sing Y N 333 
TYR CD1 CE1  sing Y N 334 
TYR CD1 HD1  sing N N 335 
TYR CD2 CE2  doub Y N 336 
TYR CD2 HD2  sing N N 337 
TYR CE1 CZ   doub Y N 338 
TYR CE1 HE1  sing N N 339 
TYR CE2 CZ   sing Y N 340 
TYR CE2 HE2  sing N N 341 
TYR CZ  OH   sing N N 342 
TYR OH  HH   sing N N 343 
TYR OXT HXT  sing N N 344 
VAL N   CA   sing N N 345 
VAL N   H    sing N N 346 
VAL N   H2   sing N N 347 
VAL CA  C    sing N N 348 
VAL CA  CB   sing N N 349 
VAL CA  HA   sing N N 350 
VAL C   O    doub N N 351 
VAL C   OXT  sing N N 352 
VAL CB  CG1  sing N N 353 
VAL CB  CG2  sing N N 354 
VAL CB  HB   sing N N 355 
VAL CG1 HG11 sing N N 356 
VAL CG1 HG12 sing N N 357 
VAL CG1 HG13 sing N N 358 
VAL CG2 HG21 sing N N 359 
VAL CG2 HG22 sing N N 360 
VAL CG2 HG23 sing N N 361 
VAL OXT HXT  sing N N 362 
# 
_pdbx_entity_nonpoly.entity_id   2 
_pdbx_entity_nonpoly.name        water 
_pdbx_entity_nonpoly.comp_id     HOH 
# 
_pdbx_initial_refinement_model.id               1 
_pdbx_initial_refinement_model.entity_id_list   ? 
_pdbx_initial_refinement_model.type             'experimental model' 
_pdbx_initial_refinement_model.source_name      PDB 
_pdbx_initial_refinement_model.accession_code   2ZJT 
_pdbx_initial_refinement_model.details          ? 
# 
